data_5FIC
#
_entry.id   5FIC
#
_cell.length_a   101.750
_cell.length_b   101.750
_cell.length_c   401.830
_cell.angle_alpha   90.00
_cell.angle_beta   90.00
_cell.angle_gamma   90.00
#
_symmetry.space_group_name_H-M   'P 41'
#
loop_
_entity.id
_entity.type
_entity.pdbx_description
1 polymer 'Sphingomyelin phosphodiesterase'
2 branched beta-D-mannopyranose-(1-4)-2-acetamido-2-deoxy-beta-D-glucopyranose-(1-4)-2-acetamido-2-deoxy-beta-D-glucopyranose
3 branched 2-acetamido-2-deoxy-beta-D-glucopyranose-(1-4)-[alpha-L-fucopyranose-(1-6)]2-acetamido-2-deoxy-beta-D-glucopyranose
4 branched 2-acetamido-2-deoxy-beta-D-glucopyranose-(1-4)-2-acetamido-2-deoxy-beta-D-glucopyranose
5 non-polymer 'ZINC ION'
6 non-polymer 'PHOSPHATE ION'
7 non-polymer 'CHLORIDE ION'
8 non-polymer 'octadecylphosphonic acid'
9 non-polymer 2-acetamido-2-deoxy-beta-D-glucopyranose
10 water water
#
_entity_poly.entity_id   1
_entity_poly.type   'polypeptide(L)'
_entity_poly.pdbx_seq_one_letter_code
;DRHHHHHHKLNLTCPACKVLFTALNHGLKKEPNVARVGSVAIKICKMLNIAPLDVCQSAVHLFEDDVVEVWTRSVLSPSE
ACGLLLGSSCGHWDIFSTWNISLPSVPKPPPKPPSPPAPGAPVSRVLFLTDLHWDHEYLEGTDPYCADPLCCRRGSGWPP
NSQKGAGFWGEYSKCDLPLRTLESLLKGLGPAGPFEMVYWTGDIPAHDVWQQSRQDQLRALTTITDLVRKFLGPVPVYPA
VGNHESTPVNGFPPPFIKGNQSSQWLYEAMAKAWEPWLPADALHTLRIGGFYALTPRPGLRLISLNMNFCSRENFWLLIN
STDPAGQLQWLVEELQAAENRGDKVHIIGHIPPGHCLKSWSWNYYKIIARYENTLAGQFFGHTHVDEFEIFYDEETLSRP
LAVAFLAPSATTFINLNPGYRVYQIDGNYPGSSHVVLDHETYILNLTQANAAGGTPSWKRLYRARETYGLPDAMPASWHN
LVYRMRDDEQLFQTFWFLYHKGHPPSEPCGTPCRLATLCAQLSARADSPALCRHLMPN
;
_entity_poly.pdbx_strand_id   A,B,C,D
#
loop_
_chem_comp.id
_chem_comp.type
_chem_comp.name
_chem_comp.formula
6E0 non-polymer 'octadecylphosphonic acid' 'C18 H39 O3 P'
BMA D-saccharide, beta linking beta-D-mannopyranose 'C6 H12 O6'
CL non-polymer 'CHLORIDE ION' 'Cl -1'
FUC L-saccharide, alpha linking alpha-L-fucopyranose 'C6 H12 O5'
NAG D-saccharide, beta linking 2-acetamido-2-deoxy-beta-D-glucopyranose 'C8 H15 N O6'
PO4 non-polymer 'PHOSPHATE ION' 'O4 P -3'
ZN non-polymer 'ZINC ION' 'Zn 2'
#
# COMPACT_ATOMS: atom_id res chain seq x y z
N ASN A 11 -22.67 -14.44 45.30
CA ASN A 11 -23.59 -15.01 46.28
C ASN A 11 -24.37 -13.88 46.96
N LEU A 12 -24.43 -13.90 48.29
CA LEU A 12 -25.16 -12.87 49.04
C LEU A 12 -24.49 -11.51 48.98
N THR A 13 -23.26 -11.42 48.46
CA THR A 13 -22.60 -10.13 48.33
C THR A 13 -23.27 -9.26 47.27
N CYS A 14 -24.00 -9.87 46.34
CA CYS A 14 -24.57 -9.12 45.23
C CYS A 14 -25.44 -7.96 45.70
N PRO A 15 -26.42 -8.14 46.58
CA PRO A 15 -27.18 -6.98 47.06
C PRO A 15 -26.34 -5.97 47.81
N ALA A 16 -25.48 -6.43 48.72
CA ALA A 16 -24.65 -5.51 49.49
C ALA A 16 -23.93 -4.53 48.58
N CYS A 17 -23.44 -5.02 47.44
CA CYS A 17 -22.86 -4.12 46.43
C CYS A 17 -23.88 -3.07 46.00
N LYS A 18 -25.06 -3.52 45.57
CA LYS A 18 -26.05 -2.59 45.04
C LYS A 18 -26.45 -1.56 46.09
N VAL A 19 -26.48 -1.95 47.36
CA VAL A 19 -26.88 -1.03 48.43
C VAL A 19 -25.81 0.03 48.66
N LEU A 20 -24.58 -0.41 48.90
CA LEU A 20 -23.51 0.51 49.24
C LEU A 20 -23.35 1.59 48.17
N PHE A 21 -23.25 1.19 46.91
CA PHE A 21 -23.09 2.17 45.83
C PHE A 21 -24.22 3.16 45.80
N THR A 22 -25.44 2.70 46.11
CA THR A 22 -26.57 3.61 46.16
C THR A 22 -26.35 4.69 47.22
N ALA A 23 -25.86 4.31 48.40
CA ALA A 23 -25.67 5.28 49.46
C ALA A 23 -24.63 6.31 49.08
N LEU A 24 -23.46 5.87 48.60
CA LEU A 24 -22.40 6.79 48.24
C LEU A 24 -22.87 7.78 47.18
N ASN A 25 -23.60 7.29 46.18
CA ASN A 25 -24.12 8.19 45.15
C ASN A 25 -25.00 9.27 45.76
N HIS A 26 -25.81 8.90 46.75
CA HIS A 26 -26.63 9.90 47.43
C HIS A 26 -25.77 10.84 48.25
N GLY A 27 -24.79 10.30 48.99
CA GLY A 27 -23.89 11.15 49.75
C GLY A 27 -23.09 12.11 48.89
N LEU A 28 -22.90 11.77 47.61
CA LEU A 28 -22.21 12.66 46.69
C LEU A 28 -23.12 13.74 46.14
N LYS A 29 -24.43 13.64 46.35
CA LYS A 29 -25.29 14.79 46.12
C LYS A 29 -24.87 15.96 47.00
N LYS A 30 -24.46 15.67 48.23
CA LYS A 30 -24.04 16.71 49.16
C LYS A 30 -22.60 17.11 48.85
N GLU A 31 -22.41 18.37 48.48
CA GLU A 31 -21.10 18.83 48.03
C GLU A 31 -20.00 18.73 49.08
N PRO A 32 -20.27 18.92 50.38
CA PRO A 32 -19.17 18.83 51.36
C PRO A 32 -18.36 17.55 51.24
N ASN A 33 -19.02 16.41 51.08
CA ASN A 33 -18.29 15.18 50.81
C ASN A 33 -17.57 15.27 49.47
N VAL A 34 -18.28 15.72 48.43
CA VAL A 34 -17.65 15.92 47.12
C VAL A 34 -16.44 16.83 47.27
N ALA A 35 -16.56 17.89 48.08
CA ALA A 35 -15.42 18.75 48.33
C ALA A 35 -14.26 17.97 48.94
N ARG A 36 -14.55 17.09 49.90
CA ARG A 36 -13.53 16.19 50.41
C ARG A 36 -12.98 15.30 49.29
N VAL A 37 -13.89 14.69 48.53
CA VAL A 37 -13.47 13.90 47.38
C VAL A 37 -12.68 14.76 46.41
N GLY A 38 -13.08 16.02 46.25
CA GLY A 38 -12.30 16.93 45.44
C GLY A 38 -10.92 17.19 46.02
N SER A 39 -10.86 17.39 47.34
CA SER A 39 -9.58 17.62 48.00
C SER A 39 -8.59 16.51 47.67
N VAL A 40 -9.06 15.25 47.64
CA VAL A 40 -8.16 14.14 47.34
C VAL A 40 -7.57 14.29 45.94
N ALA A 41 -8.44 14.51 44.96
CA ALA A 41 -7.97 14.67 43.58
C ALA A 41 -6.90 15.76 43.49
N ILE A 42 -7.04 16.82 44.28
CA ILE A 42 -6.00 17.85 44.31
C ILE A 42 -4.70 17.27 44.85
N LYS A 43 -4.76 16.62 46.01
CA LYS A 43 -3.57 16.02 46.59
C LYS A 43 -2.82 15.19 45.56
N ILE A 44 -3.57 14.44 44.74
CA ILE A 44 -2.95 13.68 43.67
C ILE A 44 -2.35 14.62 42.63
N CYS A 45 -3.09 15.68 42.27
CA CYS A 45 -2.61 16.62 41.27
C CYS A 45 -1.19 17.07 41.57
N LYS A 46 -0.92 17.43 42.82
CA LYS A 46 0.43 17.89 43.17
C LYS A 46 1.43 16.75 43.14
N MET A 47 1.07 15.62 43.76
CA MET A 47 1.99 14.49 43.80
C MET A 47 2.40 14.05 42.41
N LEU A 48 1.49 14.12 41.44
CA LEU A 48 1.79 13.77 40.06
C LEU A 48 2.27 14.97 39.24
N ASN A 49 2.32 16.15 39.83
CA ASN A 49 2.87 17.34 39.19
C ASN A 49 2.27 17.56 37.80
N ILE A 50 0.95 17.47 37.72
CA ILE A 50 0.25 17.85 36.49
C ILE A 50 0.41 19.35 36.26
N ALA A 51 0.42 20.14 37.33
CA ALA A 51 0.49 21.59 37.26
C ALA A 51 0.81 22.11 38.66
N PRO A 52 1.25 23.36 38.77
CA PRO A 52 1.47 23.93 40.10
C PRO A 52 0.19 23.91 40.92
N LEU A 53 0.36 23.93 42.24
CA LEU A 53 -0.78 23.81 43.15
C LEU A 53 -1.83 24.89 42.88
N ASP A 54 -1.39 26.10 42.56
CA ASP A 54 -2.34 27.16 42.26
C ASP A 54 -3.29 26.72 41.15
N VAL A 55 -2.77 25.98 40.18
CA VAL A 55 -3.60 25.52 39.06
C VAL A 55 -4.49 24.37 39.48
N CYS A 56 -3.99 23.48 40.33
CA CYS A 56 -4.75 22.31 40.74
C CYS A 56 -6.04 22.73 41.44
N GLN A 57 -5.92 23.49 42.53
CA GLN A 57 -7.09 23.84 43.32
C GLN A 57 -8.17 24.48 42.45
N SER A 58 -7.79 25.49 41.68
CA SER A 58 -8.75 26.14 40.80
C SER A 58 -9.39 25.13 39.86
N ALA A 59 -8.56 24.29 39.23
CA ALA A 59 -9.06 23.35 38.23
C ALA A 59 -10.01 22.34 38.86
N VAL A 60 -9.55 21.62 39.88
CA VAL A 60 -10.37 20.56 40.49
C VAL A 60 -11.74 21.11 40.86
N HIS A 61 -11.78 22.30 41.46
CA HIS A 61 -13.05 22.90 41.84
C HIS A 61 -14.00 22.99 40.65
N LEU A 62 -13.46 23.19 39.45
CA LEU A 62 -14.31 23.25 38.27
C LEU A 62 -14.90 21.89 37.92
N PHE A 63 -14.10 20.83 38.06
CA PHE A 63 -14.46 19.52 37.55
C PHE A 63 -15.30 18.69 38.52
N GLU A 64 -14.85 18.62 39.78
CA GLU A 64 -15.40 17.67 40.75
C GLU A 64 -16.92 17.53 40.63
N ASP A 65 -17.61 18.65 40.42
CA ASP A 65 -19.07 18.60 40.36
C ASP A 65 -19.55 17.71 39.22
N ASP A 66 -19.09 17.97 38.00
CA ASP A 66 -19.56 17.22 36.85
C ASP A 66 -18.93 15.83 36.79
N VAL A 67 -17.65 15.72 37.14
CA VAL A 67 -17.00 14.41 37.12
C VAL A 67 -17.70 13.45 38.06
N VAL A 68 -18.11 13.93 39.23
CA VAL A 68 -18.84 13.08 40.15
C VAL A 68 -20.20 12.72 39.59
N GLU A 69 -20.82 13.62 38.84
CA GLU A 69 -22.13 13.33 38.26
C GLU A 69 -22.06 12.10 37.36
N VAL A 70 -21.12 12.09 36.40
CA VAL A 70 -21.01 10.97 35.49
C VAL A 70 -20.68 9.69 36.25
N TRP A 71 -19.77 9.78 37.21
CA TRP A 71 -19.41 8.62 38.01
C TRP A 71 -20.65 7.97 38.61
N THR A 72 -21.52 8.77 39.22
CA THR A 72 -22.74 8.22 39.81
C THR A 72 -23.66 7.64 38.75
N ARG A 73 -23.67 8.22 37.56
CA ARG A 73 -24.54 7.78 36.49
C ARG A 73 -23.99 6.59 35.71
N SER A 74 -22.77 6.15 36.02
CA SER A 74 -22.09 5.18 35.18
C SER A 74 -21.22 4.22 35.98
N VAL A 75 -19.94 4.58 36.16
CA VAL A 75 -18.95 3.66 36.72
C VAL A 75 -19.46 3.09 38.04
N LEU A 76 -19.88 3.96 38.95
CA LEU A 76 -20.34 3.55 40.26
C LEU A 76 -21.84 3.29 40.30
N SER A 77 -22.50 3.31 39.15
CA SER A 77 -23.88 2.85 39.09
C SER A 77 -23.95 1.42 39.61
N PRO A 78 -24.95 1.06 40.41
CA PRO A 78 -24.97 -0.30 40.97
C PRO A 78 -24.90 -1.40 39.92
N SER A 79 -25.68 -1.28 38.85
CA SER A 79 -25.72 -2.32 37.83
C SER A 79 -24.35 -2.53 37.22
N GLU A 80 -23.66 -1.45 36.85
CA GLU A 80 -22.38 -1.56 36.18
C GLU A 80 -21.31 -2.09 37.12
N ALA A 81 -21.17 -1.47 38.29
CA ALA A 81 -20.08 -1.80 39.19
C ALA A 81 -20.17 -3.25 39.68
N CYS A 82 -21.34 -3.65 40.15
CA CYS A 82 -21.49 -4.99 40.70
C CYS A 82 -21.19 -6.06 39.65
N GLY A 83 -21.58 -5.80 38.39
CA GLY A 83 -21.29 -6.75 37.34
C GLY A 83 -19.81 -6.98 37.15
N LEU A 84 -18.99 -5.95 37.44
CA LEU A 84 -17.54 -6.09 37.26
C LEU A 84 -16.94 -6.94 38.36
N LEU A 85 -17.21 -6.61 39.62
CA LEU A 85 -16.57 -7.29 40.74
C LEU A 85 -17.03 -8.74 40.85
N LEU A 86 -18.32 -8.99 40.64
CA LEU A 86 -18.91 -10.30 40.90
C LEU A 86 -19.18 -11.10 39.63
N GLY A 87 -19.18 -10.45 38.47
CA GLY A 87 -19.41 -11.12 37.21
C GLY A 87 -20.80 -10.85 36.68
N SER A 88 -21.08 -11.44 35.51
CA SER A 88 -22.37 -11.27 34.86
C SER A 88 -23.52 -11.71 35.76
N SER A 89 -23.25 -12.55 36.76
CA SER A 89 -24.32 -13.03 37.64
C SER A 89 -25.00 -11.88 38.36
N CYS A 90 -24.25 -10.84 38.72
CA CYS A 90 -24.77 -9.72 39.51
C CYS A 90 -24.42 -8.41 38.79
N GLY A 91 -25.11 -8.13 37.71
CA GLY A 91 -24.95 -6.87 37.00
C GLY A 91 -24.24 -7.07 35.68
N HIS A 92 -23.85 -5.96 35.08
CA HIS A 92 -23.20 -5.99 33.77
C HIS A 92 -22.34 -4.74 33.62
N TRP A 93 -21.04 -4.94 33.38
CA TRP A 93 -20.07 -3.86 33.31
C TRP A 93 -19.81 -3.54 31.83
N ASP A 94 -20.20 -2.33 31.40
CA ASP A 94 -20.24 -1.98 29.98
C ASP A 94 -19.63 -0.62 29.68
N ILE A 95 -18.75 -0.10 30.53
CA ILE A 95 -18.35 1.30 30.44
C ILE A 95 -17.81 1.62 29.05
N PHE A 96 -16.72 0.97 28.65
CA PHE A 96 -16.19 1.15 27.31
C PHE A 96 -16.34 -0.15 26.52
N SER A 97 -17.53 -0.71 26.57
CA SER A 97 -17.82 -1.89 25.78
C SER A 97 -17.83 -1.54 24.29
N THR A 98 -17.62 -2.56 23.48
CA THR A 98 -17.60 -2.37 22.03
C THR A 98 -19.04 -2.26 21.50
N TRP A 99 -19.14 -1.70 20.30
CA TRP A 99 -20.44 -1.46 19.67
C TRP A 99 -20.24 -1.40 18.17
N ASN A 100 -21.33 -1.59 17.44
CA ASN A 100 -21.29 -1.66 15.98
C ASN A 100 -22.33 -0.71 15.39
N ILE A 101 -22.11 -0.36 14.11
CA ILE A 101 -23.01 0.48 13.34
C ILE A 101 -23.55 -0.35 12.19
N SER A 102 -24.84 -0.18 11.90
CA SER A 102 -25.47 -0.86 10.77
C SER A 102 -25.44 0.03 9.54
N LEU A 103 -24.96 -0.52 8.43
CA LEU A 103 -24.94 0.20 7.16
C LEU A 103 -26.19 -0.09 6.35
N PRO A 104 -26.49 0.71 5.33
CA PRO A 104 -27.70 0.49 4.53
C PRO A 104 -27.63 -0.83 3.78
N SER A 105 -28.77 -1.17 3.16
CA SER A 105 -28.87 -2.38 2.36
C SER A 105 -28.44 -2.18 0.92
N VAL A 106 -28.05 -0.95 0.54
CA VAL A 106 -27.63 -0.66 -0.83
C VAL A 106 -26.27 -1.32 -1.06
N PRO A 107 -26.13 -2.19 -2.06
CA PRO A 107 -24.78 -2.71 -2.38
C PRO A 107 -23.86 -1.59 -2.83
N LYS A 108 -22.63 -1.62 -2.32
CA LYS A 108 -21.64 -0.62 -2.70
C LYS A 108 -21.34 -0.75 -4.19
N PRO A 109 -21.34 0.36 -4.94
CA PRO A 109 -20.95 0.27 -6.35
C PRO A 109 -19.45 -0.03 -6.47
N PRO A 110 -19.02 -0.59 -7.59
CA PRO A 110 -17.59 -0.85 -7.77
C PRO A 110 -16.76 0.37 -7.41
N PRO A 111 -15.64 0.19 -6.73
CA PRO A 111 -14.75 1.33 -6.44
C PRO A 111 -14.42 2.10 -7.72
N LYS A 112 -14.37 3.42 -7.59
CA LYS A 112 -14.17 4.29 -8.75
C LYS A 112 -13.41 5.55 -8.35
N PRO A 113 -12.26 5.84 -8.95
CA PRO A 113 -11.50 7.03 -8.56
C PRO A 113 -11.86 8.21 -9.44
N PRO A 114 -11.68 9.44 -8.93
CA PRO A 114 -11.96 10.62 -9.77
C PRO A 114 -10.94 10.78 -10.89
N SER A 115 -11.46 11.12 -12.07
CA SER A 115 -10.58 11.45 -13.19
C SER A 115 -9.94 12.81 -12.95
N PRO A 116 -8.69 13.01 -13.35
CA PRO A 116 -8.06 14.32 -13.15
C PRO A 116 -8.84 15.41 -13.86
N PRO A 117 -8.80 16.64 -13.35
CA PRO A 117 -9.56 17.72 -13.97
C PRO A 117 -9.03 18.06 -15.36
N ALA A 118 -9.95 18.52 -16.20
CA ALA A 118 -9.61 18.85 -17.57
C ALA A 118 -8.85 20.17 -17.64
N PRO A 119 -8.14 20.42 -18.74
CA PRO A 119 -7.45 21.71 -18.89
C PRO A 119 -8.43 22.87 -18.85
N GLY A 120 -8.00 23.97 -18.22
CA GLY A 120 -8.83 25.15 -18.09
C GLY A 120 -9.91 25.06 -17.04
N ALA A 121 -10.12 23.89 -16.44
CA ALA A 121 -11.14 23.77 -15.41
C ALA A 121 -10.86 24.74 -14.28
N PRO A 122 -11.87 25.43 -13.75
CA PRO A 122 -11.62 26.37 -12.65
C PRO A 122 -11.14 25.64 -11.40
N VAL A 123 -10.41 26.37 -10.56
CA VAL A 123 -9.96 25.87 -9.27
C VAL A 123 -10.53 26.79 -8.20
N SER A 124 -10.91 26.18 -7.08
CA SER A 124 -11.40 26.91 -5.92
C SER A 124 -10.33 26.91 -4.84
N ARG A 125 -10.26 28.00 -4.09
CA ARG A 125 -9.40 28.12 -2.93
C ARG A 125 -10.26 28.06 -1.68
N VAL A 126 -9.88 27.20 -0.74
CA VAL A 126 -10.58 27.09 0.54
C VAL A 126 -9.54 27.27 1.63
N LEU A 127 -9.72 28.31 2.44
CA LEU A 127 -8.86 28.55 3.58
C LEU A 127 -9.26 27.64 4.73
N PHE A 128 -8.26 27.12 5.45
CA PHE A 128 -8.48 26.26 6.59
C PHE A 128 -7.83 26.89 7.82
N LEU A 129 -8.64 27.14 8.85
CA LEU A 129 -8.18 27.72 10.10
C LEU A 129 -8.53 26.79 11.25
N THR A 130 -7.58 26.57 12.14
CA THR A 130 -7.78 25.65 13.26
C THR A 130 -6.85 26.02 14.40
N ASP A 131 -7.29 25.70 15.61
CA ASP A 131 -6.49 25.86 16.82
C ASP A 131 -5.88 27.25 16.89
N LEU A 132 -6.76 28.25 16.89
CA LEU A 132 -6.33 29.63 17.04
C LEU A 132 -5.86 29.90 18.46
N HIS A 133 -6.67 29.50 19.44
CA HIS A 133 -6.26 29.54 20.84
C HIS A 133 -5.86 30.95 21.26
N TRP A 134 -6.86 31.79 21.55
CA TRP A 134 -6.63 33.17 22.00
C TRP A 134 -6.48 33.19 23.52
N ASP A 135 -5.43 33.86 23.99
CA ASP A 135 -5.21 34.10 25.41
C ASP A 135 -5.41 35.59 25.64
N HIS A 136 -6.57 35.97 26.19
CA HIS A 136 -6.84 37.37 26.46
C HIS A 136 -5.97 37.92 27.59
N GLU A 137 -5.32 37.05 28.36
CA GLU A 137 -4.39 37.48 29.40
C GLU A 137 -2.94 37.50 28.93
N TYR A 138 -2.68 37.17 27.66
CA TYR A 138 -1.32 37.17 27.16
C TYR A 138 -0.69 38.53 27.41
N LEU A 139 0.59 38.52 27.78
CA LEU A 139 1.28 39.74 28.15
C LEU A 139 2.75 39.64 27.74
N GLU A 140 3.23 40.65 27.01
CA GLU A 140 4.64 40.71 26.65
C GLU A 140 5.50 40.94 27.89
N GLY A 141 6.74 40.45 27.84
CA GLY A 141 7.67 40.61 28.91
C GLY A 141 7.51 39.64 30.05
N THR A 142 6.36 38.97 30.15
CA THR A 142 6.16 37.99 31.21
C THR A 142 7.00 36.74 30.95
N ASP A 143 7.22 35.99 32.02
CA ASP A 143 8.08 34.81 31.96
C ASP A 143 7.48 33.78 31.01
N PRO A 144 8.13 33.47 29.89
CA PRO A 144 7.62 32.36 29.06
C PRO A 144 7.89 31.01 29.69
N TYR A 145 8.96 30.90 30.48
CA TYR A 145 9.27 29.70 31.23
C TYR A 145 8.68 29.86 32.63
N CYS A 146 7.43 29.47 32.78
CA CYS A 146 6.74 29.46 34.06
C CYS A 146 6.33 28.04 34.40
N ALA A 147 6.07 27.80 35.69
CA ALA A 147 5.67 26.46 36.11
C ALA A 147 4.28 26.11 35.62
N ASP A 148 3.41 27.11 35.47
CA ASP A 148 2.04 26.85 35.07
C ASP A 148 2.01 26.26 33.66
N PRO A 149 0.96 25.51 33.32
CA PRO A 149 0.88 24.92 31.97
C PRO A 149 0.82 25.95 30.85
N LEU A 150 0.55 27.22 31.17
CA LEU A 150 0.48 28.28 30.18
C LEU A 150 1.21 29.49 30.72
N CYS A 151 2.07 30.09 29.91
CA CYS A 151 2.92 31.20 30.33
C CYS A 151 2.66 32.41 29.43
N CYS A 152 3.58 33.38 29.51
CA CYS A 152 3.49 34.60 28.71
C CYS A 152 2.19 35.36 28.97
N ARG A 153 1.82 35.51 30.24
CA ARG A 153 0.58 36.18 30.57
C ARG A 153 0.64 36.69 32.00
N ARG A 154 -0.48 37.26 32.44
CA ARG A 154 -0.60 37.71 33.82
C ARG A 154 -0.74 36.51 34.74
N GLY A 155 0.14 36.41 35.72
CA GLY A 155 0.26 35.25 36.55
C GLY A 155 1.48 34.40 36.20
N SER A 156 2.06 34.63 35.03
CA SER A 156 3.28 33.93 34.63
C SER A 156 4.50 34.45 35.38
N GLY A 157 4.42 35.64 35.96
CA GLY A 157 5.58 36.27 36.54
C GLY A 157 6.44 36.90 35.45
N TRP A 158 7.71 37.13 35.79
CA TRP A 158 8.62 37.77 34.85
C TRP A 158 9.93 37.02 34.75
N PRO A 159 10.56 37.04 33.58
CA PRO A 159 11.74 36.21 33.35
C PRO A 159 12.79 36.44 34.43
N PRO A 160 13.06 35.42 35.26
CA PRO A 160 14.07 35.59 36.31
C PRO A 160 15.45 35.85 35.70
N ASN A 161 16.19 36.75 36.34
CA ASN A 161 17.61 36.97 36.05
C ASN A 161 17.83 37.38 34.58
N SER A 162 17.38 38.60 34.30
CA SER A 162 17.68 39.28 33.03
C SER A 162 17.51 38.33 31.84
N GLN A 163 16.40 37.61 31.84
CA GLN A 163 16.05 36.75 30.71
C GLN A 163 15.01 37.44 29.84
N LYS A 164 14.96 37.02 28.57
CA LYS A 164 14.05 37.63 27.63
C LYS A 164 12.63 37.18 27.91
N GLY A 165 11.72 38.14 28.04
CA GLY A 165 10.34 37.85 28.31
C GLY A 165 9.57 37.50 27.06
N ALA A 166 8.28 37.22 27.26
CA ALA A 166 7.41 36.88 26.15
C ALA A 166 7.54 37.91 25.03
N GLY A 167 7.62 37.41 23.80
CA GLY A 167 7.71 38.28 22.65
C GLY A 167 6.44 39.09 22.45
N PHE A 168 6.55 40.07 21.55
CA PHE A 168 5.43 40.97 21.31
C PHE A 168 4.29 40.27 20.58
N TRP A 169 4.61 39.50 19.54
CA TRP A 169 3.60 38.81 18.73
C TRP A 169 3.31 37.40 19.22
N GLY A 170 4.13 36.86 20.10
CA GLY A 170 4.01 35.49 20.52
C GLY A 170 5.37 35.03 21.00
N GLU A 171 5.40 33.77 21.45
CA GLU A 171 6.66 33.19 21.90
C GLU A 171 6.68 31.70 21.60
N TYR A 172 7.85 31.20 21.20
CA TYR A 172 8.06 29.78 20.95
C TYR A 172 8.14 29.07 22.30
N SER A 173 6.98 28.77 22.86
CA SER A 173 6.90 28.10 24.15
C SER A 173 5.44 27.72 24.41
N LYS A 174 5.18 27.22 25.61
CA LYS A 174 3.82 26.90 26.04
C LYS A 174 3.06 28.20 26.28
N CYS A 175 2.76 28.91 25.20
CA CYS A 175 2.05 30.19 25.26
C CYS A 175 1.15 30.28 24.03
N ASP A 176 -0.10 30.68 24.25
CA ASP A 176 -1.03 30.88 23.15
C ASP A 176 -0.82 32.27 22.56
N LEU A 177 -1.76 32.72 21.71
CA LEU A 177 -1.52 33.92 20.92
C LEU A 177 -2.22 35.14 21.51
N PRO A 178 -1.63 36.32 21.33
CA PRO A 178 -2.37 37.56 21.58
C PRO A 178 -3.28 37.88 20.41
N LEU A 179 -4.38 38.57 20.72
CA LEU A 179 -5.38 38.86 19.71
C LEU A 179 -4.79 39.63 18.53
N ARG A 180 -3.79 40.47 18.79
CA ARG A 180 -3.23 41.27 17.69
C ARG A 180 -2.55 40.38 16.65
N THR A 181 -1.87 39.33 17.10
CA THR A 181 -1.30 38.37 16.15
C THR A 181 -2.41 37.68 15.36
N LEU A 182 -3.52 37.35 16.03
CA LEU A 182 -4.66 36.78 15.32
C LEU A 182 -5.25 37.78 14.34
N GLU A 183 -5.46 39.02 14.80
CA GLU A 183 -5.93 40.07 13.91
C GLU A 183 -4.99 40.25 12.72
N SER A 184 -3.68 40.16 12.96
CA SER A 184 -2.71 40.29 11.89
C SER A 184 -2.93 39.24 10.81
N LEU A 185 -3.30 38.02 11.20
CA LEU A 185 -3.45 36.94 10.24
C LEU A 185 -4.51 37.27 9.19
N LEU A 186 -5.65 37.78 9.65
CA LEU A 186 -6.77 38.01 8.73
C LEU A 186 -6.41 39.05 7.67
N LYS A 187 -5.64 40.07 8.03
CA LYS A 187 -5.33 41.14 7.10
C LYS A 187 -4.41 40.67 5.98
N GLY A 188 -3.57 39.68 6.24
CA GLY A 188 -2.57 39.26 5.28
C GLY A 188 -2.95 38.04 4.47
N LEU A 189 -4.22 37.97 4.06
CA LEU A 189 -4.71 36.86 3.25
C LEU A 189 -4.80 37.21 1.77
N GLY A 190 -4.47 38.44 1.39
CA GLY A 190 -4.56 38.89 0.03
C GLY A 190 -4.00 37.91 -0.97
N PRO A 191 -2.68 37.67 -0.91
CA PRO A 191 -2.07 36.73 -1.85
C PRO A 191 -2.58 35.32 -1.71
N ALA A 192 -2.93 34.89 -0.50
CA ALA A 192 -3.47 33.55 -0.31
C ALA A 192 -4.83 33.38 -0.98
N GLY A 193 -5.59 34.45 -1.08
CA GLY A 193 -6.92 34.39 -1.67
C GLY A 193 -6.91 34.58 -3.18
N PRO A 194 -8.10 34.78 -3.78
CA PRO A 194 -9.41 34.81 -3.11
C PRO A 194 -9.97 33.42 -2.82
N PHE A 195 -10.76 33.31 -1.75
CA PHE A 195 -11.36 32.05 -1.34
C PHE A 195 -12.85 32.04 -1.64
N GLU A 196 -13.37 30.83 -1.88
CA GLU A 196 -14.80 30.63 -2.07
C GLU A 196 -15.50 30.25 -0.76
N MET A 197 -14.77 29.73 0.21
CA MET A 197 -15.35 29.33 1.49
C MET A 197 -14.20 28.97 2.42
N VAL A 198 -14.53 28.73 3.68
CA VAL A 198 -13.54 28.49 4.72
C VAL A 198 -14.02 27.34 5.60
N TYR A 199 -13.06 26.56 6.09
CA TYR A 199 -13.30 25.52 7.07
C TYR A 199 -12.60 25.91 8.36
N TRP A 200 -13.31 25.78 9.48
CA TRP A 200 -12.79 26.24 10.77
C TRP A 200 -13.13 25.21 11.84
N THR A 201 -12.12 24.45 12.28
CA THR A 201 -12.34 23.29 13.14
C THR A 201 -12.14 23.60 14.62
N GLY A 202 -12.48 24.81 15.06
CA GLY A 202 -12.62 25.07 16.48
C GLY A 202 -11.31 25.23 17.25
N ASP A 203 -11.43 25.04 18.58
CA ASP A 203 -10.35 25.26 19.53
C ASP A 203 -9.96 26.73 19.58
N ILE A 204 -10.85 27.56 20.12
CA ILE A 204 -10.64 29.01 20.12
C ILE A 204 -10.05 29.46 21.46
N PRO A 205 -10.61 29.06 22.60
CA PRO A 205 -10.02 29.48 23.87
C PRO A 205 -8.59 29.00 24.01
N ALA A 206 -7.89 29.59 24.98
CA ALA A 206 -6.52 29.19 25.27
C ALA A 206 -6.53 27.95 26.15
N HIS A 207 -5.37 27.62 26.74
CA HIS A 207 -5.23 26.45 27.59
C HIS A 207 -5.26 26.79 29.08
N ASP A 208 -5.84 27.93 29.45
CA ASP A 208 -5.93 28.35 30.86
C ASP A 208 -7.20 27.78 31.51
N VAL A 209 -7.33 26.46 31.43
CA VAL A 209 -8.60 25.82 31.77
C VAL A 209 -8.92 25.95 33.26
N TRP A 210 -7.91 26.10 34.11
CA TRP A 210 -8.16 26.13 35.55
C TRP A 210 -8.87 27.40 36.02
N GLN A 211 -9.15 28.35 35.12
CA GLN A 211 -9.83 29.58 35.48
C GLN A 211 -10.55 30.10 34.22
N GLN A 212 -11.55 29.34 33.79
CA GLN A 212 -12.36 29.69 32.63
C GLN A 212 -13.84 29.56 33.00
N SER A 213 -14.51 30.70 33.15
CA SER A 213 -15.95 30.68 33.33
C SER A 213 -16.64 30.62 31.98
N ARG A 214 -17.92 30.20 31.99
CA ARG A 214 -18.69 30.18 30.76
C ARG A 214 -18.69 31.55 30.09
N GLN A 215 -18.69 32.63 30.87
CA GLN A 215 -18.63 33.96 30.28
C GLN A 215 -17.30 34.19 29.59
N ASP A 216 -16.20 33.73 30.20
CA ASP A 216 -14.90 33.79 29.54
C ASP A 216 -14.92 33.03 28.22
N GLN A 217 -15.57 31.87 28.21
CA GLN A 217 -15.61 31.06 27.00
C GLN A 217 -16.42 31.75 25.90
N LEU A 218 -17.61 32.23 26.23
CA LEU A 218 -18.46 32.85 25.22
C LEU A 218 -17.89 34.17 24.73
N ARG A 219 -17.12 34.87 25.56
CA ARG A 219 -16.48 36.11 25.11
C ARG A 219 -15.56 35.83 23.93
N ALA A 220 -14.78 34.75 24.01
CA ALA A 220 -13.92 34.38 22.89
C ALA A 220 -14.74 33.96 21.69
N LEU A 221 -15.82 33.21 21.90
CA LEU A 221 -16.67 32.79 20.79
C LEU A 221 -17.17 33.99 20.01
N THR A 222 -17.85 34.92 20.68
CA THR A 222 -18.39 36.08 20.00
C THR A 222 -17.28 36.94 19.42
N THR A 223 -16.32 37.34 20.26
CA THR A 223 -15.26 38.24 19.80
C THR A 223 -14.60 37.70 18.54
N ILE A 224 -14.15 36.45 18.60
CA ILE A 224 -13.44 35.88 17.45
C ILE A 224 -14.36 35.71 16.25
N THR A 225 -15.62 35.32 16.49
CA THR A 225 -16.55 35.14 15.39
C THR A 225 -16.78 36.46 14.64
N ASP A 226 -17.04 37.53 15.38
CA ASP A 226 -17.23 38.83 14.75
C ASP A 226 -15.99 39.24 13.97
N LEU A 227 -14.81 38.96 14.53
CA LEU A 227 -13.57 39.36 13.87
C LEU A 227 -13.40 38.67 12.53
N VAL A 228 -13.83 37.41 12.44
CA VAL A 228 -13.74 36.67 11.18
C VAL A 228 -14.76 37.21 10.19
N ARG A 229 -16.04 37.16 10.56
CA ARG A 229 -17.09 37.62 9.66
C ARG A 229 -16.76 38.99 9.09
N LYS A 230 -16.12 39.85 9.89
CA LYS A 230 -15.80 41.20 9.45
C LYS A 230 -14.87 41.17 8.24
N PHE A 231 -13.74 40.48 8.35
CA PHE A 231 -12.76 40.48 7.27
C PHE A 231 -13.20 39.63 6.10
N LEU A 232 -13.94 38.55 6.35
CA LEU A 232 -14.32 37.65 5.25
C LEU A 232 -15.45 38.23 4.43
N GLY A 233 -16.42 38.88 5.06
CA GLY A 233 -17.52 39.48 4.36
C GLY A 233 -18.37 38.43 3.67
N PRO A 234 -18.62 38.57 2.37
CA PRO A 234 -19.56 37.66 1.70
C PRO A 234 -19.12 36.20 1.67
N VAL A 235 -17.88 35.88 2.01
CA VAL A 235 -17.37 34.52 1.89
C VAL A 235 -17.91 33.68 3.03
N PRO A 236 -18.60 32.56 2.76
CA PRO A 236 -19.18 31.78 3.85
C PRO A 236 -18.12 30.97 4.59
N VAL A 237 -18.19 31.02 5.92
CA VAL A 237 -17.29 30.27 6.78
C VAL A 237 -18.06 29.12 7.41
N TYR A 238 -17.50 27.92 7.30
CA TYR A 238 -18.15 26.72 7.84
C TYR A 238 -17.31 26.18 8.98
N PRO A 239 -17.70 26.42 10.24
CA PRO A 239 -16.86 25.98 11.36
C PRO A 239 -17.30 24.67 11.99
N ALA A 240 -16.42 24.06 12.78
CA ALA A 240 -16.71 22.82 13.49
C ALA A 240 -16.36 22.99 14.96
N VAL A 241 -16.86 22.05 15.76
CA VAL A 241 -16.72 22.15 17.22
C VAL A 241 -15.34 21.66 17.63
N GLY A 242 -14.65 22.46 18.43
CA GLY A 242 -13.39 22.07 19.03
C GLY A 242 -13.59 21.55 20.45
N ASN A 243 -12.49 21.12 21.03
CA ASN A 243 -12.54 20.52 22.36
C ASN A 243 -12.32 21.54 23.48
N HIS A 244 -11.61 22.64 23.21
CA HIS A 244 -11.37 23.66 24.22
C HIS A 244 -12.51 24.66 24.34
N GLU A 245 -13.57 24.51 23.55
CA GLU A 245 -14.57 25.56 23.44
C GLU A 245 -15.60 25.53 24.55
N SER A 246 -15.82 24.38 25.19
CA SER A 246 -16.72 24.30 26.34
C SER A 246 -15.91 24.36 27.63
N THR A 247 -16.63 24.39 28.74
CA THR A 247 -16.00 24.33 30.05
C THR A 247 -16.91 23.50 30.98
N PRO A 248 -16.34 22.51 31.70
CA PRO A 248 -14.94 22.08 31.67
C PRO A 248 -14.52 21.48 30.33
N VAL A 249 -13.24 21.63 29.99
CA VAL A 249 -12.72 21.22 28.70
C VAL A 249 -13.06 19.76 28.42
N ASN A 250 -13.31 19.44 27.16
CA ASN A 250 -13.57 18.06 26.73
C ASN A 250 -14.89 17.52 27.24
N GLY A 251 -15.52 18.21 28.19
CA GLY A 251 -16.80 17.80 28.71
C GLY A 251 -17.93 18.21 27.78
N PHE A 252 -18.44 17.26 27.01
CA PHE A 252 -19.51 17.49 26.05
C PHE A 252 -20.61 16.46 26.31
N PRO A 253 -21.50 16.72 27.26
CA PRO A 253 -22.59 15.79 27.52
C PRO A 253 -23.39 15.53 26.26
N PRO A 254 -23.71 14.27 25.96
CA PRO A 254 -24.56 13.99 24.80
C PRO A 254 -25.93 14.61 24.96
N PRO A 255 -26.72 14.65 23.88
CA PRO A 255 -28.03 15.32 23.95
C PRO A 255 -28.96 14.77 25.02
N PHE A 256 -28.91 13.46 25.30
CA PHE A 256 -29.82 12.90 26.28
C PHE A 256 -29.64 13.52 27.65
N ILE A 257 -28.56 14.25 27.87
CA ILE A 257 -28.38 15.00 29.11
C ILE A 257 -29.08 16.34 28.99
N LYS A 258 -29.75 16.75 30.07
CA LYS A 258 -30.58 17.94 30.08
C LYS A 258 -30.24 18.79 31.30
N GLY A 259 -30.81 19.99 31.32
CA GLY A 259 -30.64 20.87 32.46
C GLY A 259 -29.50 21.87 32.27
N ASN A 260 -29.14 22.48 33.40
CA ASN A 260 -28.06 23.46 33.36
C ASN A 260 -26.72 22.81 33.05
N GLN A 261 -26.54 21.55 33.42
CA GLN A 261 -25.31 20.83 33.13
C GLN A 261 -25.23 20.36 31.68
N SER A 262 -26.31 20.52 30.91
CA SER A 262 -26.26 20.25 29.49
C SER A 262 -25.37 21.26 28.77
N SER A 263 -25.01 20.94 27.53
CA SER A 263 -24.23 21.84 26.69
C SER A 263 -25.09 22.79 25.88
N GLN A 264 -26.33 23.02 26.29
CA GLN A 264 -27.21 23.90 25.54
C GLN A 264 -26.66 25.31 25.49
N TRP A 265 -26.17 25.82 26.62
CA TRP A 265 -25.63 27.18 26.66
C TRP A 265 -24.66 27.41 25.50
N LEU A 266 -23.79 26.44 25.23
CA LEU A 266 -22.77 26.61 24.22
C LEU A 266 -23.34 26.48 22.82
N TYR A 267 -24.13 25.43 22.58
CA TYR A 267 -24.64 25.17 21.24
C TYR A 267 -25.58 26.29 20.79
N GLU A 268 -26.39 26.82 21.70
CA GLU A 268 -27.28 27.91 21.33
C GLU A 268 -26.51 29.23 21.16
N ALA A 269 -25.46 29.43 21.93
CA ALA A 269 -24.64 30.62 21.75
C ALA A 269 -23.98 30.63 20.38
N MET A 270 -23.46 29.47 19.96
CA MET A 270 -22.90 29.37 18.62
C MET A 270 -23.92 29.69 17.55
N ALA A 271 -25.17 29.27 17.77
CA ALA A 271 -26.22 29.50 16.78
C ALA A 271 -26.31 30.98 16.41
N LYS A 272 -26.53 31.83 17.41
CA LYS A 272 -26.63 33.27 17.15
C LYS A 272 -25.41 33.77 16.40
N ALA A 273 -24.22 33.40 16.87
CA ALA A 273 -22.99 33.90 16.26
C ALA A 273 -22.81 33.43 14.83
N TRP A 274 -23.43 32.33 14.44
CA TRP A 274 -23.21 31.72 13.13
C TRP A 274 -24.46 31.69 12.26
N GLU A 275 -25.57 32.29 12.70
CA GLU A 275 -26.76 32.33 11.85
C GLU A 275 -26.48 32.95 10.49
N PRO A 276 -25.68 34.00 10.35
CA PRO A 276 -25.45 34.58 9.02
C PRO A 276 -24.81 33.60 8.04
N TRP A 277 -24.04 32.64 8.54
CA TRP A 277 -23.29 31.74 7.67
C TRP A 277 -24.08 30.49 7.29
N LEU A 278 -24.97 30.04 8.15
CA LEU A 278 -25.60 28.73 8.01
C LEU A 278 -27.08 28.82 7.66
N PRO A 279 -27.64 27.79 7.03
CA PRO A 279 -29.08 27.77 6.78
C PRO A 279 -29.88 27.27 7.98
N ALA A 280 -31.18 27.04 7.78
CA ALA A 280 -32.06 26.71 8.89
C ALA A 280 -31.92 25.26 9.33
N ASP A 281 -31.90 24.32 8.38
CA ASP A 281 -31.84 22.90 8.72
C ASP A 281 -30.52 22.55 9.40
N ALA A 282 -29.47 23.33 9.15
CA ALA A 282 -28.18 23.09 9.80
C ALA A 282 -28.16 23.63 11.23
N LEU A 283 -28.69 24.84 11.45
CA LEU A 283 -28.80 25.36 12.81
C LEU A 283 -29.65 24.44 13.67
N HIS A 284 -30.68 23.84 13.08
CA HIS A 284 -31.52 22.89 13.80
C HIS A 284 -30.67 21.82 14.48
N THR A 285 -29.88 21.11 13.69
CA THR A 285 -29.07 20.02 14.23
C THR A 285 -27.91 20.53 15.06
N LEU A 286 -27.42 21.74 14.78
CA LEU A 286 -26.29 22.28 15.54
C LEU A 286 -26.67 22.55 16.99
N ARG A 287 -27.83 23.17 17.21
CA ARG A 287 -28.27 23.45 18.57
C ARG A 287 -28.45 22.17 19.37
N ILE A 288 -28.49 21.02 18.72
CA ILE A 288 -28.75 19.75 19.38
C ILE A 288 -27.43 19.07 19.75
N GLY A 289 -26.63 18.74 18.75
CA GLY A 289 -25.47 17.89 18.98
C GLY A 289 -24.13 18.45 18.57
N GLY A 290 -24.09 19.69 18.08
CA GLY A 290 -22.83 20.28 17.69
C GLY A 290 -22.29 19.82 16.36
N PHE A 291 -23.13 19.23 15.51
CA PHE A 291 -22.74 18.87 14.15
C PHE A 291 -23.86 19.27 13.21
N TYR A 292 -23.56 19.27 11.92
CA TYR A 292 -24.52 19.71 10.90
C TYR A 292 -23.98 19.34 9.53
N ALA A 293 -24.82 19.57 8.52
CA ALA A 293 -24.46 19.34 7.13
C ALA A 293 -25.27 20.28 6.26
N LEU A 294 -24.74 20.60 5.09
CA LEU A 294 -25.41 21.51 4.18
C LEU A 294 -24.71 21.45 2.83
N THR A 295 -25.36 22.02 1.82
CA THR A 295 -24.81 22.08 0.47
C THR A 295 -24.08 23.40 0.29
N PRO A 296 -22.74 23.41 0.17
CA PRO A 296 -22.05 24.68 -0.06
C PRO A 296 -22.15 25.12 -1.51
N ARG A 297 -22.00 24.19 -2.45
CA ARG A 297 -22.15 24.49 -3.86
C ARG A 297 -22.78 23.30 -4.57
N PRO A 298 -23.34 23.50 -5.76
CA PRO A 298 -24.04 22.41 -6.45
C PRO A 298 -23.15 21.21 -6.68
N GLY A 299 -23.60 20.04 -6.23
CA GLY A 299 -22.89 18.81 -6.40
C GLY A 299 -22.05 18.39 -5.21
N LEU A 300 -22.04 19.18 -4.14
CA LEU A 300 -21.21 18.89 -2.97
C LEU A 300 -22.05 18.97 -1.71
N ARG A 301 -21.66 18.20 -0.71
CA ARG A 301 -22.36 18.15 0.57
C ARG A 301 -21.33 18.18 1.69
N LEU A 302 -21.36 19.23 2.50
CA LEU A 302 -20.39 19.40 3.57
C LEU A 302 -20.94 18.86 4.88
N ILE A 303 -20.06 18.24 5.66
CA ILE A 303 -20.43 17.58 6.91
C ILE A 303 -19.44 17.98 7.99
N SER A 304 -19.93 18.64 9.03
CA SER A 304 -19.14 19.00 10.19
C SER A 304 -19.52 18.12 11.36
N LEU A 305 -18.52 17.47 11.96
CA LEU A 305 -18.74 16.48 13.01
C LEU A 305 -18.30 17.00 14.37
N ASN A 306 -19.09 16.71 15.39
CA ASN A 306 -18.73 17.01 16.77
C ASN A 306 -17.90 15.83 17.28
N MET A 307 -16.59 15.91 17.06
CA MET A 307 -15.70 14.81 17.42
C MET A 307 -15.48 14.72 18.92
N ASN A 308 -16.19 15.50 19.73
CA ASN A 308 -16.16 15.34 21.17
C ASN A 308 -16.96 14.14 21.64
N PHE A 309 -17.81 13.59 20.78
CA PHE A 309 -18.50 12.34 21.05
C PHE A 309 -17.68 11.13 20.68
N CYS A 310 -16.46 11.33 20.21
CA CYS A 310 -15.49 10.28 20.03
C CYS A 310 -14.29 10.44 20.95
N SER A 311 -14.24 11.52 21.71
CA SER A 311 -13.05 11.88 22.46
C SER A 311 -12.88 10.96 23.67
N ARG A 312 -11.68 10.41 23.83
CA ARG A 312 -11.35 9.75 25.07
C ARG A 312 -11.53 10.68 26.26
N GLU A 313 -11.26 11.97 26.06
CA GLU A 313 -11.30 12.95 27.13
C GLU A 313 -12.71 13.24 27.61
N ASN A 314 -13.72 13.04 26.76
CA ASN A 314 -15.09 13.33 27.14
C ASN A 314 -15.52 12.34 28.21
N PHE A 315 -15.47 12.77 29.47
CA PHE A 315 -15.86 11.91 30.57
C PHE A 315 -17.34 11.55 30.53
N TRP A 316 -18.17 12.37 29.88
CA TRP A 316 -19.59 12.04 29.79
C TRP A 316 -19.84 10.74 29.06
N LEU A 317 -18.85 10.22 28.34
CA LEU A 317 -19.02 8.97 27.61
C LEU A 317 -18.96 7.74 28.51
N LEU A 318 -18.49 7.89 29.75
CA LEU A 318 -18.55 6.79 30.70
C LEU A 318 -19.97 6.25 30.81
N ILE A 319 -20.96 7.14 30.84
CA ILE A 319 -22.35 6.72 30.96
C ILE A 319 -22.73 5.81 29.81
N ASN A 320 -22.59 6.30 28.58
CA ASN A 320 -22.94 5.51 27.41
C ASN A 320 -22.05 5.96 26.26
N SER A 321 -21.02 5.16 25.97
CA SER A 321 -20.06 5.47 24.91
C SER A 321 -20.52 5.00 23.54
N THR A 322 -21.74 4.49 23.40
CA THR A 322 -22.21 3.90 22.16
C THR A 322 -22.82 4.98 21.27
N ASP A 323 -22.09 5.34 20.20
CA ASP A 323 -22.53 6.31 19.20
C ASP A 323 -23.33 7.44 19.85
N PRO A 324 -22.68 8.30 20.64
CA PRO A 324 -23.42 9.38 21.29
C PRO A 324 -24.10 10.28 20.26
N ALA A 325 -25.33 10.69 20.58
CA ALA A 325 -26.15 11.56 19.75
C ALA A 325 -26.59 10.89 18.45
N GLY A 326 -26.35 9.59 18.30
CA GLY A 326 -26.63 8.94 17.02
C GLY A 326 -25.90 9.59 15.86
N GLN A 327 -24.72 10.16 16.12
CA GLN A 327 -24.02 10.92 15.10
C GLN A 327 -23.62 10.03 13.92
N LEU A 328 -23.09 8.84 14.20
CA LEU A 328 -22.68 7.94 13.12
C LEU A 328 -23.87 7.54 12.26
N GLN A 329 -24.99 7.18 12.90
CA GLN A 329 -26.17 6.81 12.13
C GLN A 329 -26.65 7.99 11.30
N TRP A 330 -26.64 9.19 11.89
CA TRP A 330 -26.99 10.38 11.11
C TRP A 330 -26.01 10.59 9.97
N LEU A 331 -24.73 10.27 10.19
CA LEU A 331 -23.73 10.40 9.15
C LEU A 331 -24.06 9.51 7.95
N VAL A 332 -24.44 8.26 8.21
CA VAL A 332 -24.73 7.32 7.13
C VAL A 332 -25.91 7.83 6.30
N GLU A 333 -26.95 8.34 6.96
CA GLU A 333 -28.09 8.89 6.23
C GLU A 333 -27.64 9.87 5.16
N GLU A 334 -26.71 10.77 5.50
CA GLU A 334 -26.28 11.79 4.57
C GLU A 334 -25.43 11.21 3.45
N LEU A 335 -24.51 10.31 3.79
CA LEU A 335 -23.64 9.73 2.78
C LEU A 335 -24.43 8.95 1.75
N GLN A 336 -25.38 8.14 2.21
CA GLN A 336 -26.20 7.38 1.26
C GLN A 336 -27.01 8.32 0.37
N ALA A 337 -27.56 9.39 0.95
CA ALA A 337 -28.34 10.33 0.18
C ALA A 337 -27.50 10.96 -0.92
N ALA A 338 -26.28 11.41 -0.57
CA ALA A 338 -25.40 11.99 -1.57
C ALA A 338 -25.04 10.96 -2.64
N GLU A 339 -24.84 9.71 -2.23
CA GLU A 339 -24.56 8.65 -3.20
C GLU A 339 -25.75 8.45 -4.14
N ASN A 340 -26.97 8.58 -3.62
CA ASN A 340 -28.14 8.54 -4.47
C ASN A 340 -28.15 9.73 -5.43
N ARG A 341 -28.01 10.94 -4.90
CA ARG A 341 -27.97 12.13 -5.75
C ARG A 341 -26.79 12.10 -6.70
N GLY A 342 -25.70 11.46 -6.32
CA GLY A 342 -24.44 11.59 -7.03
C GLY A 342 -23.55 12.69 -6.53
N ASP A 343 -23.84 13.23 -5.34
CA ASP A 343 -23.08 14.35 -4.80
C ASP A 343 -21.80 13.86 -4.13
N LYS A 344 -20.80 14.74 -4.12
CA LYS A 344 -19.57 14.49 -3.39
C LYS A 344 -19.70 15.01 -1.96
N VAL A 345 -18.70 14.71 -1.14
CA VAL A 345 -18.75 15.05 0.28
C VAL A 345 -17.37 15.48 0.75
N HIS A 346 -17.35 16.57 1.51
CA HIS A 346 -16.22 16.94 2.34
C HIS A 346 -16.62 16.78 3.79
N ILE A 347 -15.67 16.36 4.62
CA ILE A 347 -15.89 16.21 6.05
C ILE A 347 -14.87 17.04 6.79
N ILE A 348 -15.34 17.78 7.79
CA ILE A 348 -14.48 18.52 8.68
C ILE A 348 -14.85 18.15 10.11
N GLY A 349 -13.84 18.16 10.98
CA GLY A 349 -14.02 17.92 12.39
C GLY A 349 -12.78 18.40 13.10
N HIS A 350 -12.85 18.43 14.41
CA HIS A 350 -11.70 18.92 15.18
C HIS A 350 -10.71 17.78 15.42
N ILE A 351 -11.11 16.80 16.22
CA ILE A 351 -10.22 15.66 16.51
C ILE A 351 -10.27 14.71 15.32
N PRO A 352 -9.12 14.31 14.77
CA PRO A 352 -9.13 13.37 13.64
C PRO A 352 -9.51 11.97 14.10
N PRO A 353 -10.02 11.13 13.19
CA PRO A 353 -10.49 9.80 13.62
C PRO A 353 -9.40 8.93 14.21
N GLY A 354 -8.16 9.06 13.74
CA GLY A 354 -7.07 8.26 14.28
C GLY A 354 -6.86 8.43 15.76
N HIS A 355 -7.42 9.50 16.35
CA HIS A 355 -7.29 9.78 17.77
C HIS A 355 -8.61 9.63 18.52
N CYS A 356 -9.64 9.09 17.88
CA CYS A 356 -10.93 8.88 18.52
C CYS A 356 -10.87 7.64 19.41
N LEU A 357 -12.00 7.31 20.04
CA LEU A 357 -12.14 6.07 20.76
C LEU A 357 -12.07 4.88 19.81
N LYS A 358 -11.54 3.76 20.30
CA LYS A 358 -11.28 2.61 19.45
C LYS A 358 -12.53 2.22 18.66
N SER A 359 -13.61 1.87 19.37
CA SER A 359 -14.81 1.44 18.68
C SER A 359 -15.34 2.53 17.76
N TRP A 360 -15.36 3.77 18.22
CA TRP A 360 -15.76 4.88 17.37
C TRP A 360 -14.91 4.93 16.10
N SER A 361 -13.58 4.90 16.27
CA SER A 361 -12.68 5.00 15.12
C SER A 361 -12.94 3.88 14.11
N TRP A 362 -13.11 2.65 14.58
CA TRP A 362 -13.31 1.53 13.67
C TRP A 362 -14.63 1.64 12.92
N ASN A 363 -15.70 2.00 13.63
CA ASN A 363 -16.99 2.17 12.96
C ASN A 363 -16.92 3.30 11.95
N TYR A 364 -16.04 4.27 12.18
CA TYR A 364 -15.84 5.35 11.21
C TYR A 364 -15.04 4.87 10.01
N TYR A 365 -13.94 4.17 10.27
CA TYR A 365 -13.11 3.64 9.20
C TYR A 365 -13.96 2.90 8.17
N LYS A 366 -14.88 2.07 8.64
CA LYS A 366 -15.67 1.24 7.73
C LYS A 366 -16.61 2.07 6.87
N ILE A 367 -17.13 3.17 7.43
CA ILE A 367 -18.03 4.03 6.67
C ILE A 367 -17.27 4.75 5.57
N ILE A 368 -16.04 5.16 5.86
CA ILE A 368 -15.17 5.70 4.83
C ILE A 368 -15.02 4.68 3.70
N ALA A 369 -14.59 3.46 4.05
CA ALA A 369 -14.38 2.43 3.05
C ALA A 369 -15.62 2.24 2.18
N ARG A 370 -16.79 2.16 2.82
CA ARG A 370 -18.03 1.97 2.06
C ARG A 370 -18.22 3.07 1.03
N TYR A 371 -18.00 4.32 1.43
CA TYR A 371 -18.33 5.49 0.60
C TYR A 371 -17.08 6.19 0.09
N GLU A 372 -16.03 5.44 -0.21
CA GLU A 372 -14.81 6.06 -0.72
C GLU A 372 -15.07 6.87 -1.97
N ASN A 373 -16.04 6.45 -2.78
CA ASN A 373 -16.33 7.17 -4.01
C ASN A 373 -17.07 8.47 -3.75
N THR A 374 -17.87 8.52 -2.68
CA THR A 374 -18.62 9.73 -2.36
C THR A 374 -17.72 10.80 -1.75
N LEU A 375 -16.78 10.39 -0.90
CA LEU A 375 -15.91 11.36 -0.24
C LEU A 375 -15.05 12.09 -1.25
N ALA A 376 -14.97 13.42 -1.09
CA ALA A 376 -14.03 14.22 -1.84
C ALA A 376 -13.01 14.91 -0.95
N GLY A 377 -13.20 14.90 0.37
CA GLY A 377 -12.24 15.55 1.24
C GLY A 377 -12.48 15.33 2.72
N GLN A 378 -11.40 15.34 3.49
CA GLN A 378 -11.46 15.25 4.95
C GLN A 378 -10.41 16.18 5.52
N PHE A 379 -10.81 17.02 6.47
CA PHE A 379 -9.95 18.07 6.99
C PHE A 379 -10.17 18.18 8.49
N PHE A 380 -9.07 18.22 9.24
CA PHE A 380 -9.12 18.15 10.69
C PHE A 380 -8.02 19.05 11.27
N GLY A 381 -7.88 19.00 12.59
CA GLY A 381 -6.86 19.77 13.28
C GLY A 381 -6.47 19.18 14.62
N HIS A 382 -6.40 20.02 15.65
CA HIS A 382 -6.19 19.60 17.03
C HIS A 382 -4.73 19.26 17.34
N THR A 383 -4.01 18.69 16.37
CA THR A 383 -2.63 18.27 16.62
C THR A 383 -1.64 19.42 16.53
N HIS A 384 -2.01 20.54 15.92
CA HIS A 384 -1.20 21.73 15.80
C HIS A 384 0.02 21.54 14.89
N VAL A 385 0.20 20.37 14.28
CA VAL A 385 1.33 20.12 13.40
C VAL A 385 0.81 19.70 12.04
N ASP A 386 1.69 19.80 11.04
CA ASP A 386 1.33 19.49 9.66
C ASP A 386 1.43 17.99 9.44
N GLU A 387 0.30 17.36 9.15
CA GLU A 387 0.22 15.90 9.09
C GLU A 387 -0.94 15.50 8.18
N PHE A 388 -1.06 14.19 7.98
CA PHE A 388 -2.21 13.61 7.28
C PHE A 388 -2.37 12.17 7.75
N GLU A 389 -3.48 11.55 7.34
CA GLU A 389 -3.74 10.15 7.64
C GLU A 389 -4.46 9.53 6.45
N ILE A 390 -4.04 8.32 6.07
CA ILE A 390 -4.53 7.65 4.88
C ILE A 390 -5.44 6.50 5.28
N PHE A 391 -6.54 6.34 4.55
CA PHE A 391 -7.47 5.23 4.74
C PHE A 391 -7.23 4.16 3.67
N TYR A 392 -7.34 2.90 4.09
CA TYR A 392 -7.19 1.77 3.19
C TYR A 392 -8.45 0.91 3.22
N ASP A 393 -8.51 -0.05 2.30
CA ASP A 393 -9.62 -0.99 2.30
C ASP A 393 -9.62 -1.75 3.61
N GLU A 394 -10.82 -1.96 4.16
CA GLU A 394 -10.95 -2.49 5.52
C GLU A 394 -10.39 -3.89 5.61
N GLU A 395 -10.76 -4.76 4.67
CA GLU A 395 -10.50 -6.18 4.82
C GLU A 395 -9.00 -6.47 4.85
N THR A 396 -8.23 -5.83 3.98
CA THR A 396 -6.81 -6.12 3.83
C THR A 396 -5.90 -4.96 4.18
N LEU A 397 -6.41 -3.73 4.20
CA LEU A 397 -5.58 -2.57 4.53
C LEU A 397 -4.43 -2.43 3.54
N SER A 398 -4.71 -2.74 2.28
CA SER A 398 -3.71 -2.74 1.24
C SER A 398 -3.92 -1.63 0.22
N ARG A 399 -5.15 -1.40 -0.22
CA ARG A 399 -5.43 -0.35 -1.18
C ARG A 399 -5.76 0.95 -0.45
N PRO A 400 -5.03 2.03 -0.67
CA PRO A 400 -5.47 3.32 -0.14
C PRO A 400 -6.72 3.80 -0.86
N LEU A 401 -7.67 4.34 -0.10
CA LEU A 401 -8.94 4.76 -0.64
C LEU A 401 -9.38 6.15 -0.21
N ALA A 402 -8.67 6.79 0.71
CA ALA A 402 -9.03 8.13 1.15
C ALA A 402 -7.90 8.69 2.00
N VAL A 403 -7.92 10.02 2.16
CA VAL A 403 -6.90 10.70 2.96
C VAL A 403 -7.54 11.89 3.65
N ALA A 404 -7.12 12.12 4.89
CA ALA A 404 -7.54 13.28 5.67
C ALA A 404 -6.34 14.21 5.86
N PHE A 405 -6.62 15.50 5.88
CA PHE A 405 -5.59 16.53 6.04
C PHE A 405 -5.65 17.10 7.44
N LEU A 406 -4.51 17.09 8.13
CA LEU A 406 -4.39 17.62 9.48
C LEU A 406 -3.62 18.93 9.40
N ALA A 407 -4.33 20.00 9.07
CA ALA A 407 -3.70 21.31 8.95
C ALA A 407 -3.05 21.70 10.28
N PRO A 408 -1.95 22.44 10.24
CA PRO A 408 -1.33 22.89 11.48
C PRO A 408 -2.08 24.08 12.06
N SER A 409 -1.82 24.32 13.35
CA SER A 409 -2.55 25.32 14.10
C SER A 409 -2.05 26.72 13.78
N ALA A 410 -2.84 27.71 14.19
CA ALA A 410 -2.38 29.09 14.16
C ALA A 410 -1.54 29.43 15.38
N THR A 411 -1.83 28.81 16.52
CA THR A 411 -1.12 29.14 17.74
C THR A 411 0.33 28.65 17.69
N THR A 412 1.17 29.30 18.50
CA THR A 412 2.54 28.83 18.70
C THR A 412 2.59 27.62 19.63
N PHE A 413 1.56 27.42 20.44
CA PHE A 413 1.45 26.28 21.33
C PHE A 413 1.71 24.98 20.54
N ILE A 414 2.88 24.35 20.67
CA ILE A 414 4.03 24.76 21.49
C ILE A 414 5.27 24.88 20.62
N ASN A 415 6.01 25.97 20.79
CA ASN A 415 7.30 26.13 20.13
C ASN A 415 7.16 26.12 18.61
N LEU A 416 5.99 26.53 18.11
CA LEU A 416 5.68 26.50 16.69
C LEU A 416 5.62 27.92 16.13
N ASN A 417 5.85 28.02 14.84
CA ASN A 417 5.49 29.23 14.13
C ASN A 417 3.98 29.23 13.89
N PRO A 418 3.32 30.38 14.00
CA PRO A 418 1.90 30.44 13.62
C PRO A 418 1.76 30.11 12.15
N GLY A 419 0.59 29.60 11.78
CA GLY A 419 0.34 29.27 10.40
C GLY A 419 -1.08 28.82 10.19
N TYR A 420 -1.48 28.87 8.91
CA TYR A 420 -2.77 28.37 8.46
C TYR A 420 -2.58 27.64 7.14
N ARG A 421 -3.66 27.07 6.63
CA ARG A 421 -3.63 26.19 5.47
C ARG A 421 -4.64 26.66 4.44
N VAL A 422 -4.29 26.49 3.17
CA VAL A 422 -5.17 26.83 2.05
C VAL A 422 -5.19 25.64 1.10
N TYR A 423 -6.40 25.19 0.74
CA TYR A 423 -6.58 24.03 -0.12
C TYR A 423 -7.06 24.50 -1.48
N GLN A 424 -6.34 24.10 -2.52
CA GLN A 424 -6.79 24.27 -3.89
C GLN A 424 -7.58 23.02 -4.29
N ILE A 425 -8.85 23.20 -4.62
CA ILE A 425 -9.75 22.08 -4.88
C ILE A 425 -10.35 22.24 -6.27
N ASP A 426 -10.91 21.15 -6.77
CA ASP A 426 -11.60 21.20 -8.05
C ASP A 426 -12.68 22.27 -8.01
N GLY A 427 -12.64 23.18 -8.98
CA GLY A 427 -13.46 24.38 -8.96
C GLY A 427 -14.95 24.15 -8.98
N ASN A 428 -15.73 25.23 -8.94
CA ASN A 428 -17.19 25.15 -8.89
C ASN A 428 -17.72 25.12 -10.31
N TYR A 429 -18.08 23.93 -10.78
CA TYR A 429 -18.57 23.72 -12.13
C TYR A 429 -19.19 22.34 -12.22
N PRO A 430 -20.19 22.13 -13.07
CA PRO A 430 -20.78 20.79 -13.21
C PRO A 430 -19.76 19.78 -13.71
N GLY A 431 -19.89 18.54 -13.22
CA GLY A 431 -18.89 17.53 -13.45
C GLY A 431 -17.68 17.64 -12.57
N SER A 432 -17.68 18.58 -11.62
CA SER A 432 -16.57 18.71 -10.70
C SER A 432 -16.51 17.50 -9.76
N SER A 433 -15.29 17.03 -9.50
CA SER A 433 -15.07 16.02 -8.48
C SER A 433 -15.06 16.62 -7.08
N HIS A 434 -14.86 17.93 -6.96
CA HIS A 434 -14.79 18.62 -5.67
C HIS A 434 -13.61 18.14 -4.83
N VAL A 435 -12.65 17.45 -5.42
CA VAL A 435 -11.54 16.89 -4.66
C VAL A 435 -10.44 17.95 -4.54
N VAL A 436 -9.52 17.70 -3.61
CA VAL A 436 -8.37 18.58 -3.44
C VAL A 436 -7.39 18.35 -4.58
N LEU A 437 -6.86 19.46 -5.11
CA LEU A 437 -5.83 19.42 -6.13
C LEU A 437 -4.45 19.76 -5.60
N ASP A 438 -4.39 20.62 -4.58
CA ASP A 438 -3.15 21.00 -3.93
C ASP A 438 -3.51 21.85 -2.74
N HIS A 439 -2.53 22.13 -1.89
CA HIS A 439 -2.74 23.02 -0.76
C HIS A 439 -1.46 23.78 -0.46
N GLU A 440 -1.64 24.91 0.22
CA GLU A 440 -0.54 25.81 0.57
C GLU A 440 -0.58 26.12 2.05
N THR A 441 0.60 26.30 2.64
CA THR A 441 0.72 26.63 4.05
C THR A 441 1.48 27.95 4.19
N TYR A 442 0.89 28.89 4.93
CA TYR A 442 1.48 30.18 5.22
C TYR A 442 1.80 30.27 6.71
N ILE A 443 2.90 30.96 7.04
CA ILE A 443 3.36 31.06 8.42
C ILE A 443 3.69 32.50 8.73
N LEU A 444 4.09 32.73 9.98
CA LEU A 444 4.64 33.99 10.44
C LEU A 444 5.94 33.70 11.15
N ASN A 445 7.04 34.23 10.62
CA ASN A 445 8.36 33.96 11.20
C ASN A 445 8.55 34.89 12.38
N LEU A 446 8.27 34.39 13.59
CA LEU A 446 8.38 35.22 14.78
C LEU A 446 9.80 35.70 15.02
N THR A 447 10.78 34.84 14.76
CA THR A 447 12.17 35.24 14.92
C THR A 447 12.43 36.59 14.26
N GLN A 448 11.85 36.80 13.08
CA GLN A 448 12.00 38.05 12.36
C GLN A 448 10.98 39.11 12.79
N ALA A 449 9.77 38.69 13.16
CA ALA A 449 8.74 39.64 13.56
C ALA A 449 9.06 40.26 14.92
N ASN A 450 9.31 39.41 15.92
CA ASN A 450 9.62 39.90 17.25
C ASN A 450 11.01 40.49 17.37
N ALA A 451 11.82 40.43 16.31
CA ALA A 451 13.14 41.02 16.34
C ALA A 451 13.04 42.53 16.48
N ALA A 452 14.13 43.14 16.98
CA ALA A 452 14.17 44.58 17.15
C ALA A 452 14.00 45.27 15.80
N GLY A 453 12.96 46.10 15.69
CA GLY A 453 12.64 46.71 14.42
C GLY A 453 12.00 45.78 13.43
N GLY A 454 11.55 44.61 13.86
CA GLY A 454 10.94 43.65 12.96
C GLY A 454 9.46 43.91 12.76
N THR A 455 8.98 43.56 11.57
CA THR A 455 7.59 43.75 11.18
C THR A 455 6.94 42.42 10.87
N PRO A 456 5.70 42.19 11.29
CA PRO A 456 5.04 40.93 10.95
C PRO A 456 4.86 40.78 9.46
N SER A 457 5.35 39.65 8.93
CA SER A 457 5.29 39.38 7.49
C SER A 457 4.89 37.92 7.29
N TRP A 458 3.67 37.70 6.81
CA TRP A 458 3.22 36.36 6.46
C TRP A 458 3.79 35.97 5.10
N LYS A 459 4.26 34.74 5.01
CA LYS A 459 4.83 34.23 3.77
C LYS A 459 4.38 32.79 3.58
N ARG A 460 4.38 32.35 2.33
CA ARG A 460 4.13 30.96 2.03
C ARG A 460 5.34 30.14 2.43
N LEU A 461 5.16 29.28 3.44
CA LEU A 461 6.26 28.41 3.84
C LEU A 461 6.66 27.47 2.71
N TYR A 462 5.67 26.91 2.03
CA TYR A 462 5.92 25.92 1.00
C TYR A 462 4.61 25.63 0.27
N ARG A 463 4.68 24.81 -0.77
CA ARG A 463 3.51 24.25 -1.42
C ARG A 463 3.65 22.74 -1.51
N ALA A 464 2.52 22.05 -1.38
CA ALA A 464 2.52 20.59 -1.28
C ALA A 464 3.20 19.93 -2.47
N ARG A 465 2.50 19.85 -3.60
CA ARG A 465 3.05 19.17 -4.77
C ARG A 465 4.41 19.72 -5.17
N GLU A 466 4.71 20.97 -4.82
CA GLU A 466 5.99 21.56 -5.16
C GLU A 466 7.13 20.88 -4.43
N THR A 467 7.13 20.94 -3.09
CA THR A 467 8.27 20.46 -2.32
C THR A 467 8.34 18.94 -2.30
N TYR A 468 7.19 18.27 -2.33
CA TYR A 468 7.17 16.82 -2.32
C TYR A 468 7.06 16.21 -3.71
N GLY A 469 6.89 17.03 -4.75
CA GLY A 469 6.86 16.54 -6.11
C GLY A 469 5.85 15.44 -6.33
N LEU A 470 4.57 15.74 -6.05
CA LEU A 470 3.54 14.74 -6.20
C LEU A 470 2.76 14.96 -7.49
N PRO A 471 2.30 13.90 -8.13
CA PRO A 471 1.48 14.08 -9.34
C PRO A 471 0.08 14.60 -9.03
N ASP A 472 -0.48 14.25 -7.89
CA ASP A 472 -1.82 14.68 -7.51
C ASP A 472 -1.94 14.57 -6.00
N ALA A 473 -3.10 14.98 -5.47
CA ALA A 473 -3.38 14.93 -4.05
C ALA A 473 -4.24 13.74 -3.66
N MET A 474 -4.26 12.70 -4.49
CA MET A 474 -5.04 11.51 -4.20
C MET A 474 -4.26 10.58 -3.27
N PRO A 475 -4.95 9.65 -2.61
CA PRO A 475 -4.27 8.85 -1.57
C PRO A 475 -3.03 8.11 -2.07
N ALA A 476 -3.08 7.55 -3.27
CA ALA A 476 -1.94 6.76 -3.76
C ALA A 476 -0.65 7.56 -3.69
N SER A 477 -0.69 8.81 -4.17
CA SER A 477 0.50 9.65 -4.13
C SER A 477 1.04 9.78 -2.71
N TRP A 478 0.15 10.00 -1.74
CA TRP A 478 0.57 10.11 -0.35
C TRP A 478 1.06 8.77 0.18
N HIS A 479 0.39 7.69 -0.18
CA HIS A 479 0.85 6.36 0.20
C HIS A 479 2.31 6.17 -0.18
N ASN A 480 2.63 6.37 -1.46
CA ASN A 480 4.01 6.25 -1.90
C ASN A 480 4.91 7.19 -1.12
N LEU A 481 4.43 8.41 -0.84
CA LEU A 481 5.25 9.39 -0.15
C LEU A 481 5.75 8.87 1.18
N VAL A 482 4.91 8.16 1.93
CA VAL A 482 5.31 7.71 3.26
C VAL A 482 6.51 6.78 3.18
N TYR A 483 6.36 5.66 2.48
CA TYR A 483 7.44 4.69 2.42
C TYR A 483 8.69 5.29 1.79
N ARG A 484 8.53 6.28 0.92
CA ARG A 484 9.68 6.98 0.37
C ARG A 484 10.54 7.58 1.48
N MET A 485 9.91 8.28 2.42
CA MET A 485 10.66 8.93 3.49
C MET A 485 11.30 7.93 4.44
N ARG A 486 10.73 6.72 4.54
CA ARG A 486 11.35 5.69 5.36
C ARG A 486 12.76 5.40 4.87
N ASP A 487 12.98 5.46 3.56
CA ASP A 487 14.27 5.13 2.97
C ASP A 487 15.20 6.34 2.92
N ASP A 488 14.69 7.50 2.51
CA ASP A 488 15.50 8.70 2.40
C ASP A 488 15.45 9.50 3.70
N GLU A 489 16.63 9.84 4.23
CA GLU A 489 16.72 10.61 5.46
C GLU A 489 16.50 12.10 5.21
N GLN A 490 17.24 12.67 4.26
CA GLN A 490 17.16 14.10 4.02
C GLN A 490 15.74 14.55 3.69
N LEU A 491 14.97 13.70 3.01
CA LEU A 491 13.61 14.06 2.65
C LEU A 491 12.74 14.21 3.89
N PHE A 492 12.82 13.25 4.82
CA PHE A 492 12.07 13.38 6.06
C PHE A 492 12.50 14.61 6.83
N GLN A 493 13.80 14.93 6.82
CA GLN A 493 14.27 16.12 7.51
C GLN A 493 13.58 17.37 6.98
N THR A 494 13.25 17.38 5.69
CA THR A 494 12.42 18.44 5.14
C THR A 494 11.01 18.36 5.69
N PHE A 495 10.37 17.20 5.55
CA PHE A 495 9.04 17.01 6.14
C PHE A 495 9.04 17.40 7.61
N TRP A 496 10.03 16.92 8.36
CA TRP A 496 10.17 17.31 9.77
C TRP A 496 10.14 18.82 9.91
N PHE A 497 10.79 19.53 8.99
CA PHE A 497 10.82 20.99 9.07
C PHE A 497 9.43 21.58 8.87
N LEU A 498 8.71 21.12 7.85
CA LEU A 498 7.35 21.60 7.61
C LEU A 498 6.38 21.07 8.63
N TYR A 499 6.67 19.90 9.20
CA TYR A 499 5.88 19.36 10.30
C TYR A 499 5.65 20.40 11.39
N HIS A 500 6.66 21.24 11.65
CA HIS A 500 6.61 22.24 12.71
C HIS A 500 6.45 23.65 12.18
N LYS A 501 5.87 23.79 10.98
CA LYS A 501 5.59 25.12 10.41
C LYS A 501 6.85 25.97 10.35
N GLY A 502 7.97 25.34 10.00
CA GLY A 502 9.20 26.07 9.85
C GLY A 502 9.96 26.34 11.13
N HIS A 503 9.56 25.73 12.24
CA HIS A 503 10.27 25.88 13.52
C HIS A 503 10.38 24.51 14.17
N PRO A 504 11.32 23.69 13.72
CA PRO A 504 11.42 22.33 14.26
C PRO A 504 12.16 22.32 15.59
N PRO A 505 12.10 21.20 16.31
CA PRO A 505 12.79 21.13 17.61
C PRO A 505 14.30 21.02 17.46
N SER A 506 15.00 21.02 18.58
CA SER A 506 16.45 20.87 18.58
C SER A 506 16.85 19.41 18.45
N GLU A 507 16.20 18.53 19.20
CA GLU A 507 16.55 17.12 19.16
C GLU A 507 16.39 16.57 17.74
N PRO A 508 17.42 15.96 17.17
CA PRO A 508 17.23 15.31 15.86
C PRO A 508 16.29 14.13 16.00
N CYS A 509 15.48 13.93 14.96
CA CYS A 509 14.50 12.85 14.95
C CYS A 509 15.21 11.57 14.52
N GLY A 510 15.54 10.71 15.47
CA GLY A 510 16.11 9.43 15.14
C GLY A 510 15.11 8.54 14.44
N THR A 511 15.62 7.44 13.90
CA THR A 511 14.76 6.45 13.26
C THR A 511 13.53 6.11 14.12
N PRO A 512 13.65 5.81 15.41
CA PRO A 512 12.44 5.53 16.19
C PRO A 512 11.47 6.69 16.20
N CYS A 513 11.98 7.91 16.36
CA CYS A 513 11.14 9.09 16.20
C CYS A 513 10.56 9.13 14.79
N ARG A 514 11.38 8.88 13.79
CA ARG A 514 10.93 8.87 12.40
C ARG A 514 9.78 7.88 12.22
N LEU A 515 10.04 6.60 12.50
CA LEU A 515 9.03 5.57 12.27
C LEU A 515 7.77 5.85 13.09
N ALA A 516 7.92 6.29 14.34
CA ALA A 516 6.76 6.69 15.13
C ALA A 516 5.95 7.74 14.37
N THR A 517 6.63 8.78 13.89
CA THR A 517 5.97 9.81 13.11
C THR A 517 5.28 9.22 11.89
N LEU A 518 6.01 8.39 11.14
CA LEU A 518 5.47 7.82 9.90
C LEU A 518 4.33 6.86 10.21
N CYS A 519 4.48 6.03 11.24
CA CYS A 519 3.40 5.13 11.64
C CYS A 519 2.10 5.90 11.88
N ALA A 520 2.20 7.08 12.48
CA ALA A 520 1.00 7.88 12.72
C ALA A 520 0.32 8.25 11.41
N GLN A 521 1.09 8.51 10.36
CA GLN A 521 0.50 8.92 9.08
C GLN A 521 -0.36 7.81 8.50
N LEU A 522 -0.05 6.56 8.81
CA LEU A 522 -0.86 5.43 8.35
C LEU A 522 -1.98 5.09 9.32
N SER A 523 -1.85 5.47 10.59
CA SER A 523 -2.80 5.05 11.62
C SER A 523 -3.99 6.00 11.64
N ALA A 524 -4.81 5.87 10.60
CA ALA A 524 -6.12 6.54 10.59
C ALA A 524 -7.14 5.80 11.45
N ARG A 525 -6.73 4.72 12.12
CA ARG A 525 -7.61 3.94 12.98
C ARG A 525 -6.86 3.67 14.27
N ALA A 526 -7.59 3.73 15.39
CA ALA A 526 -6.96 3.70 16.69
C ALA A 526 -6.59 2.28 17.09
N ASP A 527 -5.43 2.14 17.73
CA ASP A 527 -4.98 0.89 18.31
C ASP A 527 -5.08 -0.26 17.31
N SER A 528 -4.32 -0.13 16.23
CA SER A 528 -4.27 -1.13 15.17
C SER A 528 -2.85 -1.19 14.64
N PRO A 529 -1.99 -2.02 15.24
CA PRO A 529 -0.60 -2.09 14.77
C PRO A 529 -0.46 -2.61 13.35
N ALA A 530 -1.45 -3.33 12.84
CA ALA A 530 -1.34 -3.90 11.50
C ALA A 530 -1.06 -2.83 10.46
N LEU A 531 -1.52 -1.60 10.70
CA LEU A 531 -1.32 -0.54 9.72
C LEU A 531 0.13 -0.09 9.65
N CYS A 532 0.90 -0.28 10.72
CA CYS A 532 2.33 0.03 10.72
C CYS A 532 3.18 -1.22 10.57
N ARG A 533 2.61 -2.27 9.97
CA ARG A 533 3.34 -3.52 9.78
C ARG A 533 4.48 -3.34 8.78
N HIS A 534 4.24 -2.61 7.69
CA HIS A 534 5.24 -2.47 6.63
C HIS A 534 6.40 -1.55 7.02
N LEU A 535 6.27 -0.78 8.09
CA LEU A 535 7.33 0.16 8.46
C LEU A 535 8.50 -0.54 9.12
N MET A 536 8.24 -1.52 9.97
CA MET A 536 9.30 -2.26 10.62
C MET A 536 8.91 -3.74 10.63
N PRO A 537 9.83 -4.65 10.28
CA PRO A 537 9.54 -6.08 10.37
C PRO A 537 9.93 -6.67 11.72
N ASN B 11 28.10 -3.68 -58.58
CA ASN B 11 28.36 -2.74 -59.66
C ASN B 11 27.96 -1.32 -59.22
N LEU B 12 26.97 -0.73 -59.90
CA LEU B 12 26.58 0.65 -59.62
C LEU B 12 25.68 0.75 -58.40
N THR B 13 24.92 -0.30 -58.09
CA THR B 13 23.93 -0.21 -57.02
C THR B 13 24.54 -0.38 -55.64
N CYS B 14 25.68 -1.07 -55.54
CA CYS B 14 26.28 -1.35 -54.23
C CYS B 14 26.56 -0.07 -53.45
N PRO B 15 27.19 0.96 -54.01
CA PRO B 15 27.42 2.17 -53.21
C PRO B 15 26.16 2.86 -52.75
N ALA B 16 25.15 2.96 -53.63
CA ALA B 16 23.92 3.66 -53.28
C ALA B 16 23.35 3.17 -51.96
N CYS B 17 23.44 1.87 -51.70
CA CYS B 17 22.97 1.32 -50.43
C CYS B 17 23.69 1.98 -49.25
N LYS B 18 25.02 1.91 -49.25
CA LYS B 18 25.79 2.46 -48.13
C LYS B 18 25.56 3.96 -47.97
N VAL B 19 25.30 4.66 -49.07
CA VAL B 19 25.02 6.09 -49.01
C VAL B 19 23.65 6.34 -48.39
N LEU B 20 22.62 5.75 -49.00
CA LEU B 20 21.25 6.00 -48.57
C LEU B 20 21.08 5.75 -47.08
N PHE B 21 21.56 4.60 -46.59
CA PHE B 21 21.37 4.27 -45.18
C PHE B 21 22.04 5.28 -44.27
N THR B 22 23.18 5.82 -44.67
CA THR B 22 23.87 6.81 -43.85
C THR B 22 22.97 8.02 -43.60
N ALA B 23 22.26 8.47 -44.64
CA ALA B 23 21.40 9.64 -44.50
C ALA B 23 20.24 9.35 -43.57
N LEU B 24 19.58 8.20 -43.73
CA LEU B 24 18.47 7.83 -42.87
C LEU B 24 18.90 7.82 -41.41
N ASN B 25 20.01 7.13 -41.11
CA ASN B 25 20.52 7.12 -39.74
C ASN B 25 20.71 8.53 -39.22
N HIS B 26 21.15 9.44 -40.09
CA HIS B 26 21.34 10.82 -39.67
C HIS B 26 20.00 11.51 -39.43
N GLY B 27 19.01 11.23 -40.27
CA GLY B 27 17.67 11.78 -40.07
C GLY B 27 16.99 11.27 -38.82
N LEU B 28 17.42 10.09 -38.33
CA LEU B 28 16.86 9.55 -37.11
C LEU B 28 17.51 10.14 -35.87
N LYS B 29 18.65 10.81 -36.01
CA LYS B 29 19.21 11.57 -34.91
C LYS B 29 18.31 12.73 -34.51
N LYS B 30 17.37 13.10 -35.38
CA LYS B 30 16.43 14.18 -35.11
C LYS B 30 15.14 13.59 -34.55
N GLU B 31 14.79 13.96 -33.33
CA GLU B 31 13.59 13.43 -32.70
C GLU B 31 12.30 13.77 -33.44
N PRO B 32 12.13 14.95 -34.05
CA PRO B 32 10.84 15.23 -34.71
C PRO B 32 10.49 14.21 -35.78
N ASN B 33 11.49 13.68 -36.49
CA ASN B 33 11.24 12.67 -37.51
C ASN B 33 10.76 11.37 -36.88
N VAL B 34 11.37 10.97 -35.76
CA VAL B 34 11.00 9.72 -35.10
C VAL B 34 9.49 9.67 -34.85
N ALA B 35 8.90 10.81 -34.49
CA ALA B 35 7.46 10.86 -34.29
C ALA B 35 6.73 10.35 -35.52
N ARG B 36 7.11 10.82 -36.70
CA ARG B 36 6.58 10.27 -37.94
C ARG B 36 6.84 8.78 -38.03
N VAL B 37 8.09 8.38 -37.76
CA VAL B 37 8.41 6.95 -37.70
C VAL B 37 7.51 6.26 -36.69
N GLY B 38 7.34 6.87 -35.52
CA GLY B 38 6.41 6.33 -34.54
C GLY B 38 4.99 6.30 -35.07
N SER B 39 4.60 7.34 -35.81
CA SER B 39 3.24 7.38 -36.36
C SER B 39 2.95 6.13 -37.17
N VAL B 40 3.94 5.63 -37.91
CA VAL B 40 3.73 4.46 -38.75
C VAL B 40 3.38 3.25 -37.89
N ALA B 41 4.25 2.93 -36.92
CA ALA B 41 3.98 1.81 -36.03
C ALA B 41 2.62 1.96 -35.36
N ILE B 42 2.25 3.20 -35.02
CA ILE B 42 0.92 3.44 -34.46
C ILE B 42 -0.15 3.09 -35.49
N LYS B 43 -0.01 3.63 -36.70
CA LYS B 43 -0.94 3.31 -37.78
C LYS B 43 -1.15 1.80 -37.88
N ILE B 44 -0.05 1.04 -37.83
CA ILE B 44 -0.16 -0.41 -37.87
C ILE B 44 -1.07 -0.91 -36.75
N CYS B 45 -0.80 -0.45 -35.52
CA CYS B 45 -1.57 -0.90 -34.37
C CYS B 45 -3.07 -0.72 -34.62
N LYS B 46 -3.46 0.39 -35.24
CA LYS B 46 -4.84 0.60 -35.63
C LYS B 46 -5.32 -0.48 -36.58
N MET B 47 -4.73 -0.49 -37.79
CA MET B 47 -5.30 -1.25 -38.89
C MET B 47 -5.44 -2.73 -38.57
N LEU B 48 -4.49 -3.28 -37.80
CA LEU B 48 -4.54 -4.69 -37.43
C LEU B 48 -5.28 -4.94 -36.13
N ASN B 49 -5.91 -3.90 -35.56
CA ASN B 49 -6.67 -4.04 -34.32
C ASN B 49 -5.83 -4.73 -33.25
N ILE B 50 -4.57 -4.30 -33.13
CA ILE B 50 -3.69 -4.87 -32.13
C ILE B 50 -4.17 -4.49 -30.73
N ALA B 51 -4.60 -3.25 -30.55
CA ALA B 51 -5.00 -2.74 -29.24
C ALA B 51 -5.68 -1.39 -29.44
N PRO B 52 -6.40 -0.91 -28.42
CA PRO B 52 -6.91 0.46 -28.48
C PRO B 52 -5.80 1.44 -28.81
N LEU B 53 -6.18 2.56 -29.46
CA LEU B 53 -5.18 3.49 -29.96
C LEU B 53 -4.36 4.10 -28.83
N ASP B 54 -5.02 4.50 -27.73
CA ASP B 54 -4.29 5.03 -26.59
C ASP B 54 -3.19 4.07 -26.15
N VAL B 55 -3.51 2.77 -26.08
CA VAL B 55 -2.50 1.77 -25.80
C VAL B 55 -1.46 1.72 -26.91
N CYS B 56 -1.89 1.94 -28.15
CA CYS B 56 -0.94 2.00 -29.27
C CYS B 56 0.01 3.17 -29.09
N GLN B 57 -0.54 4.38 -29.01
CA GLN B 57 0.30 5.57 -28.97
C GLN B 57 1.19 5.57 -27.73
N SER B 58 0.65 5.14 -26.58
CA SER B 58 1.43 5.16 -25.35
C SER B 58 2.64 4.25 -25.45
N ALA B 59 2.43 3.04 -25.94
CA ALA B 59 3.54 2.07 -26.02
C ALA B 59 4.59 2.51 -27.03
N VAL B 60 4.15 2.92 -28.22
CA VAL B 60 5.10 3.35 -29.25
C VAL B 60 6.02 4.43 -28.71
N HIS B 61 5.45 5.45 -28.06
CA HIS B 61 6.26 6.55 -27.56
C HIS B 61 7.30 6.05 -26.57
N LEU B 62 7.02 4.97 -25.86
CA LEU B 62 8.02 4.38 -24.97
C LEU B 62 9.10 3.63 -25.74
N PHE B 63 8.73 2.99 -26.85
CA PHE B 63 9.64 2.17 -27.63
C PHE B 63 10.43 2.96 -28.66
N GLU B 64 9.75 3.83 -29.41
CA GLU B 64 10.31 4.42 -30.62
C GLU B 64 11.74 4.88 -30.42
N ASP B 65 12.03 5.53 -29.29
CA ASP B 65 13.34 6.15 -29.09
C ASP B 65 14.44 5.09 -29.09
N ASP B 66 14.31 4.06 -28.25
CA ASP B 66 15.37 3.07 -28.13
C ASP B 66 15.31 2.04 -29.25
N VAL B 67 14.12 1.65 -29.68
CA VAL B 67 14.00 0.67 -30.76
C VAL B 67 14.62 1.23 -32.03
N VAL B 68 14.35 2.49 -32.35
CA VAL B 68 14.99 3.10 -33.51
C VAL B 68 16.49 3.18 -33.32
N GLU B 69 16.94 3.30 -32.07
CA GLU B 69 18.38 3.36 -31.79
C GLU B 69 19.06 2.05 -32.21
N VAL B 70 18.53 0.92 -31.73
CA VAL B 70 19.17 -0.37 -32.03
C VAL B 70 19.16 -0.63 -33.52
N TRP B 71 18.04 -0.30 -34.18
CA TRP B 71 17.94 -0.53 -35.60
C TRP B 71 19.08 0.13 -36.35
N THR B 72 19.40 1.38 -35.99
CA THR B 72 20.50 2.07 -36.63
C THR B 72 21.82 1.34 -36.42
N ARG B 73 21.99 0.69 -35.28
CA ARG B 73 23.20 -0.05 -34.97
C ARG B 73 23.18 -1.48 -35.49
N SER B 74 22.11 -1.90 -36.17
CA SER B 74 21.97 -3.29 -36.56
C SER B 74 21.28 -3.42 -37.92
N VAL B 75 19.95 -3.54 -37.90
CA VAL B 75 19.20 -3.81 -39.12
C VAL B 75 19.54 -2.78 -40.20
N LEU B 76 19.49 -1.50 -39.83
CA LEU B 76 19.70 -0.42 -40.79
C LEU B 76 21.16 0.03 -40.88
N SER B 77 22.07 -0.68 -40.21
CA SER B 77 23.48 -0.37 -40.40
C SER B 77 23.86 -0.61 -41.86
N PRO B 78 24.69 0.25 -42.46
CA PRO B 78 25.02 0.05 -43.89
C PRO B 78 25.60 -1.32 -44.17
N SER B 79 26.66 -1.71 -43.45
CA SER B 79 27.28 -3.00 -43.69
C SER B 79 26.26 -4.13 -43.51
N GLU B 80 25.39 -4.02 -42.50
CA GLU B 80 24.44 -5.09 -42.22
C GLU B 80 23.34 -5.13 -43.28
N ALA B 81 22.74 -3.98 -43.58
CA ALA B 81 21.60 -3.95 -44.48
C ALA B 81 21.98 -4.36 -45.90
N CYS B 82 23.09 -3.80 -46.41
CA CYS B 82 23.48 -4.08 -47.79
C CYS B 82 23.83 -5.55 -47.97
N GLY B 83 24.44 -6.16 -46.95
CA GLY B 83 24.80 -7.56 -47.06
C GLY B 83 23.59 -8.45 -47.29
N LEU B 84 22.46 -8.12 -46.67
CA LEU B 84 21.25 -8.91 -46.85
C LEU B 84 20.70 -8.74 -48.26
N LEU B 85 20.60 -7.50 -48.73
CA LEU B 85 19.96 -7.24 -50.02
C LEU B 85 20.84 -7.67 -51.19
N LEU B 86 22.14 -7.40 -51.10
CA LEU B 86 23.04 -7.59 -52.23
C LEU B 86 23.93 -8.82 -52.11
N GLY B 87 24.06 -9.37 -50.90
CA GLY B 87 24.89 -10.54 -50.69
C GLY B 87 26.24 -10.19 -50.10
N SER B 88 27.04 -11.24 -49.92
CA SER B 88 28.36 -11.07 -49.30
C SER B 88 29.22 -10.10 -50.10
N SER B 89 28.97 -9.98 -51.41
CA SER B 89 29.83 -9.14 -52.25
C SER B 89 29.83 -7.70 -51.77
N CYS B 90 28.67 -7.19 -51.34
CA CYS B 90 28.53 -5.78 -50.94
C CYS B 90 27.87 -5.73 -49.56
N GLY B 91 28.64 -6.03 -48.53
CA GLY B 91 28.18 -5.90 -47.16
C GLY B 91 28.31 -7.20 -46.40
N HIS B 92 27.71 -7.22 -45.21
CA HIS B 92 27.85 -8.34 -44.29
C HIS B 92 26.70 -8.32 -43.30
N TRP B 93 25.85 -9.35 -43.34
CA TRP B 93 24.64 -9.43 -42.53
C TRP B 93 24.86 -10.43 -41.40
N ASP B 94 24.79 -9.94 -40.15
CA ASP B 94 25.06 -10.78 -38.99
C ASP B 94 24.06 -10.56 -37.86
N ILE B 95 22.85 -10.08 -38.16
CA ILE B 95 21.91 -9.73 -37.11
C ILE B 95 21.63 -10.94 -36.22
N PHE B 96 21.03 -11.98 -36.79
CA PHE B 96 20.79 -13.22 -36.06
C PHE B 96 21.62 -14.33 -36.67
N SER B 97 22.92 -14.09 -36.80
CA SER B 97 23.82 -15.11 -37.29
C SER B 97 24.05 -16.18 -36.23
N THR B 98 24.51 -17.34 -36.68
CA THR B 98 24.80 -18.44 -35.78
C THR B 98 26.21 -18.32 -35.22
N TRP B 99 26.42 -18.87 -34.03
CA TRP B 99 27.70 -18.78 -33.35
C TRP B 99 27.87 -20.00 -32.45
N ASN B 100 29.13 -20.29 -32.12
CA ASN B 100 29.49 -21.50 -31.40
C ASN B 100 30.31 -21.16 -30.16
N ILE B 101 30.36 -22.10 -29.24
CA ILE B 101 31.07 -21.94 -27.97
C ILE B 101 32.18 -22.99 -27.90
N SER B 102 33.32 -22.58 -27.35
CA SER B 102 34.45 -23.48 -27.14
C SER B 102 34.46 -23.96 -25.70
N LEU B 103 34.62 -25.26 -25.52
CA LEU B 103 34.66 -25.88 -24.20
C LEU B 103 36.10 -26.07 -23.75
N PRO B 104 36.32 -26.35 -22.47
CA PRO B 104 37.69 -26.57 -21.99
C PRO B 104 38.30 -27.84 -22.58
N SER B 105 39.61 -27.96 -22.41
CA SER B 105 40.34 -29.14 -22.86
C SER B 105 40.29 -30.29 -21.86
N VAL B 106 39.60 -30.12 -20.75
CA VAL B 106 39.51 -31.17 -19.73
C VAL B 106 38.73 -32.35 -20.31
N PRO B 107 39.25 -33.56 -20.27
CA PRO B 107 38.43 -34.72 -20.68
C PRO B 107 37.21 -34.84 -19.79
N LYS B 108 36.06 -35.01 -20.40
CA LYS B 108 34.82 -35.23 -19.66
C LYS B 108 34.95 -36.50 -18.82
N PRO B 109 34.77 -36.43 -17.50
CA PRO B 109 34.82 -37.65 -16.70
C PRO B 109 33.69 -38.59 -17.07
N PRO B 110 33.84 -39.89 -16.82
CA PRO B 110 32.78 -40.83 -17.19
C PRO B 110 31.45 -40.41 -16.61
N PRO B 111 30.37 -40.46 -17.40
CA PRO B 111 29.06 -40.09 -16.86
C PRO B 111 28.69 -40.94 -15.65
N LYS B 112 27.97 -40.32 -14.72
CA LYS B 112 27.60 -40.98 -13.47
C LYS B 112 26.34 -40.33 -12.91
N PRO B 113 25.24 -41.06 -12.78
CA PRO B 113 24.03 -40.45 -12.20
C PRO B 113 23.97 -40.66 -10.70
N PRO B 114 23.34 -39.74 -9.97
CA PRO B 114 23.31 -39.87 -8.50
C PRO B 114 22.53 -41.09 -8.04
N SER B 115 23.06 -41.76 -7.02
CA SER B 115 22.34 -42.85 -6.39
C SER B 115 21.18 -42.29 -5.56
N PRO B 116 20.09 -43.05 -5.43
CA PRO B 116 18.98 -42.56 -4.61
C PRO B 116 19.44 -42.27 -3.21
N PRO B 117 18.87 -41.25 -2.56
CA PRO B 117 19.31 -40.93 -1.19
C PRO B 117 19.05 -42.07 -0.22
N ALA B 118 19.93 -42.20 0.76
CA ALA B 118 19.81 -43.25 1.74
C ALA B 118 18.65 -42.97 2.71
N PRO B 119 18.20 -43.98 3.45
CA PRO B 119 17.19 -43.73 4.49
C PRO B 119 17.72 -42.78 5.55
N GLY B 120 16.85 -41.90 6.02
CA GLY B 120 17.20 -40.95 7.05
C GLY B 120 18.00 -39.76 6.59
N ALA B 121 18.45 -39.74 5.34
CA ALA B 121 19.18 -38.60 4.83
C ALA B 121 18.35 -37.33 5.00
N PRO B 122 18.97 -36.19 5.29
CA PRO B 122 18.18 -34.96 5.44
C PRO B 122 17.62 -34.50 4.10
N VAL B 123 16.47 -33.84 4.16
CA VAL B 123 15.84 -33.26 2.99
C VAL B 123 15.79 -31.76 3.19
N SER B 124 15.98 -31.02 2.11
CA SER B 124 15.89 -29.57 2.10
C SER B 124 14.66 -29.15 1.33
N ARG B 125 13.92 -28.19 1.88
CA ARG B 125 12.75 -27.62 1.23
C ARG B 125 13.07 -26.22 0.76
N VAL B 126 12.84 -25.96 -0.52
CA VAL B 126 13.13 -24.67 -1.15
C VAL B 126 11.84 -24.14 -1.74
N LEU B 127 11.49 -22.91 -1.37
CA LEU B 127 10.34 -22.25 -1.95
C LEU B 127 10.71 -21.66 -3.30
N PHE B 128 9.77 -21.71 -4.25
CA PHE B 128 9.97 -21.19 -5.57
C PHE B 128 8.81 -20.27 -5.93
N LEU B 129 9.14 -19.03 -6.28
CA LEU B 129 8.16 -18.03 -6.68
C LEU B 129 8.52 -17.49 -8.06
N THR B 130 7.50 -17.20 -8.86
CA THR B 130 7.74 -16.71 -10.21
C THR B 130 6.50 -15.99 -10.72
N ASP B 131 6.72 -14.99 -11.56
CA ASP B 131 5.66 -14.29 -12.29
C ASP B 131 4.57 -13.81 -11.34
N LEU B 132 5.01 -13.04 -10.34
CA LEU B 132 4.08 -12.46 -9.38
C LEU B 132 3.17 -11.44 -10.05
N HIS B 133 3.73 -10.60 -10.91
CA HIS B 133 2.97 -9.66 -11.72
C HIS B 133 1.98 -8.87 -10.87
N TRP B 134 2.48 -7.87 -10.15
CA TRP B 134 1.64 -7.01 -9.32
C TRP B 134 1.12 -5.85 -10.16
N ASP B 135 -0.20 -5.65 -10.13
CA ASP B 135 -0.83 -4.55 -10.85
C ASP B 135 -1.31 -3.53 -9.83
N HIS B 136 -0.58 -2.41 -9.72
CA HIS B 136 -0.94 -1.37 -8.77
C HIS B 136 -2.26 -0.70 -9.13
N GLU B 137 -2.67 -0.76 -10.40
CA GLU B 137 -3.96 -0.21 -10.82
C GLU B 137 -5.08 -1.23 -10.72
N TYR B 138 -4.79 -2.46 -10.31
CA TYR B 138 -5.85 -3.44 -10.16
C TYR B 138 -6.94 -2.88 -9.27
N LEU B 139 -8.18 -2.99 -9.76
CA LEU B 139 -9.31 -2.39 -9.07
C LEU B 139 -10.47 -3.36 -9.12
N GLU B 140 -11.03 -3.67 -7.95
CA GLU B 140 -12.17 -4.56 -7.87
C GLU B 140 -13.37 -3.96 -8.60
N GLY B 141 -14.18 -4.83 -9.20
CA GLY B 141 -15.38 -4.42 -9.89
C GLY B 141 -15.18 -3.86 -11.29
N THR B 142 -13.96 -3.48 -11.64
CA THR B 142 -13.70 -2.93 -12.96
C THR B 142 -13.89 -3.99 -14.04
N ASP B 143 -14.04 -3.53 -15.27
CA ASP B 143 -14.26 -4.41 -16.41
C ASP B 143 -13.11 -5.39 -16.53
N PRO B 144 -13.32 -6.69 -16.29
CA PRO B 144 -12.26 -7.66 -16.58
C PRO B 144 -12.08 -7.91 -18.06
N TYR B 145 -13.05 -7.56 -18.88
CA TYR B 145 -13.02 -7.85 -20.31
C TYR B 145 -12.99 -6.56 -21.11
N CYS B 146 -12.03 -5.69 -20.77
CA CYS B 146 -11.87 -4.41 -21.43
C CYS B 146 -11.18 -4.57 -22.79
N ALA B 147 -11.12 -3.48 -23.53
CA ALA B 147 -10.43 -3.51 -24.82
C ALA B 147 -8.91 -3.51 -24.65
N ASP B 148 -8.41 -2.93 -23.57
CA ASP B 148 -6.98 -2.83 -23.38
C ASP B 148 -6.38 -4.22 -23.19
N PRO B 149 -5.07 -4.37 -23.44
CA PRO B 149 -4.44 -5.69 -23.27
C PRO B 149 -4.46 -6.21 -21.84
N LEU B 150 -4.68 -5.33 -20.85
CA LEU B 150 -4.74 -5.73 -19.45
C LEU B 150 -5.98 -5.08 -18.82
N CYS B 151 -6.72 -5.87 -18.04
CA CYS B 151 -7.99 -5.39 -17.49
C CYS B 151 -8.04 -5.55 -15.97
N CYS B 152 -9.24 -5.41 -15.39
CA CYS B 152 -9.45 -5.47 -13.94
C CYS B 152 -8.68 -4.36 -13.22
N ARG B 153 -8.67 -3.17 -13.80
CA ARG B 153 -7.87 -2.11 -13.23
C ARG B 153 -8.46 -0.76 -13.63
N ARG B 154 -7.71 0.29 -13.36
CA ARG B 154 -8.10 1.64 -13.72
C ARG B 154 -7.85 1.86 -15.21
N GLY B 155 -8.87 2.33 -15.91
CA GLY B 155 -8.84 2.43 -17.35
C GLY B 155 -9.55 1.29 -18.06
N SER B 156 -9.75 0.17 -17.38
CA SER B 156 -10.47 -0.95 -17.97
C SER B 156 -11.93 -0.63 -18.24
N GLY B 157 -12.47 0.38 -17.57
CA GLY B 157 -13.89 0.58 -17.57
C GLY B 157 -14.54 -0.39 -16.60
N TRP B 158 -15.85 -0.52 -16.73
CA TRP B 158 -16.61 -1.37 -15.85
C TRP B 158 -17.52 -2.30 -16.64
N PRO B 159 -17.82 -3.48 -16.09
CA PRO B 159 -18.66 -4.44 -16.81
C PRO B 159 -19.98 -3.81 -17.20
N PRO B 160 -20.19 -3.56 -18.49
CA PRO B 160 -21.41 -2.83 -18.90
C PRO B 160 -22.68 -3.55 -18.49
N ASN B 161 -23.62 -2.78 -17.96
CA ASN B 161 -25.00 -3.22 -17.75
C ASN B 161 -25.10 -4.40 -16.78
N SER B 162 -24.99 -4.12 -15.49
CA SER B 162 -25.29 -5.08 -14.43
C SER B 162 -24.63 -6.43 -14.69
N GLN B 163 -23.36 -6.38 -15.06
CA GLN B 163 -22.55 -7.58 -15.17
C GLN B 163 -21.56 -7.64 -14.02
N LYS B 164 -21.06 -8.84 -13.76
CA LYS B 164 -20.21 -9.06 -12.60
C LYS B 164 -18.82 -8.49 -12.85
N GLY B 165 -18.31 -7.73 -11.88
CA GLY B 165 -17.03 -7.10 -11.99
C GLY B 165 -15.91 -7.93 -11.39
N ALA B 166 -14.69 -7.43 -11.58
CA ALA B 166 -13.49 -8.14 -11.14
C ALA B 166 -13.60 -8.52 -9.67
N GLY B 167 -13.18 -9.75 -9.37
CA GLY B 167 -13.23 -10.21 -8.00
C GLY B 167 -12.30 -9.41 -7.11
N PHE B 168 -12.54 -9.55 -5.80
CA PHE B 168 -11.76 -8.79 -4.83
C PHE B 168 -10.31 -9.22 -4.84
N TRP B 169 -10.06 -10.53 -4.90
CA TRP B 169 -8.71 -11.07 -4.81
C TRP B 169 -8.06 -11.29 -6.18
N GLY B 170 -8.81 -11.15 -7.25
CA GLY B 170 -8.31 -11.46 -8.57
C GLY B 170 -9.42 -11.94 -9.47
N GLU B 171 -9.08 -12.15 -10.73
CA GLU B 171 -10.07 -12.53 -11.73
C GLU B 171 -9.44 -13.44 -12.76
N TYR B 172 -10.15 -14.54 -13.08
CA TYR B 172 -9.72 -15.48 -14.12
C TYR B 172 -9.84 -14.79 -15.48
N SER B 173 -8.84 -14.00 -15.82
CA SER B 173 -8.82 -13.29 -17.09
C SER B 173 -7.44 -12.67 -17.28
N LYS B 174 -7.29 -11.88 -18.34
CA LYS B 174 -6.06 -11.14 -18.57
C LYS B 174 -5.92 -10.06 -17.50
N CYS B 175 -5.67 -10.49 -16.27
CA CYS B 175 -5.63 -9.60 -15.13
C CYS B 175 -4.55 -10.10 -14.17
N ASP B 176 -3.62 -9.23 -13.84
CA ASP B 176 -2.56 -9.56 -12.89
C ASP B 176 -3.11 -9.41 -11.48
N LEU B 177 -2.21 -9.39 -10.46
CA LEU B 177 -2.69 -9.58 -9.11
C LEU B 177 -2.78 -8.27 -8.33
N PRO B 178 -3.71 -8.20 -7.37
CA PRO B 178 -3.66 -7.13 -6.38
C PRO B 178 -2.64 -7.43 -5.29
N LEU B 179 -2.20 -6.36 -4.62
CA LEU B 179 -1.16 -6.50 -3.61
C LEU B 179 -1.63 -7.36 -2.43
N ARG B 180 -2.92 -7.35 -2.13
CA ARG B 180 -3.41 -8.13 -0.99
C ARG B 180 -3.25 -9.62 -1.21
N THR B 181 -3.51 -10.08 -2.44
CA THR B 181 -3.37 -11.49 -2.76
C THR B 181 -1.92 -11.94 -2.62
N LEU B 182 -0.98 -11.08 -3.01
CA LEU B 182 0.42 -11.39 -2.78
C LEU B 182 0.71 -11.49 -1.29
N GLU B 183 0.38 -10.45 -0.54
CA GLU B 183 0.53 -10.49 0.92
C GLU B 183 -0.17 -11.72 1.50
N SER B 184 -1.33 -12.07 0.94
CA SER B 184 -2.02 -13.29 1.35
C SER B 184 -1.14 -14.51 1.12
N LEU B 185 -0.43 -14.54 0.00
CA LEU B 185 0.45 -15.67 -0.32
C LEU B 185 1.52 -15.84 0.75
N LEU B 186 2.20 -14.74 1.10
CA LEU B 186 3.31 -14.84 2.04
C LEU B 186 2.85 -15.29 3.41
N LYS B 187 1.64 -14.88 3.81
CA LYS B 187 1.17 -15.19 5.16
C LYS B 187 0.83 -16.66 5.30
N GLY B 188 0.34 -17.30 4.23
CA GLY B 188 -0.13 -18.67 4.31
C GLY B 188 0.93 -19.71 4.02
N LEU B 189 2.19 -19.39 4.30
CA LEU B 189 3.32 -20.29 4.05
C LEU B 189 3.60 -21.23 5.21
N GLY B 190 2.79 -21.23 6.25
CA GLY B 190 3.03 -22.06 7.40
C GLY B 190 3.20 -23.52 7.06
N PRO B 191 2.14 -24.14 6.51
CA PRO B 191 2.22 -25.59 6.22
C PRO B 191 3.26 -25.94 5.18
N ALA B 192 3.43 -25.09 4.17
CA ALA B 192 4.39 -25.39 3.10
C ALA B 192 5.83 -25.41 3.62
N GLY B 193 6.14 -24.58 4.61
CA GLY B 193 7.49 -24.51 5.14
C GLY B 193 7.75 -25.56 6.20
N PRO B 194 8.85 -25.41 6.95
CA PRO B 194 9.86 -24.36 6.82
C PRO B 194 10.83 -24.61 5.66
N PHE B 195 11.44 -23.55 5.12
CA PHE B 195 12.29 -23.64 3.96
C PHE B 195 13.74 -23.37 4.32
N GLU B 196 14.64 -23.89 3.49
CA GLU B 196 16.08 -23.68 3.66
C GLU B 196 16.56 -22.50 2.84
N MET B 197 15.87 -22.18 1.76
CA MET B 197 16.18 -21.02 0.93
C MET B 197 15.07 -20.89 -0.09
N VAL B 198 15.09 -19.80 -0.85
CA VAL B 198 14.02 -19.48 -1.78
C VAL B 198 14.62 -19.05 -3.11
N TYR B 199 13.96 -19.46 -4.20
CA TYR B 199 14.30 -19.05 -5.54
C TYR B 199 13.17 -18.20 -6.11
N TRP B 200 13.54 -17.12 -6.81
CA TRP B 200 12.58 -16.13 -7.27
C TRP B 200 12.98 -15.67 -8.67
N THR B 201 12.23 -16.07 -9.69
CA THR B 201 12.62 -15.86 -11.08
C THR B 201 11.94 -14.64 -11.71
N GLY B 202 11.67 -13.60 -10.91
CA GLY B 202 11.32 -12.32 -11.49
C GLY B 202 9.91 -12.23 -12.07
N ASP B 203 9.77 -11.29 -13.01
CA ASP B 203 8.49 -10.90 -13.59
C ASP B 203 7.53 -10.44 -12.47
N ILE B 204 7.81 -9.24 -11.98
CA ILE B 204 7.09 -8.65 -10.85
C ILE B 204 6.02 -7.67 -11.34
N PRO B 205 6.32 -6.76 -12.27
CA PRO B 205 5.29 -5.81 -12.72
C PRO B 205 4.19 -6.50 -13.50
N ALA B 206 3.11 -5.75 -13.71
CA ALA B 206 1.99 -6.24 -14.50
C ALA B 206 2.30 -6.07 -15.99
N HIS B 207 1.32 -6.42 -16.82
CA HIS B 207 1.48 -6.39 -18.27
C HIS B 207 0.92 -5.12 -18.90
N ASP B 208 0.84 -4.03 -18.12
CA ASP B 208 0.39 -2.75 -18.66
C ASP B 208 1.56 -2.04 -19.32
N VAL B 209 2.24 -2.74 -20.23
CA VAL B 209 3.50 -2.28 -20.76
C VAL B 209 3.35 -0.94 -21.49
N TRP B 210 2.15 -0.64 -21.99
CA TRP B 210 1.97 0.58 -22.77
C TRP B 210 2.07 1.83 -21.92
N GLN B 211 2.12 1.71 -20.60
CA GLN B 211 2.20 2.87 -19.72
C GLN B 211 2.99 2.45 -18.47
N GLN B 212 4.28 2.21 -18.66
CA GLN B 212 5.19 1.81 -17.59
C GLN B 212 6.43 2.71 -17.66
N SER B 213 6.52 3.65 -16.74
CA SER B 213 7.72 4.47 -16.61
C SER B 213 8.77 3.74 -15.77
N ARG B 214 10.01 4.19 -15.87
CA ARG B 214 11.07 3.62 -15.07
C ARG B 214 10.80 3.81 -13.58
N GLN B 215 10.04 4.85 -13.22
CA GLN B 215 9.67 5.05 -11.83
C GLN B 215 8.60 4.04 -11.41
N ASP B 216 7.65 3.74 -12.30
CA ASP B 216 6.65 2.71 -12.00
C ASP B 216 7.32 1.37 -11.72
N GLN B 217 8.33 1.01 -12.52
CA GLN B 217 8.93 -0.31 -12.41
C GLN B 217 9.71 -0.47 -11.11
N LEU B 218 10.53 0.53 -10.76
CA LEU B 218 11.36 0.43 -9.56
C LEU B 218 10.53 0.41 -8.28
N ARG B 219 9.31 0.96 -8.32
CA ARG B 219 8.46 0.93 -7.13
C ARG B 219 8.04 -0.50 -6.80
N ALA B 220 7.64 -1.26 -7.81
CA ALA B 220 7.28 -2.66 -7.59
C ALA B 220 8.48 -3.45 -7.06
N LEU B 221 9.67 -3.19 -7.60
CA LEU B 221 10.87 -3.86 -7.10
C LEU B 221 11.02 -3.67 -5.60
N THR B 222 10.99 -2.42 -5.15
CA THR B 222 11.17 -2.15 -3.73
C THR B 222 9.98 -2.64 -2.91
N THR B 223 8.77 -2.40 -3.39
CA THR B 223 7.58 -2.82 -2.67
C THR B 223 7.60 -4.32 -2.44
N ILE B 224 7.72 -5.08 -3.54
CA ILE B 224 7.59 -6.53 -3.46
C ILE B 224 8.81 -7.15 -2.78
N THR B 225 10.00 -6.62 -3.04
CA THR B 225 11.20 -7.10 -2.38
C THR B 225 11.05 -7.01 -0.86
N ASP B 226 10.71 -5.82 -0.35
CA ASP B 226 10.60 -5.65 1.10
C ASP B 226 9.53 -6.57 1.67
N LEU B 227 8.42 -6.74 0.95
CA LEU B 227 7.33 -7.56 1.47
C LEU B 227 7.77 -9.00 1.69
N VAL B 228 8.64 -9.51 0.83
CA VAL B 228 9.15 -10.87 0.98
C VAL B 228 10.07 -10.95 2.19
N ARG B 229 11.05 -10.05 2.26
CA ARG B 229 11.99 -10.06 3.38
C ARG B 229 11.28 -9.98 4.72
N LYS B 230 10.11 -9.35 4.75
CA LYS B 230 9.36 -9.23 6.00
C LYS B 230 8.86 -10.58 6.46
N PHE B 231 8.20 -11.32 5.58
CA PHE B 231 7.65 -12.62 5.94
C PHE B 231 8.70 -13.71 6.00
N LEU B 232 9.73 -13.64 5.17
CA LEU B 232 10.75 -14.68 5.14
C LEU B 232 11.79 -14.48 6.23
N GLY B 233 12.15 -13.24 6.51
CA GLY B 233 13.10 -12.95 7.56
C GLY B 233 14.48 -13.46 7.20
N PRO B 234 15.11 -14.22 8.11
CA PRO B 234 16.50 -14.62 7.87
C PRO B 234 16.69 -15.51 6.65
N VAL B 235 15.62 -16.07 6.09
CA VAL B 235 15.73 -17.02 4.99
C VAL B 235 16.25 -16.32 3.75
N PRO B 236 17.42 -16.69 3.22
CA PRO B 236 17.97 -15.97 2.07
C PRO B 236 17.18 -16.28 0.82
N VAL B 237 16.91 -15.25 0.03
CA VAL B 237 16.21 -15.37 -1.24
C VAL B 237 17.19 -15.07 -2.36
N TYR B 238 17.23 -15.96 -3.36
CA TYR B 238 18.16 -15.85 -4.48
C TYR B 238 17.37 -15.66 -5.76
N PRO B 239 17.27 -14.43 -6.29
CA PRO B 239 16.35 -14.19 -7.42
C PRO B 239 17.02 -14.11 -8.78
N ALA B 240 16.21 -14.07 -9.83
CA ALA B 240 16.70 -13.97 -11.21
C ALA B 240 15.88 -12.93 -11.96
N VAL B 241 16.33 -12.58 -13.17
CA VAL B 241 15.79 -11.46 -13.93
C VAL B 241 14.63 -11.92 -14.79
N GLY B 242 13.58 -11.10 -14.86
CA GLY B 242 12.42 -11.36 -15.68
C GLY B 242 12.39 -10.45 -16.91
N ASN B 243 11.41 -10.75 -17.78
CA ASN B 243 11.32 -10.04 -19.06
C ASN B 243 10.46 -8.78 -18.97
N HIS B 244 9.35 -8.83 -18.23
CA HIS B 244 8.45 -7.69 -18.12
C HIS B 244 8.94 -6.62 -17.17
N GLU B 245 10.19 -6.74 -16.68
CA GLU B 245 10.65 -5.92 -15.56
C GLU B 245 11.31 -4.61 -15.98
N SER B 246 11.77 -4.49 -17.22
CA SER B 246 12.36 -3.26 -17.70
C SER B 246 11.33 -2.44 -18.48
N THR B 247 11.74 -1.27 -18.94
CA THR B 247 10.91 -0.45 -19.82
C THR B 247 11.78 0.24 -20.86
N PRO B 248 11.43 0.13 -22.15
CA PRO B 248 10.34 -0.68 -22.71
C PRO B 248 10.57 -2.18 -22.52
N VAL B 249 9.48 -2.94 -22.42
CA VAL B 249 9.54 -4.35 -22.06
C VAL B 249 10.49 -5.10 -23.00
N ASN B 250 11.16 -6.12 -22.45
CA ASN B 250 11.99 -7.04 -23.23
C ASN B 250 13.29 -6.39 -23.70
N GLY B 251 13.40 -5.06 -23.60
CA GLY B 251 14.59 -4.38 -24.03
C GLY B 251 15.68 -4.38 -22.97
N PHE B 252 16.74 -5.16 -23.20
CA PHE B 252 17.87 -5.28 -22.28
C PHE B 252 19.18 -5.11 -23.05
N PRO B 253 19.72 -3.91 -23.08
CA PRO B 253 20.96 -3.68 -23.84
C PRO B 253 22.12 -4.45 -23.24
N PRO B 254 22.97 -5.08 -24.05
CA PRO B 254 24.16 -5.74 -23.51
C PRO B 254 25.11 -4.75 -22.86
N PRO B 255 26.10 -5.23 -22.11
CA PRO B 255 26.97 -4.31 -21.36
C PRO B 255 27.73 -3.30 -22.21
N PHE B 256 28.17 -3.69 -23.42
CA PHE B 256 28.97 -2.78 -24.23
C PHE B 256 28.23 -1.47 -24.53
N ILE B 257 26.92 -1.44 -24.36
CA ILE B 257 26.14 -0.22 -24.56
C ILE B 257 26.22 0.64 -23.31
N LYS B 258 26.37 1.95 -23.53
CA LYS B 258 26.61 2.89 -22.45
C LYS B 258 25.65 4.07 -22.57
N GLY B 259 25.66 4.92 -21.55
CA GLY B 259 24.83 6.11 -21.54
C GLY B 259 23.57 5.93 -20.71
N ASN B 260 22.69 6.93 -20.84
CA ASN B 260 21.43 6.90 -20.11
C ASN B 260 20.51 5.78 -20.60
N GLN B 261 20.65 5.37 -21.85
CA GLN B 261 19.85 4.28 -22.40
C GLN B 261 20.32 2.91 -21.95
N SER B 262 21.48 2.82 -21.31
CA SER B 262 21.96 1.55 -20.79
C SER B 262 21.04 1.05 -19.69
N SER B 263 21.28 -0.19 -19.26
CA SER B 263 20.50 -0.82 -18.21
C SER B 263 21.16 -0.70 -16.83
N GLN B 264 22.00 0.31 -16.64
CA GLN B 264 22.66 0.50 -15.35
C GLN B 264 21.67 0.92 -14.27
N TRP B 265 20.65 1.70 -14.64
CA TRP B 265 19.64 2.10 -13.66
C TRP B 265 19.03 0.88 -12.98
N LEU B 266 18.83 -0.20 -13.73
CA LEU B 266 18.11 -1.36 -13.21
C LEU B 266 18.99 -2.22 -12.31
N TYR B 267 20.20 -2.56 -12.77
CA TYR B 267 21.04 -3.50 -12.03
C TYR B 267 21.51 -2.90 -10.71
N GLU B 268 21.79 -1.59 -10.69
CA GLU B 268 22.26 -0.95 -9.46
C GLU B 268 21.17 -0.91 -8.41
N ALA B 269 19.91 -0.71 -8.82
CA ALA B 269 18.80 -0.75 -7.88
C ALA B 269 18.64 -2.13 -7.28
N MET B 270 18.95 -3.18 -8.06
CA MET B 270 18.88 -4.54 -7.55
C MET B 270 19.97 -4.80 -6.52
N ALA B 271 21.19 -4.30 -6.78
CA ALA B 271 22.28 -4.49 -5.82
C ALA B 271 21.90 -3.97 -4.44
N LYS B 272 21.41 -2.73 -4.36
CA LYS B 272 21.02 -2.18 -3.07
C LYS B 272 19.89 -2.98 -2.45
N ALA B 273 18.87 -3.32 -3.23
CA ALA B 273 17.68 -3.96 -2.70
C ALA B 273 17.94 -5.39 -2.21
N TRP B 274 18.97 -6.06 -2.73
CA TRP B 274 19.20 -7.47 -2.41
C TRP B 274 20.52 -7.71 -1.68
N GLU B 275 21.20 -6.66 -1.25
CA GLU B 275 22.48 -6.84 -0.57
C GLU B 275 22.37 -7.72 0.67
N PRO B 276 21.33 -7.63 1.50
CA PRO B 276 21.28 -8.47 2.70
C PRO B 276 21.35 -9.95 2.40
N TRP B 277 20.92 -10.36 1.21
CA TRP B 277 20.88 -11.77 0.86
C TRP B 277 22.16 -12.26 0.20
N LEU B 278 22.89 -11.36 -0.48
CA LEU B 278 23.97 -11.76 -1.36
C LEU B 278 25.31 -11.25 -0.85
N PRO B 279 26.40 -11.98 -1.12
CA PRO B 279 27.73 -11.51 -0.72
C PRO B 279 28.27 -10.51 -1.74
N ALA B 280 29.51 -10.07 -1.49
CA ALA B 280 30.07 -8.96 -2.25
C ALA B 280 30.43 -9.38 -3.68
N ASP B 281 31.14 -10.50 -3.82
CA ASP B 281 31.56 -10.93 -5.15
C ASP B 281 30.37 -11.12 -6.08
N ALA B 282 29.21 -11.46 -5.54
CA ALA B 282 28.01 -11.60 -6.36
C ALA B 282 27.50 -10.24 -6.81
N LEU B 283 27.43 -9.28 -5.89
CA LEU B 283 27.01 -7.93 -6.25
C LEU B 283 27.92 -7.33 -7.31
N HIS B 284 29.19 -7.75 -7.34
CA HIS B 284 30.11 -7.28 -8.36
C HIS B 284 29.56 -7.57 -9.75
N THR B 285 29.27 -8.85 -10.04
CA THR B 285 28.78 -9.25 -11.36
C THR B 285 27.33 -8.85 -11.59
N LEU B 286 26.52 -8.83 -10.53
CA LEU B 286 25.10 -8.49 -10.70
C LEU B 286 24.94 -7.07 -11.23
N ARG B 287 25.65 -6.11 -10.64
CA ARG B 287 25.56 -4.73 -11.10
C ARG B 287 25.94 -4.59 -12.57
N ILE B 288 26.64 -5.57 -13.13
CA ILE B 288 27.13 -5.48 -14.50
C ILE B 288 26.10 -6.07 -15.46
N GLY B 289 25.81 -7.36 -15.30
CA GLY B 289 25.01 -8.08 -16.28
C GLY B 289 23.76 -8.74 -15.75
N GLY B 290 23.42 -8.50 -14.48
CA GLY B 290 22.21 -9.05 -13.93
C GLY B 290 22.27 -10.54 -13.66
N PHE B 291 23.46 -11.08 -13.43
CA PHE B 291 23.63 -12.48 -13.06
C PHE B 291 24.69 -12.56 -11.98
N TYR B 292 24.81 -13.73 -11.35
CA TYR B 292 25.77 -13.91 -10.28
C TYR B 292 25.91 -15.40 -9.99
N ALA B 293 26.78 -15.71 -9.02
CA ALA B 293 26.99 -17.07 -8.56
C ALA B 293 27.54 -17.01 -7.15
N LEU B 294 27.16 -17.99 -6.33
CA LEU B 294 27.59 -18.01 -4.94
C LEU B 294 27.35 -19.41 -4.39
N THR B 295 27.88 -19.64 -3.18
CA THR B 295 27.71 -20.92 -2.49
C THR B 295 26.58 -20.79 -1.48
N PRO B 296 25.35 -21.18 -1.81
CA PRO B 296 24.27 -21.05 -0.81
C PRO B 296 24.47 -22.00 0.35
N ARG B 297 24.98 -23.19 0.08
CA ARG B 297 25.21 -24.21 1.09
C ARG B 297 26.46 -24.96 0.73
N PRO B 298 27.18 -25.50 1.72
CA PRO B 298 28.45 -26.18 1.43
C PRO B 298 28.25 -27.36 0.49
N GLY B 299 29.13 -27.45 -0.51
CA GLY B 299 29.04 -28.50 -1.50
C GLY B 299 28.08 -28.20 -2.63
N LEU B 300 27.36 -27.08 -2.58
CA LEU B 300 26.40 -26.69 -3.60
C LEU B 300 26.71 -25.27 -4.04
N ARG B 301 26.56 -25.02 -5.34
CA ARG B 301 26.89 -23.73 -5.94
C ARG B 301 25.69 -23.28 -6.75
N LEU B 302 25.18 -22.10 -6.45
CA LEU B 302 24.02 -21.56 -7.16
C LEU B 302 24.46 -20.58 -8.23
N ILE B 303 23.78 -20.63 -9.37
CA ILE B 303 24.06 -19.74 -10.49
C ILE B 303 22.74 -19.14 -10.95
N SER B 304 22.66 -17.81 -10.92
CA SER B 304 21.49 -17.09 -11.42
C SER B 304 21.84 -16.42 -12.73
N LEU B 305 21.00 -16.62 -13.74
CA LEU B 305 21.24 -16.12 -15.09
C LEU B 305 20.22 -15.05 -15.46
N ASN B 306 20.62 -14.16 -16.36
CA ASN B 306 19.74 -13.17 -16.96
C ASN B 306 19.34 -13.69 -18.33
N MET B 307 18.16 -14.29 -18.42
CA MET B 307 17.73 -14.97 -19.64
C MET B 307 17.19 -14.02 -20.70
N ASN B 308 17.33 -12.71 -20.50
CA ASN B 308 16.93 -11.75 -21.53
C ASN B 308 17.97 -11.57 -22.61
N PHE B 309 19.16 -12.14 -22.43
CA PHE B 309 20.15 -12.22 -23.49
C PHE B 309 19.92 -13.40 -24.41
N CYS B 310 18.80 -14.10 -24.25
CA CYS B 310 18.38 -15.16 -25.14
C CYS B 310 17.01 -14.92 -25.74
N SER B 311 16.27 -13.91 -25.26
CA SER B 311 14.88 -13.75 -25.65
C SER B 311 14.78 -13.26 -27.09
N ARG B 312 13.78 -13.78 -27.80
CA ARG B 312 13.48 -13.29 -29.15
C ARG B 312 12.98 -11.86 -29.10
N GLU B 313 12.28 -11.47 -28.03
CA GLU B 313 11.69 -10.15 -27.93
C GLU B 313 12.70 -9.06 -27.65
N ASN B 314 13.86 -9.40 -27.09
CA ASN B 314 14.88 -8.39 -26.79
C ASN B 314 15.49 -7.91 -28.10
N PHE B 315 14.95 -6.80 -28.61
CA PHE B 315 15.45 -6.22 -29.86
C PHE B 315 16.91 -5.81 -29.77
N TRP B 316 17.42 -5.53 -28.57
CA TRP B 316 18.81 -5.09 -28.45
C TRP B 316 19.79 -6.10 -29.03
N LEU B 317 19.38 -7.36 -29.16
CA LEU B 317 20.26 -8.39 -29.69
C LEU B 317 20.43 -8.31 -31.20
N LEU B 318 19.60 -7.53 -31.89
CA LEU B 318 19.81 -7.31 -33.31
C LEU B 318 21.23 -6.81 -33.59
N ILE B 319 21.74 -5.96 -32.69
CA ILE B 319 23.08 -5.42 -32.87
C ILE B 319 24.12 -6.52 -32.81
N ASN B 320 24.15 -7.26 -31.70
CA ASN B 320 25.10 -8.35 -31.53
C ASN B 320 24.41 -9.44 -30.72
N SER B 321 23.95 -10.49 -31.41
CA SER B 321 23.30 -11.63 -30.77
C SER B 321 24.29 -12.65 -30.24
N THR B 322 25.59 -12.39 -30.35
CA THR B 322 26.62 -13.37 -30.05
C THR B 322 26.96 -13.31 -28.56
N ASP B 323 26.56 -14.33 -27.81
CA ASP B 323 26.80 -14.48 -26.38
C ASP B 323 26.82 -13.13 -25.68
N PRO B 324 25.69 -12.46 -25.57
CA PRO B 324 25.67 -11.14 -24.92
C PRO B 324 26.21 -11.23 -23.49
N ALA B 325 27.08 -10.28 -23.15
CA ALA B 325 27.71 -10.19 -21.83
C ALA B 325 28.69 -11.33 -21.57
N GLY B 326 28.99 -12.15 -22.58
CA GLY B 326 29.87 -13.29 -22.37
C GLY B 326 29.40 -14.18 -21.24
N GLN B 327 28.08 -14.29 -21.10
CA GLN B 327 27.52 -15.03 -19.96
C GLN B 327 27.85 -16.50 -20.03
N LEU B 328 27.74 -17.10 -21.24
CA LEU B 328 28.00 -18.53 -21.38
C LEU B 328 29.44 -18.86 -21.09
N GLN B 329 30.37 -18.06 -21.63
CA GLN B 329 31.79 -18.27 -21.34
C GLN B 329 32.04 -18.21 -19.84
N TRP B 330 31.49 -17.20 -19.16
CA TRP B 330 31.64 -17.11 -17.72
C TRP B 330 31.03 -18.32 -17.02
N LEU B 331 29.92 -18.82 -17.56
CA LEU B 331 29.24 -19.96 -16.95
C LEU B 331 30.16 -21.19 -16.92
N VAL B 332 30.79 -21.50 -18.04
CA VAL B 332 31.66 -22.67 -18.11
C VAL B 332 32.76 -22.60 -17.07
N GLU B 333 33.35 -21.42 -16.90
CA GLU B 333 34.42 -21.26 -15.92
C GLU B 333 33.96 -21.70 -14.53
N GLU B 334 32.73 -21.33 -14.16
CA GLU B 334 32.19 -21.75 -12.87
C GLU B 334 31.95 -23.26 -12.85
N LEU B 335 31.29 -23.77 -13.89
CA LEU B 335 30.98 -25.20 -13.95
C LEU B 335 32.25 -26.03 -13.86
N GLN B 336 33.24 -25.72 -14.70
CA GLN B 336 34.48 -26.47 -14.67
C GLN B 336 35.14 -26.36 -13.29
N ALA B 337 35.10 -25.17 -12.69
CA ALA B 337 35.57 -25.03 -11.32
C ALA B 337 34.75 -25.92 -10.38
N ALA B 338 33.42 -25.90 -10.55
CA ALA B 338 32.57 -26.74 -9.72
C ALA B 338 32.85 -28.22 -9.97
N GLU B 339 33.12 -28.59 -11.23
CA GLU B 339 33.51 -29.95 -11.53
C GLU B 339 34.85 -30.28 -10.89
N ASN B 340 35.79 -29.35 -10.94
CA ASN B 340 37.08 -29.54 -10.27
C ASN B 340 36.88 -29.66 -8.76
N ARG B 341 36.15 -28.69 -8.17
CA ARG B 341 35.85 -28.77 -6.75
C ARG B 341 35.07 -30.03 -6.42
N GLY B 342 34.27 -30.52 -7.36
CA GLY B 342 33.35 -31.60 -7.08
C GLY B 342 31.99 -31.14 -6.61
N ASP B 343 31.66 -29.87 -6.78
CA ASP B 343 30.41 -29.31 -6.29
C ASP B 343 29.28 -29.59 -7.26
N LYS B 344 28.07 -29.63 -6.72
CA LYS B 344 26.86 -29.68 -7.52
C LYS B 344 26.37 -28.26 -7.78
N VAL B 345 25.41 -28.14 -8.71
CA VAL B 345 24.98 -26.84 -9.20
C VAL B 345 23.48 -26.85 -9.43
N HIS B 346 22.82 -25.78 -9.00
CA HIS B 346 21.46 -25.46 -9.38
C HIS B 346 21.46 -24.22 -10.26
N ILE B 347 20.56 -24.19 -11.24
CA ILE B 347 20.46 -23.08 -12.18
C ILE B 347 19.03 -22.58 -12.20
N ILE B 348 18.88 -21.26 -12.21
CA ILE B 348 17.58 -20.60 -12.14
C ILE B 348 17.50 -19.51 -13.18
N GLY B 349 16.29 -19.27 -13.68
CA GLY B 349 16.07 -18.24 -14.69
C GLY B 349 14.58 -18.03 -14.91
N HIS B 350 14.28 -17.04 -15.75
CA HIS B 350 12.89 -16.69 -16.02
C HIS B 350 12.41 -17.38 -17.29
N ILE B 351 12.96 -16.98 -18.43
CA ILE B 351 12.57 -17.59 -19.71
C ILE B 351 13.27 -18.94 -19.85
N PRO B 352 12.55 -20.01 -20.14
CA PRO B 352 13.21 -21.31 -20.30
C PRO B 352 13.94 -21.40 -21.64
N PRO B 353 14.96 -22.26 -21.74
CA PRO B 353 15.73 -22.33 -22.99
C PRO B 353 14.90 -22.66 -24.22
N GLY B 354 13.88 -23.51 -24.08
CA GLY B 354 13.02 -23.82 -25.20
C GLY B 354 12.35 -22.60 -25.83
N HIS B 355 12.31 -21.48 -25.10
CA HIS B 355 11.76 -20.24 -25.61
C HIS B 355 12.83 -19.24 -26.03
N CYS B 356 14.10 -19.63 -25.97
CA CYS B 356 15.20 -18.74 -26.32
C CYS B 356 15.40 -18.72 -27.83
N LEU B 357 16.33 -17.87 -28.28
CA LEU B 357 16.75 -17.87 -29.68
C LEU B 357 17.41 -19.19 -30.04
N LYS B 358 17.23 -19.60 -31.28
CA LYS B 358 17.78 -20.88 -31.74
C LYS B 358 19.26 -21.00 -31.39
N SER B 359 20.07 -20.09 -31.94
CA SER B 359 21.51 -20.17 -31.75
C SER B 359 21.87 -20.18 -30.26
N TRP B 360 21.27 -19.27 -29.48
CA TRP B 360 21.55 -19.23 -28.06
C TRP B 360 21.14 -20.53 -27.37
N SER B 361 19.96 -21.04 -27.71
CA SER B 361 19.48 -22.27 -27.08
C SER B 361 20.37 -23.46 -27.40
N TRP B 362 20.83 -23.54 -28.66
CA TRP B 362 21.62 -24.70 -29.07
C TRP B 362 22.96 -24.74 -28.35
N ASN B 363 23.58 -23.59 -28.13
CA ASN B 363 24.83 -23.54 -27.38
C ASN B 363 24.64 -23.96 -25.93
N TYR B 364 23.43 -23.80 -25.39
CA TYR B 364 23.17 -24.18 -24.00
C TYR B 364 22.98 -25.68 -23.86
N TYR B 365 22.22 -26.30 -24.77
CA TYR B 365 21.96 -27.73 -24.69
C TYR B 365 23.24 -28.53 -24.55
N LYS B 366 24.31 -28.11 -25.22
CA LYS B 366 25.55 -28.87 -25.20
C LYS B 366 26.26 -28.77 -23.87
N ILE B 367 26.14 -27.63 -23.20
CA ILE B 367 26.79 -27.47 -21.91
C ILE B 367 26.14 -28.37 -20.87
N ILE B 368 24.83 -28.59 -20.99
CA ILE B 368 24.15 -29.54 -20.12
C ILE B 368 24.80 -30.91 -20.23
N ALA B 369 24.96 -31.39 -21.46
CA ALA B 369 25.56 -32.71 -21.67
C ALA B 369 26.94 -32.79 -21.04
N ARG B 370 27.74 -31.73 -21.18
CA ARG B 370 29.12 -31.77 -20.71
C ARG B 370 29.19 -31.99 -19.20
N TYR B 371 28.40 -31.24 -18.44
CA TYR B 371 28.47 -31.26 -16.98
C TYR B 371 27.25 -31.94 -16.37
N GLU B 372 26.80 -33.04 -16.97
CA GLU B 372 25.65 -33.77 -16.42
C GLU B 372 25.90 -34.18 -14.97
N ASN B 373 27.15 -34.49 -14.62
CA ASN B 373 27.46 -34.91 -13.27
C ASN B 373 27.44 -33.75 -12.29
N THR B 374 27.81 -32.56 -12.75
CA THR B 374 27.82 -31.39 -11.88
C THR B 374 26.41 -30.90 -11.60
N LEU B 375 25.55 -30.91 -12.61
CA LEU B 375 24.21 -30.37 -12.45
C LEU B 375 23.41 -31.18 -11.45
N ALA B 376 22.67 -30.47 -10.58
CA ALA B 376 21.72 -31.09 -9.68
C ALA B 376 20.30 -30.58 -9.89
N GLY B 377 20.12 -29.40 -10.49
CA GLY B 377 18.80 -28.85 -10.69
C GLY B 377 18.74 -27.68 -11.66
N GLN B 378 17.56 -27.51 -12.27
CA GLN B 378 17.29 -26.38 -13.14
C GLN B 378 15.85 -25.96 -12.92
N PHE B 379 15.62 -24.66 -12.82
CA PHE B 379 14.30 -24.14 -12.46
C PHE B 379 14.03 -22.86 -13.21
N PHE B 380 12.86 -22.79 -13.86
CA PHE B 380 12.54 -21.68 -14.75
C PHE B 380 11.05 -21.38 -14.68
N GLY B 381 10.67 -20.27 -15.31
CA GLY B 381 9.28 -19.84 -15.33
C GLY B 381 8.84 -19.22 -16.64
N HIS B 382 8.21 -18.05 -16.58
CA HIS B 382 7.83 -17.28 -17.77
C HIS B 382 6.61 -17.86 -18.48
N THR B 383 6.48 -19.18 -18.50
CA THR B 383 5.36 -19.82 -19.17
C THR B 383 4.07 -19.73 -18.36
N HIS B 384 4.18 -19.47 -17.05
CA HIS B 384 3.03 -19.33 -16.15
C HIS B 384 2.27 -20.63 -15.95
N VAL B 385 2.76 -21.74 -16.47
CA VAL B 385 2.03 -23.00 -16.41
C VAL B 385 2.93 -24.09 -15.82
N ASP B 386 2.28 -25.07 -15.21
CA ASP B 386 2.99 -26.17 -14.56
C ASP B 386 3.57 -27.10 -15.62
N GLU B 387 4.89 -27.14 -15.73
CA GLU B 387 5.52 -27.81 -16.85
C GLU B 387 6.92 -28.27 -16.46
N PHE B 388 7.57 -28.91 -17.44
CA PHE B 388 8.97 -29.29 -17.35
C PHE B 388 9.51 -29.39 -18.77
N GLU B 389 10.82 -29.56 -18.88
CA GLU B 389 11.46 -29.81 -20.17
C GLU B 389 12.62 -30.77 -19.95
N ILE B 390 12.75 -31.74 -20.86
CA ILE B 390 13.71 -32.82 -20.70
C ILE B 390 14.89 -32.57 -21.63
N PHE B 391 16.09 -32.81 -21.11
CA PHE B 391 17.33 -32.71 -21.87
C PHE B 391 17.85 -34.11 -22.18
N TYR B 392 18.31 -34.29 -23.41
CA TYR B 392 18.77 -35.57 -23.91
C TYR B 392 20.24 -35.50 -24.27
N ASP B 393 20.80 -36.66 -24.58
CA ASP B 393 22.15 -36.71 -25.14
C ASP B 393 22.18 -35.93 -26.45
N GLU B 394 23.27 -35.20 -26.67
CA GLU B 394 23.34 -34.29 -27.81
C GLU B 394 23.24 -35.05 -29.13
N GLU B 395 24.08 -36.07 -29.32
CA GLU B 395 24.23 -36.68 -30.64
C GLU B 395 22.91 -37.30 -31.12
N THR B 396 22.21 -38.01 -30.24
CA THR B 396 21.03 -38.77 -30.64
C THR B 396 19.74 -38.31 -29.98
N LEU B 397 19.79 -37.52 -28.92
CA LEU B 397 18.57 -37.01 -28.29
C LEU B 397 17.72 -38.16 -27.76
N SER B 398 18.37 -39.21 -27.26
CA SER B 398 17.70 -40.43 -26.88
C SER B 398 17.74 -40.70 -25.37
N ARG B 399 18.88 -40.47 -24.72
CA ARG B 399 18.97 -40.70 -23.29
C ARG B 399 18.64 -39.41 -22.55
N PRO B 400 17.67 -39.40 -21.64
CA PRO B 400 17.46 -38.23 -20.78
C PRO B 400 18.57 -38.15 -19.73
N LEU B 401 19.20 -36.98 -19.63
CA LEU B 401 20.32 -36.78 -18.73
C LEU B 401 20.11 -35.62 -17.76
N ALA B 402 19.05 -34.84 -17.91
CA ALA B 402 18.76 -33.72 -17.02
C ALA B 402 17.32 -33.31 -17.24
N VAL B 403 16.82 -32.46 -16.36
CA VAL B 403 15.45 -31.96 -16.46
C VAL B 403 15.37 -30.59 -15.80
N ALA B 404 14.59 -29.71 -16.42
CA ALA B 404 14.29 -28.39 -15.87
C ALA B 404 12.80 -28.31 -15.54
N PHE B 405 12.49 -27.72 -14.38
CA PHE B 405 11.13 -27.64 -13.90
C PHE B 405 10.59 -26.24 -14.15
N LEU B 406 9.47 -26.16 -14.87
CA LEU B 406 8.87 -24.89 -15.24
C LEU B 406 7.69 -24.64 -14.32
N ALA B 407 8.01 -24.09 -13.15
CA ALA B 407 6.98 -23.85 -12.14
C ALA B 407 5.92 -22.89 -12.67
N PRO B 408 4.69 -22.99 -12.17
CA PRO B 408 3.63 -22.11 -12.65
C PRO B 408 3.67 -20.76 -11.95
N SER B 409 3.04 -19.78 -12.60
CA SER B 409 3.08 -18.42 -12.11
C SER B 409 2.25 -18.26 -10.84
N ALA B 410 2.52 -17.18 -10.13
CA ALA B 410 1.64 -16.76 -9.05
C ALA B 410 0.44 -15.98 -9.59
N THR B 411 0.62 -15.25 -10.69
CA THR B 411 -0.45 -14.44 -11.24
C THR B 411 -1.52 -15.31 -11.89
N THR B 412 -2.72 -14.75 -12.01
CA THR B 412 -3.78 -15.38 -12.77
C THR B 412 -3.57 -15.24 -14.27
N PHE B 413 -2.74 -14.28 -14.69
CA PHE B 413 -2.48 -14.02 -16.10
C PHE B 413 -1.98 -15.30 -16.78
N ILE B 414 -2.81 -16.04 -17.53
CA ILE B 414 -4.20 -15.70 -17.87
C ILE B 414 -5.12 -16.87 -17.53
N ASN B 415 -6.24 -16.55 -16.88
CA ASN B 415 -7.26 -17.56 -16.56
C ASN B 415 -6.69 -18.67 -15.67
N LEU B 416 -5.69 -18.35 -14.86
CA LEU B 416 -5.00 -19.32 -14.04
C LEU B 416 -5.41 -19.18 -12.59
N ASN B 417 -5.23 -20.25 -11.84
CA ASN B 417 -5.26 -20.15 -10.39
C ASN B 417 -3.89 -19.69 -9.88
N PRO B 418 -3.84 -18.79 -8.90
CA PRO B 418 -2.54 -18.46 -8.30
C PRO B 418 -1.91 -19.69 -7.67
N GLY B 419 -0.59 -19.66 -7.56
CA GLY B 419 0.12 -20.77 -6.96
C GLY B 419 1.60 -20.53 -6.91
N TYR B 420 2.28 -21.34 -6.10
CA TYR B 420 3.72 -21.34 -6.01
C TYR B 420 4.20 -22.79 -5.91
N ARG B 421 5.52 -22.96 -5.85
CA ARG B 421 6.13 -24.28 -5.92
C ARG B 421 7.14 -24.44 -4.80
N VAL B 422 7.26 -25.67 -4.31
CA VAL B 422 8.25 -26.02 -3.30
C VAL B 422 8.88 -27.35 -3.69
N TYR B 423 10.20 -27.41 -3.65
CA TYR B 423 10.96 -28.59 -4.04
C TYR B 423 11.60 -29.21 -2.82
N GLN B 424 11.41 -30.52 -2.64
CA GLN B 424 12.14 -31.29 -1.65
C GLN B 424 13.38 -31.88 -2.33
N ILE B 425 14.56 -31.49 -1.85
CA ILE B 425 15.81 -31.85 -2.50
C ILE B 425 16.68 -32.61 -1.50
N ASP B 426 17.66 -33.32 -2.05
CA ASP B 426 18.62 -34.03 -1.21
C ASP B 426 19.30 -33.04 -0.27
N GLY B 427 19.12 -33.26 1.03
CA GLY B 427 19.53 -32.30 2.04
C GLY B 427 20.96 -31.83 1.99
N ASN B 428 21.31 -30.92 2.91
CA ASN B 428 22.64 -30.30 2.95
C ASN B 428 23.57 -31.20 3.72
N TYR B 429 24.40 -31.95 3.01
CA TYR B 429 25.38 -32.82 3.64
C TYR B 429 26.41 -33.27 2.59
N PRO B 430 27.64 -33.61 2.99
CA PRO B 430 28.61 -34.09 2.00
C PRO B 430 28.17 -35.41 1.39
N GLY B 431 28.55 -35.60 0.13
CA GLY B 431 28.07 -36.73 -0.63
C GLY B 431 26.62 -36.63 -1.06
N SER B 432 25.96 -35.51 -0.78
CA SER B 432 24.58 -35.32 -1.21
C SER B 432 24.54 -35.14 -2.72
N SER B 433 23.48 -35.66 -3.34
CA SER B 433 23.24 -35.40 -4.75
C SER B 433 22.71 -33.99 -4.99
N HIS B 434 22.14 -33.37 -3.95
CA HIS B 434 21.56 -32.03 -4.04
C HIS B 434 20.47 -31.94 -5.11
N VAL B 435 19.96 -33.07 -5.56
CA VAL B 435 18.98 -33.10 -6.64
C VAL B 435 17.60 -32.94 -6.06
N VAL B 436 16.61 -32.70 -6.92
CA VAL B 436 15.22 -32.71 -6.51
C VAL B 436 14.78 -34.14 -6.25
N LEU B 437 14.14 -34.37 -5.11
CA LEU B 437 13.59 -35.68 -4.79
C LEU B 437 12.08 -35.73 -4.93
N ASP B 438 11.41 -34.60 -4.78
CA ASP B 438 9.98 -34.48 -4.97
C ASP B 438 9.64 -33.00 -4.88
N HIS B 439 8.45 -32.64 -5.37
CA HIS B 439 8.02 -31.26 -5.27
C HIS B 439 6.52 -31.22 -5.03
N GLU B 440 6.07 -30.08 -4.53
CA GLU B 440 4.67 -29.87 -4.18
C GLU B 440 4.21 -28.54 -4.75
N THR B 441 2.96 -28.49 -5.19
CA THR B 441 2.38 -27.29 -5.76
C THR B 441 1.20 -26.88 -4.91
N TYR B 442 1.16 -25.59 -4.55
CA TYR B 442 0.07 -25.01 -3.76
C TYR B 442 -0.59 -23.91 -4.58
N ILE B 443 -1.90 -23.78 -4.45
CA ILE B 443 -2.67 -22.84 -5.25
C ILE B 443 -3.68 -22.11 -4.38
N LEU B 444 -4.50 -21.27 -5.01
CA LEU B 444 -5.56 -20.52 -4.35
C LEU B 444 -6.78 -20.60 -5.24
N ASN B 445 -7.84 -21.26 -4.77
CA ASN B 445 -9.06 -21.43 -5.54
C ASN B 445 -9.87 -20.14 -5.47
N LEU B 446 -9.72 -19.28 -6.47
CA LEU B 446 -10.42 -18.01 -6.46
C LEU B 446 -11.93 -18.20 -6.50
N THR B 447 -12.40 -19.27 -7.14
CA THR B 447 -13.82 -19.57 -7.11
C THR B 447 -14.33 -19.61 -5.68
N GLN B 448 -13.51 -20.07 -4.74
CA GLN B 448 -13.86 -20.14 -3.34
C GLN B 448 -13.47 -18.88 -2.57
N ALA B 449 -12.35 -18.26 -2.93
CA ALA B 449 -11.90 -17.07 -2.21
C ALA B 449 -12.79 -15.87 -2.51
N ASN B 450 -13.00 -15.57 -3.80
CA ASN B 450 -13.81 -14.43 -4.18
C ASN B 450 -15.30 -14.65 -3.95
N ALA B 451 -15.71 -15.83 -3.50
CA ALA B 451 -17.11 -16.09 -3.23
C ALA B 451 -17.62 -15.16 -2.12
N ALA B 452 -18.94 -15.01 -2.08
CA ALA B 452 -19.57 -14.17 -1.07
C ALA B 452 -19.25 -14.71 0.33
N GLY B 453 -18.60 -13.89 1.14
CA GLY B 453 -18.14 -14.32 2.43
C GLY B 453 -16.93 -15.22 2.39
N GLY B 454 -16.23 -15.29 1.26
CA GLY B 454 -15.09 -16.17 1.12
C GLY B 454 -13.81 -15.54 1.63
N THR B 455 -12.93 -16.39 2.16
CA THR B 455 -11.66 -16.00 2.71
C THR B 455 -10.53 -16.71 1.97
N PRO B 456 -9.43 -16.03 1.66
CA PRO B 456 -8.33 -16.69 0.95
C PRO B 456 -7.72 -17.82 1.79
N SER B 457 -7.65 -19.00 1.18
CA SER B 457 -7.07 -20.17 1.84
C SER B 457 -6.20 -20.90 0.83
N TRP B 458 -4.91 -20.98 1.11
CA TRP B 458 -3.95 -21.66 0.23
C TRP B 458 -3.87 -23.13 0.61
N LYS B 459 -3.93 -24.00 -0.41
CA LYS B 459 -3.88 -25.44 -0.20
C LYS B 459 -2.92 -26.07 -1.19
N ARG B 460 -2.43 -27.26 -0.84
CA ARG B 460 -1.56 -28.01 -1.72
C ARG B 460 -2.40 -28.67 -2.81
N LEU B 461 -2.12 -28.33 -4.07
CA LEU B 461 -2.88 -28.90 -5.17
C LEU B 461 -2.55 -30.37 -5.35
N TYR B 462 -1.28 -30.75 -5.24
CA TYR B 462 -0.87 -32.11 -5.50
C TYR B 462 0.60 -32.27 -5.15
N ARG B 463 1.08 -33.52 -5.22
CA ARG B 463 2.47 -33.85 -4.99
C ARG B 463 2.98 -34.64 -6.19
N ALA B 464 4.25 -34.42 -6.53
CA ALA B 464 4.82 -34.96 -7.77
C ALA B 464 4.74 -36.49 -7.84
N ARG B 465 5.66 -37.17 -7.18
CA ARG B 465 5.70 -38.63 -7.25
C ARG B 465 4.37 -39.27 -6.90
N GLU B 466 3.53 -38.58 -6.13
CA GLU B 466 2.27 -39.15 -5.68
C GLU B 466 1.30 -39.34 -6.84
N THR B 467 0.92 -38.24 -7.50
CA THR B 467 -0.15 -38.31 -8.48
C THR B 467 0.27 -39.04 -9.76
N TYR B 468 1.56 -39.04 -10.08
CA TYR B 468 2.07 -39.72 -11.26
C TYR B 468 2.73 -41.05 -10.94
N GLY B 469 2.80 -41.42 -9.66
CA GLY B 469 3.37 -42.70 -9.27
C GLY B 469 4.77 -42.90 -9.79
N LEU B 470 5.64 -41.97 -9.49
CA LEU B 470 7.01 -42.07 -9.98
C LEU B 470 7.90 -42.69 -8.93
N PRO B 471 8.92 -43.46 -9.34
CA PRO B 471 9.88 -43.98 -8.36
C PRO B 471 10.82 -42.92 -7.84
N ASP B 472 11.12 -41.91 -8.65
CA ASP B 472 12.03 -40.84 -8.26
C ASP B 472 11.82 -39.68 -9.22
N ALA B 473 12.52 -38.57 -8.96
CA ALA B 473 12.44 -37.38 -9.79
C ALA B 473 13.58 -37.29 -10.79
N MET B 474 14.23 -38.40 -11.09
CA MET B 474 15.32 -38.41 -12.07
C MET B 474 14.76 -38.30 -13.48
N PRO B 475 15.61 -37.91 -14.44
CA PRO B 475 15.09 -37.67 -15.80
C PRO B 475 14.36 -38.86 -16.40
N ALA B 476 14.85 -40.09 -16.17
CA ALA B 476 14.26 -41.26 -16.81
C ALA B 476 12.77 -41.35 -16.54
N SER B 477 12.35 -41.14 -15.29
CA SER B 477 10.93 -41.24 -14.94
C SER B 477 10.10 -40.21 -15.70
N TRP B 478 10.58 -38.96 -15.74
CA TRP B 478 9.87 -37.93 -16.48
C TRP B 478 9.77 -38.29 -17.96
N HIS B 479 10.88 -38.75 -18.54
CA HIS B 479 10.85 -39.25 -19.91
C HIS B 479 9.78 -40.32 -20.08
N ASN B 480 9.81 -41.35 -19.25
CA ASN B 480 8.80 -42.39 -19.32
C ASN B 480 7.40 -41.81 -19.15
N LEU B 481 7.26 -40.83 -18.25
CA LEU B 481 5.96 -40.23 -18.02
C LEU B 481 5.37 -39.66 -19.31
N VAL B 482 6.19 -38.99 -20.12
CA VAL B 482 5.69 -38.39 -21.34
C VAL B 482 5.00 -39.45 -22.20
N TYR B 483 5.76 -40.44 -22.65
CA TYR B 483 5.20 -41.44 -23.54
C TYR B 483 4.04 -42.19 -22.90
N ARG B 484 4.06 -42.29 -21.57
CA ARG B 484 2.89 -42.82 -20.87
C ARG B 484 1.66 -41.98 -21.16
N MET B 485 1.80 -40.66 -21.03
CA MET B 485 0.67 -39.77 -21.31
C MET B 485 0.29 -39.79 -22.78
N ARG B 486 1.27 -39.95 -23.68
CA ARG B 486 0.95 -40.08 -25.09
C ARG B 486 -0.04 -41.21 -25.32
N ASP B 487 0.07 -42.28 -24.54
CA ASP B 487 -0.79 -43.44 -24.69
C ASP B 487 -2.06 -43.32 -23.88
N ASP B 488 -1.97 -42.89 -22.63
CA ASP B 488 -3.12 -42.82 -21.74
C ASP B 488 -3.80 -41.45 -21.85
N GLU B 489 -5.12 -41.47 -22.01
CA GLU B 489 -5.89 -40.23 -22.03
C GLU B 489 -6.13 -39.70 -20.63
N GLN B 490 -6.63 -40.55 -19.73
CA GLN B 490 -6.98 -40.09 -18.38
C GLN B 490 -5.80 -39.40 -17.71
N LEU B 491 -4.61 -39.99 -17.81
CA LEU B 491 -3.45 -39.42 -17.15
C LEU B 491 -3.08 -38.07 -17.74
N PHE B 492 -3.13 -37.94 -19.07
CA PHE B 492 -2.86 -36.64 -19.67
C PHE B 492 -3.91 -35.62 -19.26
N GLN B 493 -5.18 -36.04 -19.19
CA GLN B 493 -6.21 -35.13 -18.71
C GLN B 493 -5.88 -34.65 -17.30
N THR B 494 -5.29 -35.52 -16.48
CA THR B 494 -4.82 -35.10 -15.17
C THR B 494 -3.71 -34.07 -15.30
N PHE B 495 -2.67 -34.38 -16.07
CA PHE B 495 -1.59 -33.43 -16.31
C PHE B 495 -2.16 -32.11 -16.82
N TRP B 496 -3.08 -32.18 -17.77
CA TRP B 496 -3.75 -30.98 -18.27
C TRP B 496 -4.34 -30.16 -17.13
N PHE B 497 -4.94 -30.85 -16.15
CA PHE B 497 -5.52 -30.16 -15.01
C PHE B 497 -4.47 -29.46 -14.17
N LEU B 498 -3.37 -30.15 -13.88
CA LEU B 498 -2.27 -29.54 -13.12
C LEU B 498 -1.49 -28.55 -13.97
N TYR B 499 -1.38 -28.80 -15.27
CA TYR B 499 -0.77 -27.86 -16.20
C TYR B 499 -1.28 -26.44 -15.95
N HIS B 500 -2.58 -26.31 -15.64
CA HIS B 500 -3.23 -25.02 -15.46
C HIS B 500 -3.53 -24.73 -13.99
N LYS B 501 -2.76 -25.32 -13.08
CA LYS B 501 -2.94 -25.08 -11.65
C LYS B 501 -4.38 -25.31 -11.23
N GLY B 502 -4.97 -26.39 -11.74
CA GLY B 502 -6.30 -26.78 -11.32
C GLY B 502 -7.44 -25.99 -11.92
N HIS B 503 -7.18 -25.15 -12.92
CA HIS B 503 -8.21 -24.38 -13.59
C HIS B 503 -8.03 -24.51 -15.10
N PRO B 504 -8.31 -25.67 -15.66
CA PRO B 504 -8.06 -25.88 -17.08
C PRO B 504 -9.09 -25.14 -17.92
N PRO B 505 -8.82 -24.96 -19.20
CA PRO B 505 -9.78 -24.26 -20.05
C PRO B 505 -11.08 -25.03 -20.18
N SER B 506 -12.03 -24.50 -20.94
CA SER B 506 -13.27 -25.21 -21.19
C SER B 506 -13.13 -26.20 -22.33
N GLU B 507 -12.36 -25.85 -23.35
CA GLU B 507 -12.17 -26.74 -24.49
C GLU B 507 -11.34 -27.95 -24.08
N PRO B 508 -11.74 -29.17 -24.43
CA PRO B 508 -10.86 -30.31 -24.18
C PRO B 508 -9.66 -30.29 -25.12
N CYS B 509 -8.53 -30.73 -24.60
CA CYS B 509 -7.29 -30.76 -25.38
C CYS B 509 -7.34 -31.97 -26.30
N GLY B 510 -7.65 -31.73 -27.57
CA GLY B 510 -7.66 -32.79 -28.56
C GLY B 510 -6.28 -33.35 -28.80
N THR B 511 -6.24 -34.46 -29.55
CA THR B 511 -4.98 -35.09 -29.90
C THR B 511 -3.95 -34.10 -30.45
N PRO B 512 -4.29 -33.24 -31.41
CA PRO B 512 -3.28 -32.26 -31.86
C PRO B 512 -2.81 -31.36 -30.75
N CYS B 513 -3.73 -30.88 -29.92
CA CYS B 513 -3.33 -30.12 -28.74
C CYS B 513 -2.43 -30.96 -27.84
N ARG B 514 -2.82 -32.20 -27.57
CA ARG B 514 -2.04 -33.05 -26.68
C ARG B 514 -0.60 -33.12 -27.14
N LEU B 515 -0.38 -33.63 -28.35
CA LEU B 515 0.97 -33.86 -28.83
C LEU B 515 1.79 -32.58 -28.89
N ALA B 516 1.13 -31.45 -29.17
CA ALA B 516 1.81 -30.16 -29.05
C ALA B 516 2.36 -29.97 -27.63
N THR B 517 1.51 -30.17 -26.63
CA THR B 517 1.95 -30.04 -25.25
C THR B 517 3.09 -31.01 -24.95
N LEU B 518 2.86 -32.30 -25.23
CA LEU B 518 3.88 -33.31 -24.94
C LEU B 518 5.17 -33.02 -25.71
N CYS B 519 5.03 -32.69 -26.99
CA CYS B 519 6.18 -32.24 -27.76
C CYS B 519 6.96 -31.17 -27.01
N ALA B 520 6.25 -30.23 -26.38
CA ALA B 520 6.90 -29.15 -25.66
C ALA B 520 7.67 -29.67 -24.44
N GLN B 521 7.08 -30.62 -23.70
CA GLN B 521 7.79 -31.17 -22.56
C GLN B 521 9.12 -31.79 -22.98
N LEU B 522 9.21 -32.24 -24.22
CA LEU B 522 10.46 -32.74 -24.77
C LEU B 522 11.28 -31.65 -25.45
N SER B 523 10.65 -30.53 -25.81
CA SER B 523 11.32 -29.47 -26.55
C SER B 523 12.07 -28.55 -25.58
N ALA B 524 13.16 -29.08 -25.04
CA ALA B 524 14.07 -28.27 -24.25
C ALA B 524 15.03 -27.48 -25.12
N ARG B 525 14.85 -27.49 -26.45
CA ARG B 525 15.68 -26.72 -27.35
C ARG B 525 14.81 -26.17 -28.48
N ALA B 526 15.21 -25.04 -29.02
CA ALA B 526 14.37 -24.31 -29.96
C ALA B 526 14.52 -24.85 -31.38
N ASP B 527 13.39 -24.96 -32.08
CA ASP B 527 13.35 -25.27 -33.51
C ASP B 527 14.09 -26.58 -33.80
N SER B 528 13.60 -27.66 -33.20
CA SER B 528 14.20 -28.99 -33.36
C SER B 528 13.09 -30.02 -33.33
N PRO B 529 12.52 -30.36 -34.49
CA PRO B 529 11.46 -31.38 -34.53
C PRO B 529 11.93 -32.77 -34.11
N ALA B 530 13.24 -33.00 -34.06
CA ALA B 530 13.73 -34.35 -33.74
C ALA B 530 13.24 -34.82 -32.38
N LEU B 531 13.07 -33.91 -31.42
CA LEU B 531 12.65 -34.35 -30.09
C LEU B 531 11.24 -34.92 -30.12
N CYS B 532 10.38 -34.41 -31.02
CA CYS B 532 9.02 -34.89 -31.17
C CYS B 532 8.90 -35.91 -32.30
N ARG B 533 9.99 -36.62 -32.57
CA ARG B 533 10.00 -37.64 -33.61
C ARG B 533 9.24 -38.88 -33.17
N HIS B 534 9.35 -39.25 -31.89
CA HIS B 534 8.71 -40.45 -31.38
C HIS B 534 7.22 -40.26 -31.12
N LEU B 535 6.78 -39.02 -30.93
CA LEU B 535 5.40 -38.79 -30.49
C LEU B 535 4.41 -39.07 -31.61
N MET B 536 4.76 -38.72 -32.85
CA MET B 536 3.87 -38.91 -33.98
C MET B 536 4.65 -39.44 -35.16
N PRO B 537 4.28 -40.61 -35.71
CA PRO B 537 5.01 -41.11 -36.88
C PRO B 537 4.46 -40.55 -38.18
N ASN C 11 -26.74 3.16 60.69
CA ASN C 11 -28.08 2.67 60.48
C ASN C 11 -28.09 1.57 59.42
N LEU C 12 -28.59 1.88 58.22
CA LEU C 12 -28.74 0.86 57.18
C LEU C 12 -27.44 0.66 56.41
N THR C 13 -26.82 1.74 55.96
CA THR C 13 -25.68 1.62 55.06
C THR C 13 -24.46 1.03 55.75
N CYS C 14 -24.35 1.22 57.06
CA CYS C 14 -23.13 0.83 57.76
C CYS C 14 -22.77 -0.64 57.58
N PRO C 15 -23.66 -1.60 57.88
CA PRO C 15 -23.28 -3.00 57.67
C PRO C 15 -22.99 -3.36 56.23
N ALA C 16 -23.78 -2.86 55.29
CA ALA C 16 -23.61 -3.25 53.88
C ALA C 16 -22.16 -3.15 53.43
N CYS C 17 -21.46 -2.13 53.90
CA CYS C 17 -20.04 -1.99 53.56
C CYS C 17 -19.23 -3.16 54.11
N LYS C 18 -19.45 -3.50 55.38
CA LYS C 18 -18.64 -4.52 56.03
C LYS C 18 -18.72 -5.87 55.31
N VAL C 19 -19.86 -6.16 54.68
CA VAL C 19 -20.04 -7.45 54.01
C VAL C 19 -19.12 -7.56 52.81
N LEU C 20 -19.27 -6.65 51.85
CA LEU C 20 -18.51 -6.71 50.62
C LEU C 20 -17.01 -6.83 50.91
N PHE C 21 -16.47 -5.91 51.70
CA PHE C 21 -15.05 -5.96 52.02
C PHE C 21 -14.66 -7.31 52.61
N THR C 22 -15.53 -7.86 53.46
CA THR C 22 -15.28 -9.21 53.96
C THR C 22 -15.22 -10.21 52.81
N ALA C 23 -16.10 -10.07 51.83
CA ALA C 23 -16.11 -10.97 50.70
C ALA C 23 -14.88 -10.78 49.82
N LEU C 24 -14.55 -9.53 49.49
CA LEU C 24 -13.37 -9.27 48.68
C LEU C 24 -12.13 -9.89 49.29
N ASN C 25 -11.89 -9.63 50.57
CA ASN C 25 -10.75 -10.23 51.24
C ASN C 25 -10.78 -11.74 51.14
N HIS C 26 -11.97 -12.34 51.10
CA HIS C 26 -12.09 -13.77 50.86
C HIS C 26 -11.88 -14.10 49.38
N GLY C 27 -12.50 -13.34 48.49
CA GLY C 27 -12.42 -13.64 47.07
C GLY C 27 -11.00 -13.51 46.53
N LEU C 28 -10.29 -12.46 46.93
CA LEU C 28 -8.96 -12.20 46.40
C LEU C 28 -7.95 -13.27 46.78
N LYS C 29 -8.29 -14.16 47.71
CA LYS C 29 -7.41 -15.29 48.00
C LYS C 29 -7.18 -16.15 46.77
N LYS C 30 -8.09 -16.12 45.80
CA LYS C 30 -7.95 -16.89 44.57
C LYS C 30 -7.18 -16.08 43.53
N GLU C 31 -6.13 -16.68 42.98
CA GLU C 31 -5.26 -15.95 42.07
C GLU C 31 -5.96 -15.46 40.81
N PRO C 32 -6.92 -16.19 40.23
CA PRO C 32 -7.61 -15.63 39.05
C PRO C 32 -8.11 -14.22 39.29
N ASN C 33 -8.64 -13.96 40.49
CA ASN C 33 -9.00 -12.60 40.88
C ASN C 33 -7.75 -11.73 40.96
N VAL C 34 -6.72 -12.22 41.65
CA VAL C 34 -5.46 -11.49 41.72
C VAL C 34 -4.92 -11.23 40.32
N ALA C 35 -4.99 -12.24 39.45
CA ALA C 35 -4.61 -12.03 38.05
C ALA C 35 -5.55 -11.03 37.38
N ARG C 36 -6.85 -11.13 37.68
CA ARG C 36 -7.79 -10.15 37.16
C ARG C 36 -7.38 -8.74 37.56
N VAL C 37 -6.98 -8.56 38.82
CA VAL C 37 -6.46 -7.26 39.25
C VAL C 37 -5.20 -6.92 38.48
N GLY C 38 -4.36 -7.92 38.22
CA GLY C 38 -3.17 -7.68 37.42
C GLY C 38 -3.51 -7.16 36.04
N SER C 39 -4.43 -7.83 35.35
CA SER C 39 -4.84 -7.38 34.02
C SER C 39 -5.26 -5.92 34.04
N VAL C 40 -5.92 -5.49 35.11
CA VAL C 40 -6.35 -4.11 35.22
C VAL C 40 -5.15 -3.20 35.47
N ALA C 41 -4.35 -3.52 36.48
CA ALA C 41 -3.23 -2.66 36.85
C ALA C 41 -2.31 -2.39 35.66
N ILE C 42 -2.18 -3.36 34.75
CA ILE C 42 -1.25 -3.23 33.64
C ILE C 42 -1.75 -2.18 32.65
N LYS C 43 -3.01 -2.28 32.22
CA LYS C 43 -3.55 -1.30 31.29
C LYS C 43 -3.32 0.11 31.81
N ILE C 44 -3.43 0.30 33.13
CA ILE C 44 -3.12 1.60 33.72
C ILE C 44 -1.65 1.91 33.54
N CYS C 45 -0.79 0.94 33.82
CA CYS C 45 0.65 1.17 33.75
C CYS C 45 1.06 1.78 32.42
N LYS C 46 0.32 1.50 31.35
CA LYS C 46 0.58 2.15 30.08
C LYS C 46 -0.06 3.54 30.01
N MET C 47 -1.20 3.73 30.66
CA MET C 47 -1.92 5.00 30.52
C MET C 47 -1.10 6.16 31.08
N LEU C 48 -0.41 5.94 32.21
CA LEU C 48 0.40 6.98 32.83
C LEU C 48 1.85 6.97 32.37
N ASN C 49 2.19 6.11 31.40
CA ASN C 49 3.54 6.06 30.84
C ASN C 49 4.59 5.86 31.93
N ILE C 50 4.33 4.90 32.82
CA ILE C 50 5.33 4.54 33.82
C ILE C 50 6.48 3.80 33.17
N ALA C 51 6.19 2.92 32.22
CA ALA C 51 7.20 2.09 31.59
C ALA C 51 6.58 1.41 30.37
N PRO C 52 7.39 0.86 29.48
CA PRO C 52 6.84 0.06 28.38
C PRO C 52 6.05 -1.13 28.92
N LEU C 53 5.14 -1.65 28.09
CA LEU C 53 4.19 -2.65 28.55
C LEU C 53 4.89 -3.88 29.11
N ASP C 54 5.92 -4.37 28.41
CA ASP C 54 6.60 -5.59 28.87
C ASP C 54 7.09 -5.44 30.31
N VAL C 55 7.58 -4.25 30.66
CA VAL C 55 8.06 -4.02 32.03
C VAL C 55 6.87 -3.97 33.00
N CYS C 56 5.74 -3.46 32.55
CA CYS C 56 4.55 -3.45 33.39
C CYS C 56 4.11 -4.87 33.73
N GLN C 57 4.02 -5.73 32.72
CA GLN C 57 3.53 -7.08 32.95
C GLN C 57 4.38 -7.81 33.98
N SER C 58 5.70 -7.70 33.87
CA SER C 58 6.59 -8.39 34.81
C SER C 58 6.42 -7.85 36.22
N ALA C 59 6.45 -6.53 36.37
CA ALA C 59 6.44 -5.93 37.70
C ALA C 59 5.17 -6.29 38.46
N VAL C 60 4.00 -6.06 37.86
CA VAL C 60 2.74 -6.40 38.51
C VAL C 60 2.78 -7.83 39.00
N HIS C 61 3.22 -8.75 38.15
CA HIS C 61 3.26 -10.15 38.53
C HIS C 61 4.11 -10.36 39.78
N LEU C 62 5.11 -9.52 39.99
CA LEU C 62 5.95 -9.64 41.18
C LEU C 62 5.27 -9.06 42.41
N PHE C 63 4.50 -7.98 42.25
CA PHE C 63 3.88 -7.30 43.38
C PHE C 63 2.53 -7.90 43.77
N GLU C 64 1.68 -8.15 42.77
CA GLU C 64 0.27 -8.47 43.02
C GLU C 64 0.09 -9.40 44.22
N ASP C 65 0.97 -10.39 44.37
CA ASP C 65 0.83 -11.33 45.48
C ASP C 65 0.91 -10.61 46.82
N ASP C 66 1.92 -9.77 47.01
CA ASP C 66 2.11 -9.10 48.29
C ASP C 66 1.17 -7.92 48.46
N VAL C 67 0.90 -7.19 47.39
CA VAL C 67 0.01 -6.02 47.48
C VAL C 67 -1.39 -6.47 47.88
N VAL C 68 -1.89 -7.52 47.25
CA VAL C 68 -3.22 -8.01 47.58
C VAL C 68 -3.28 -8.46 49.03
N GLU C 69 -2.22 -9.10 49.51
CA GLU C 69 -2.21 -9.57 50.89
C GLU C 69 -2.39 -8.42 51.86
N VAL C 70 -1.61 -7.35 51.70
CA VAL C 70 -1.68 -6.24 52.64
C VAL C 70 -3.02 -5.53 52.53
N TRP C 71 -3.50 -5.30 51.31
CA TRP C 71 -4.76 -4.58 51.13
C TRP C 71 -5.90 -5.27 51.86
N THR C 72 -6.06 -6.57 51.64
CA THR C 72 -7.14 -7.30 52.31
C THR C 72 -6.99 -7.22 53.83
N ARG C 73 -5.76 -7.23 54.31
CA ARG C 73 -5.48 -7.18 55.74
C ARG C 73 -5.39 -5.75 56.27
N SER C 74 -5.61 -4.74 55.43
CA SER C 74 -5.47 -3.36 55.84
C SER C 74 -6.48 -2.47 55.12
N VAL C 75 -6.06 -1.93 53.97
CA VAL C 75 -6.92 -1.02 53.22
C VAL C 75 -8.29 -1.64 52.99
N LEU C 76 -8.30 -2.86 52.45
CA LEU C 76 -9.54 -3.57 52.16
C LEU C 76 -10.06 -4.34 53.36
N SER C 77 -9.45 -4.17 54.53
CA SER C 77 -10.04 -4.72 55.74
C SER C 77 -11.42 -4.08 55.95
N PRO C 78 -12.40 -4.82 56.45
CA PRO C 78 -13.74 -4.23 56.58
C PRO C 78 -13.78 -2.99 57.47
N SER C 79 -13.20 -3.08 58.66
CA SER C 79 -13.29 -1.96 59.61
C SER C 79 -12.68 -0.69 59.03
N GLU C 80 -11.50 -0.81 58.43
CA GLU C 80 -10.79 0.38 57.97
C GLU C 80 -11.56 1.11 56.89
N ALA C 81 -11.93 0.39 55.83
CA ALA C 81 -12.51 1.03 54.66
C ALA C 81 -13.83 1.73 55.00
N CYS C 82 -14.72 1.03 55.70
CA CYS C 82 -16.03 1.59 56.00
C CYS C 82 -15.91 2.84 56.84
N GLY C 83 -15.02 2.82 57.84
CA GLY C 83 -14.81 4.01 58.66
C GLY C 83 -14.45 5.23 57.84
N LEU C 84 -13.71 5.03 56.75
CA LEU C 84 -13.32 6.14 55.90
C LEU C 84 -14.52 6.66 55.11
N LEU C 85 -15.29 5.74 54.52
CA LEU C 85 -16.41 6.14 53.67
C LEU C 85 -17.56 6.72 54.48
N LEU C 86 -17.84 6.13 55.63
CA LEU C 86 -19.03 6.48 56.40
C LEU C 86 -18.72 7.29 57.65
N GLY C 87 -17.49 7.31 58.11
CA GLY C 87 -17.12 8.07 59.29
C GLY C 87 -16.93 7.19 60.51
N SER C 88 -16.64 7.87 61.62
CA SER C 88 -16.38 7.16 62.87
C SER C 88 -17.58 6.33 63.31
N SER C 89 -18.79 6.74 62.92
CA SER C 89 -19.98 6.01 63.34
C SER C 89 -19.92 4.55 62.94
N CYS C 90 -19.30 4.25 61.79
CA CYS C 90 -19.28 2.89 61.24
C CYS C 90 -17.84 2.49 60.93
N GLY C 91 -17.08 2.19 61.98
CA GLY C 91 -15.73 1.70 61.82
C GLY C 91 -14.70 2.71 62.27
N HIS C 92 -13.47 2.48 61.83
CA HIS C 92 -12.34 3.32 62.24
C HIS C 92 -11.25 3.24 61.19
N TRP C 93 -10.88 4.39 60.63
CA TRP C 93 -9.82 4.50 59.64
C TRP C 93 -8.57 5.04 60.34
N ASP C 94 -7.55 4.20 60.48
CA ASP C 94 -6.37 4.53 61.27
C ASP C 94 -5.08 4.19 60.52
N ILE C 95 -5.12 4.20 59.19
CA ILE C 95 -4.02 3.67 58.41
C ILE C 95 -2.73 4.42 58.71
N PHE C 96 -2.72 5.73 58.46
CA PHE C 96 -1.53 6.53 58.74
C PHE C 96 -1.79 7.37 59.98
N SER C 97 -2.21 6.72 61.04
CA SER C 97 -2.48 7.41 62.30
C SER C 97 -1.18 7.81 62.98
N THR C 98 -1.31 8.68 63.97
CA THR C 98 -0.19 9.15 64.76
C THR C 98 0.04 8.25 65.97
N TRP C 99 1.25 8.35 66.53
CA TRP C 99 1.64 7.54 67.67
C TRP C 99 2.76 8.25 68.40
N ASN C 100 2.94 7.90 69.67
CA ASN C 100 3.89 8.58 70.54
C ASN C 100 4.87 7.59 71.15
N ILE C 101 5.98 8.14 71.62
CA ILE C 101 7.04 7.36 72.27
C ILE C 101 7.19 7.87 73.69
N SER C 102 7.43 6.95 74.62
CA SER C 102 7.66 7.30 76.01
C SER C 102 9.16 7.43 76.26
N LEU C 103 9.55 8.55 76.85
CA LEU C 103 10.93 8.80 77.22
C LEU C 103 11.17 8.44 78.68
N PRO C 104 12.42 8.28 79.10
CA PRO C 104 12.71 7.94 80.50
C PRO C 104 12.30 9.07 81.44
N SER C 105 12.24 8.74 82.72
CA SER C 105 11.92 9.70 83.76
C SER C 105 13.12 10.54 84.16
N VAL C 106 14.26 10.38 83.50
CA VAL C 106 15.48 11.09 83.87
C VAL C 106 15.31 12.58 83.54
N PRO C 107 15.54 13.49 84.48
CA PRO C 107 15.54 14.91 84.12
C PRO C 107 16.65 15.22 83.13
N LYS C 108 16.29 15.94 82.07
CA LYS C 108 17.26 16.26 81.03
C LYS C 108 18.35 17.18 81.59
N PRO C 109 19.62 16.85 81.40
CA PRO C 109 20.68 17.75 81.86
C PRO C 109 20.69 19.03 81.05
N PRO C 110 21.31 20.10 81.56
CA PRO C 110 21.35 21.36 80.82
C PRO C 110 21.94 21.16 79.43
N PRO C 111 21.37 21.78 78.41
CA PRO C 111 21.94 21.67 77.06
C PRO C 111 23.43 22.01 77.05
N LYS C 112 24.18 21.30 76.23
CA LYS C 112 25.63 21.41 76.25
C LYS C 112 26.22 20.98 74.91
N PRO C 113 26.67 21.91 74.07
CA PRO C 113 27.36 21.53 72.83
C PRO C 113 28.82 21.22 73.08
N PRO C 114 29.49 20.53 72.16
CA PRO C 114 30.89 20.15 72.37
C PRO C 114 31.85 21.33 72.25
N SER C 115 32.91 21.28 73.06
CA SER C 115 33.96 22.28 73.02
C SER C 115 34.94 21.97 71.90
N PRO C 116 35.57 22.99 71.30
CA PRO C 116 36.52 22.72 70.24
C PRO C 116 37.63 21.81 70.72
N PRO C 117 38.15 20.95 69.85
CA PRO C 117 39.23 20.04 70.28
C PRO C 117 40.50 20.80 70.62
N ALA C 118 41.28 20.23 71.52
CA ALA C 118 42.52 20.85 71.95
C ALA C 118 43.60 20.70 70.88
N PRO C 119 44.67 21.49 70.96
CA PRO C 119 45.75 21.36 69.97
C PRO C 119 46.38 19.96 70.01
N GLY C 120 46.79 19.49 68.84
CA GLY C 120 47.41 18.20 68.71
C GLY C 120 46.48 17.01 68.88
N ALA C 121 45.22 17.23 69.24
CA ALA C 121 44.31 16.12 69.44
C ALA C 121 44.27 15.25 68.18
N PRO C 122 44.18 13.94 68.32
CA PRO C 122 44.15 13.09 67.13
C PRO C 122 42.85 13.27 66.36
N VAL C 123 42.93 13.06 65.05
CA VAL C 123 41.77 13.04 64.18
C VAL C 123 41.64 11.64 63.62
N SER C 124 40.40 11.20 63.44
CA SER C 124 40.12 9.91 62.82
C SER C 124 39.44 10.14 61.48
N ARG C 125 39.82 9.34 60.49
CA ARG C 125 39.24 9.40 59.15
C ARG C 125 38.29 8.23 58.99
N VAL C 126 37.03 8.52 58.70
CA VAL C 126 36.00 7.50 58.57
C VAL C 126 35.47 7.55 57.16
N LEU C 127 35.59 6.43 56.46
CA LEU C 127 35.03 6.31 55.12
C LEU C 127 33.53 6.07 55.21
N PHE C 128 32.79 6.69 54.32
CA PHE C 128 31.34 6.55 54.29
C PHE C 128 30.91 6.13 52.89
N LEU C 129 30.19 5.02 52.81
CA LEU C 129 29.76 4.44 51.54
C LEU C 129 28.24 4.34 51.52
N THR C 130 27.65 4.62 50.36
CA THR C 130 26.21 4.61 50.26
C THR C 130 25.78 4.45 48.81
N ASP C 131 24.69 3.72 48.61
CA ASP C 131 24.02 3.62 47.32
C ASP C 131 25.01 3.30 46.20
N LEU C 132 25.66 2.16 46.33
CA LEU C 132 26.57 1.71 45.30
C LEU C 132 25.82 1.23 44.07
N HIS C 133 24.72 0.50 44.27
CA HIS C 133 23.84 0.09 43.17
C HIS C 133 24.61 -0.58 42.04
N TRP C 134 24.94 -1.86 42.18
CA TRP C 134 25.62 -2.61 41.13
C TRP C 134 24.62 -3.22 40.18
N ASP C 135 24.85 -3.04 38.88
CA ASP C 135 24.02 -3.64 37.83
C ASP C 135 24.84 -4.73 37.14
N HIS C 136 24.53 -5.98 37.46
CA HIS C 136 25.26 -7.10 36.87
C HIS C 136 24.94 -7.28 35.39
N GLU C 137 23.84 -6.69 34.91
CA GLU C 137 23.47 -6.75 33.51
C GLU C 137 24.01 -5.58 32.71
N TYR C 138 24.76 -4.70 33.35
CA TYR C 138 25.32 -3.53 32.68
C TYR C 138 26.11 -3.96 31.44
N LEU C 139 25.93 -3.22 30.36
CA LEU C 139 26.63 -3.52 29.12
C LEU C 139 26.96 -2.22 28.40
N GLU C 140 28.23 -2.03 28.09
CA GLU C 140 28.64 -0.86 27.32
C GLU C 140 28.03 -0.90 25.92
N GLY C 141 27.83 0.29 25.35
CA GLY C 141 27.32 0.43 24.01
C GLY C 141 25.81 0.36 23.87
N THR C 142 25.11 -0.20 24.86
CA THR C 142 23.66 -0.26 24.80
C THR C 142 23.05 1.12 24.96
N ASP C 143 21.79 1.24 24.57
CA ASP C 143 21.11 2.52 24.61
C ASP C 143 21.04 3.04 26.04
N PRO C 144 21.66 4.18 26.36
CA PRO C 144 21.49 4.75 27.70
C PRO C 144 20.19 5.50 27.88
N TYR C 145 19.45 5.75 26.81
CA TYR C 145 18.21 6.51 26.88
C TYR C 145 17.05 5.66 26.39
N CYS C 146 16.96 4.44 26.92
CA CYS C 146 15.88 3.52 26.59
C CYS C 146 14.59 3.96 27.26
N ALA C 147 13.49 3.34 26.85
CA ALA C 147 12.20 3.59 27.48
C ALA C 147 12.12 3.00 28.88
N ASP C 148 12.91 1.97 29.18
CA ASP C 148 12.83 1.32 30.47
C ASP C 148 13.28 2.26 31.58
N PRO C 149 12.83 2.01 32.81
CA PRO C 149 13.28 2.87 33.93
C PRO C 149 14.78 2.82 34.19
N LEU C 150 15.46 1.76 33.77
CA LEU C 150 16.91 1.65 33.91
C LEU C 150 17.47 1.21 32.56
N CYS C 151 18.54 1.88 32.12
CA CYS C 151 19.13 1.59 30.82
C CYS C 151 20.58 1.15 30.96
N CYS C 152 21.33 1.18 29.86
CA CYS C 152 22.73 0.72 29.83
C CYS C 152 22.81 -0.76 30.19
N ARG C 153 21.88 -1.55 29.66
CA ARG C 153 21.85 -2.99 29.95
C ARG C 153 21.59 -3.76 28.67
N ARG C 154 21.83 -5.07 28.77
CA ARG C 154 21.27 -6.02 27.83
C ARG C 154 19.76 -6.02 27.95
N GLY C 155 19.07 -5.75 26.85
CA GLY C 155 17.63 -5.61 26.83
C GLY C 155 17.16 -4.19 26.61
N SER C 156 18.03 -3.21 26.84
CA SER C 156 17.70 -1.82 26.59
C SER C 156 17.61 -1.49 25.11
N GLY C 157 18.02 -2.40 24.24
CA GLY C 157 18.16 -2.08 22.85
C GLY C 157 19.51 -1.43 22.59
N TRP C 158 19.59 -0.68 21.50
CA TRP C 158 20.83 0.00 21.14
C TRP C 158 20.54 1.43 20.70
N PRO C 159 21.48 2.35 20.89
CA PRO C 159 21.26 3.74 20.52
C PRO C 159 20.86 3.85 19.07
N PRO C 160 19.68 4.38 18.78
CA PRO C 160 19.24 4.50 17.38
C PRO C 160 20.12 5.45 16.59
N ASN C 161 20.52 5.02 15.40
CA ASN C 161 21.14 5.89 14.41
C ASN C 161 22.52 6.39 14.83
N SER C 162 23.49 5.48 14.88
CA SER C 162 24.90 5.84 14.98
C SER C 162 25.13 6.91 16.06
N GLN C 163 24.62 6.63 17.25
CA GLN C 163 24.85 7.48 18.41
C GLN C 163 25.69 6.73 19.43
N LYS C 164 26.27 7.50 20.36
CA LYS C 164 27.12 6.91 21.39
C LYS C 164 26.27 6.13 22.39
N GLY C 165 26.72 4.91 22.70
CA GLY C 165 26.05 4.08 23.66
C GLY C 165 26.66 4.19 25.05
N ALA C 166 26.08 3.42 25.98
CA ALA C 166 26.52 3.45 27.37
C ALA C 166 28.04 3.40 27.46
N GLY C 167 28.59 4.24 28.32
CA GLY C 167 30.02 4.29 28.50
C GLY C 167 30.55 3.02 29.15
N PHE C 168 31.87 2.89 29.10
CA PHE C 168 32.51 1.67 29.61
C PHE C 168 32.49 1.63 31.13
N TRP C 169 32.64 2.80 31.77
CA TRP C 169 32.69 2.88 33.22
C TRP C 169 31.37 3.32 33.85
N GLY C 170 30.41 3.71 33.03
CA GLY C 170 29.17 4.27 33.54
C GLY C 170 28.67 5.31 32.56
N GLU C 171 27.51 5.89 32.90
CA GLU C 171 26.88 6.84 32.02
C GLU C 171 26.09 7.87 32.82
N TYR C 172 26.20 9.13 32.40
CA TYR C 172 25.42 10.22 32.97
C TYR C 172 23.96 10.04 32.56
N SER C 173 23.27 9.14 33.24
CA SER C 173 21.87 8.88 32.92
C SER C 173 21.29 7.94 33.97
N LYS C 174 20.06 7.50 33.73
CA LYS C 174 19.39 6.54 34.60
C LYS C 174 20.03 5.18 34.43
N CYS C 175 21.27 5.05 34.89
CA CYS C 175 22.02 3.82 34.75
C CYS C 175 22.84 3.61 36.02
N ASP C 176 22.78 2.40 36.57
CA ASP C 176 23.58 2.06 37.73
C ASP C 176 24.98 1.64 37.24
N LEU C 177 25.76 1.04 38.13
CA LEU C 177 27.18 0.93 37.84
C LEU C 177 27.56 -0.47 37.37
N PRO C 178 28.61 -0.57 36.55
CA PRO C 178 29.25 -1.87 36.31
C PRO C 178 30.18 -2.23 37.46
N LEU C 179 30.45 -3.53 37.58
CA LEU C 179 31.29 -4.00 38.67
C LEU C 179 32.70 -3.45 38.57
N ARG C 180 33.17 -3.16 37.36
CA ARG C 180 34.53 -2.66 37.19
C ARG C 180 34.72 -1.33 37.92
N THR C 181 33.74 -0.43 37.82
CA THR C 181 33.88 0.88 38.45
C THR C 181 33.96 0.76 39.96
N LEU C 182 33.16 -0.13 40.55
CA LEU C 182 33.19 -0.32 41.99
C LEU C 182 34.55 -0.85 42.43
N GLU C 183 35.01 -1.92 41.79
CA GLU C 183 36.34 -2.44 42.09
C GLU C 183 37.39 -1.34 41.94
N SER C 184 37.22 -0.47 40.94
CA SER C 184 38.13 0.67 40.78
C SER C 184 38.09 1.58 42.00
N LEU C 185 36.91 1.76 42.57
CA LEU C 185 36.76 2.67 43.71
C LEU C 185 37.62 2.24 44.88
N LEU C 186 37.55 0.95 45.25
CA LEU C 186 38.32 0.46 46.38
C LEU C 186 39.81 0.64 46.17
N LYS C 187 40.26 0.59 44.92
CA LYS C 187 41.68 0.68 44.63
C LYS C 187 42.25 2.06 44.96
N GLY C 188 41.47 3.11 44.76
CA GLY C 188 41.98 4.46 44.88
C GLY C 188 41.78 5.11 46.22
N LEU C 189 41.73 4.31 47.30
CA LEU C 189 41.52 4.83 48.63
C LEU C 189 42.81 5.17 49.36
N GLY C 190 43.95 5.07 48.69
CA GLY C 190 45.22 5.39 49.29
C GLY C 190 45.27 6.80 49.86
N PRO C 191 45.13 7.81 48.98
CA PRO C 191 45.23 9.20 49.46
C PRO C 191 44.15 9.56 50.44
N ALA C 192 42.93 9.08 50.22
CA ALA C 192 41.83 9.40 51.14
C ALA C 192 42.10 8.85 52.54
N GLY C 193 42.81 7.74 52.65
CA GLY C 193 43.06 7.12 53.93
C GLY C 193 44.27 7.69 54.65
N PRO C 194 44.75 6.99 55.69
CA PRO C 194 44.21 5.72 56.19
C PRO C 194 42.89 5.90 56.97
N PHE C 195 42.06 4.86 57.00
CA PHE C 195 40.76 4.91 57.64
C PHE C 195 40.74 4.02 58.88
N GLU C 196 40.21 4.56 59.98
CA GLU C 196 40.02 3.77 61.19
C GLU C 196 38.83 2.82 61.07
N MET C 197 37.87 3.15 60.21
CA MET C 197 36.66 2.34 60.06
C MET C 197 35.85 2.91 58.90
N VAL C 198 34.75 2.23 58.56
CA VAL C 198 33.95 2.58 57.40
C VAL C 198 32.48 2.45 57.74
N TYR C 199 31.68 3.41 57.28
CA TYR C 199 30.24 3.36 57.39
C TYR C 199 29.64 3.11 56.01
N TRP C 200 28.61 2.26 55.96
CA TRP C 200 28.10 1.76 54.69
C TRP C 200 26.58 1.63 54.78
N THR C 201 25.86 2.54 54.14
CA THR C 201 24.42 2.69 54.36
C THR C 201 23.58 2.04 53.26
N GLY C 202 24.05 0.93 52.68
CA GLY C 202 23.17 0.07 51.93
C GLY C 202 22.84 0.54 50.52
N ASP C 203 21.71 0.02 50.02
CA ASP C 203 21.29 0.15 48.63
C ASP C 203 22.34 -0.46 47.71
N ILE C 204 22.33 -1.78 47.57
CA ILE C 204 23.35 -2.49 46.80
C ILE C 204 22.80 -2.93 45.44
N PRO C 205 21.61 -3.54 45.35
CA PRO C 205 21.07 -3.87 44.04
C PRO C 205 20.78 -2.62 43.22
N ALA C 206 20.67 -2.81 41.90
CA ALA C 206 20.29 -1.74 41.00
C ALA C 206 18.79 -1.48 41.12
N HIS C 207 18.26 -0.63 40.24
CA HIS C 207 16.85 -0.28 40.26
C HIS C 207 16.00 -1.16 39.35
N ASP C 208 16.51 -2.33 38.96
CA ASP C 208 15.77 -3.24 38.08
C ASP C 208 14.73 -4.02 38.87
N VAL C 209 13.92 -3.29 39.65
CA VAL C 209 13.03 -3.92 40.61
C VAL C 209 12.07 -4.89 39.93
N TRP C 210 11.75 -4.66 38.66
CA TRP C 210 10.79 -5.52 37.98
C TRP C 210 11.35 -6.91 37.65
N GLN C 211 12.63 -7.17 37.93
CA GLN C 211 13.22 -8.49 37.69
C GLN C 211 14.35 -8.70 38.70
N GLN C 212 13.96 -8.83 39.97
CA GLN C 212 14.91 -9.02 41.07
C GLN C 212 14.43 -10.19 41.90
N SER C 213 15.05 -11.36 41.71
CA SER C 213 14.76 -12.53 42.52
C SER C 213 15.64 -12.54 43.77
N ARG C 214 15.18 -13.27 44.79
CA ARG C 214 15.99 -13.44 45.98
C ARG C 214 17.40 -13.95 45.65
N GLN C 215 17.53 -14.75 44.59
CA GLN C 215 18.85 -15.23 44.19
C GLN C 215 19.69 -14.10 43.64
N ASP C 216 19.08 -13.20 42.85
CA ASP C 216 19.78 -12.02 42.39
C ASP C 216 20.22 -11.15 43.57
N GLN C 217 19.33 -10.97 44.55
CA GLN C 217 19.62 -10.07 45.67
C GLN C 217 20.78 -10.60 46.51
N LEU C 218 20.78 -11.91 46.80
CA LEU C 218 21.82 -12.47 47.64
C LEU C 218 23.17 -12.58 46.95
N ARG C 219 23.19 -12.59 45.61
CA ARG C 219 24.47 -12.53 44.91
C ARG C 219 25.11 -11.16 45.10
N ALA C 220 24.32 -10.10 45.05
CA ALA C 220 24.86 -8.76 45.24
C ALA C 220 25.38 -8.57 46.65
N LEU C 221 24.65 -9.05 47.66
CA LEU C 221 25.12 -8.97 49.03
C LEU C 221 26.47 -9.63 49.18
N THR C 222 26.56 -10.92 48.84
CA THR C 222 27.78 -11.68 49.06
C THR C 222 28.90 -11.21 48.13
N THR C 223 28.58 -10.94 46.87
CA THR C 223 29.59 -10.49 45.92
C THR C 223 30.26 -9.20 46.40
N ILE C 224 29.45 -8.18 46.66
CA ILE C 224 30.00 -6.88 47.00
C ILE C 224 30.68 -6.93 48.37
N THR C 225 30.04 -7.58 49.35
CA THR C 225 30.60 -7.64 50.70
C THR C 225 32.02 -8.21 50.67
N ASP C 226 32.20 -9.38 50.03
CA ASP C 226 33.53 -9.96 49.92
C ASP C 226 34.49 -9.00 49.23
N LEU C 227 34.00 -8.28 48.21
CA LEU C 227 34.85 -7.32 47.53
C LEU C 227 35.28 -6.20 48.45
N VAL C 228 34.39 -5.79 49.37
CA VAL C 228 34.76 -4.78 50.36
C VAL C 228 35.81 -5.34 51.31
N ARG C 229 35.46 -6.40 52.04
CA ARG C 229 36.42 -7.05 52.93
C ARG C 229 37.72 -7.40 52.20
N LYS C 230 37.67 -7.53 50.88
CA LYS C 230 38.86 -7.86 50.11
C LYS C 230 39.87 -6.72 50.14
N PHE C 231 39.41 -5.49 49.88
CA PHE C 231 40.30 -4.34 49.81
C PHE C 231 40.53 -3.67 51.16
N LEU C 232 39.54 -3.68 52.04
CA LEU C 232 39.69 -2.99 53.32
C LEU C 232 40.53 -3.80 54.30
N GLY C 233 40.26 -5.10 54.40
CA GLY C 233 41.03 -5.96 55.27
C GLY C 233 40.67 -5.77 56.73
N PRO C 234 41.67 -5.50 57.59
CA PRO C 234 41.37 -5.41 59.03
C PRO C 234 40.48 -4.23 59.39
N VAL C 235 40.33 -3.25 58.52
CA VAL C 235 39.58 -2.02 58.84
C VAL C 235 38.10 -2.38 59.02
N PRO C 236 37.49 -2.08 60.17
CA PRO C 236 36.10 -2.52 60.38
C PRO C 236 35.12 -1.69 59.58
N VAL C 237 34.18 -2.37 58.95
CA VAL C 237 33.12 -1.75 58.16
C VAL C 237 31.81 -1.97 58.91
N TYR C 238 31.04 -0.89 59.08
CA TYR C 238 29.79 -0.94 59.82
C TYR C 238 28.64 -0.60 58.88
N PRO C 239 27.86 -1.59 58.40
CA PRO C 239 26.86 -1.28 57.37
C PRO C 239 25.43 -1.12 57.90
N ALA C 240 24.54 -0.60 57.07
CA ALA C 240 23.14 -0.41 57.43
C ALA C 240 22.26 -0.86 56.27
N VAL C 241 20.98 -1.05 56.57
CA VAL C 241 20.05 -1.64 55.60
C VAL C 241 19.58 -0.56 54.63
N GLY C 242 19.63 -0.88 53.33
CA GLY C 242 19.03 -0.05 52.31
C GLY C 242 17.71 -0.62 51.84
N ASN C 243 17.03 0.14 50.99
CA ASN C 243 15.67 -0.20 50.59
C ASN C 243 15.62 -1.11 49.37
N HIS C 244 16.58 -0.98 48.45
CA HIS C 244 16.61 -1.82 47.26
C HIS C 244 17.11 -3.23 47.52
N GLU C 245 17.42 -3.56 48.78
CA GLU C 245 18.12 -4.81 49.07
C GLU C 245 17.19 -6.01 49.18
N SER C 246 15.91 -5.80 49.45
CA SER C 246 14.95 -6.88 49.50
C SER C 246 14.22 -7.00 48.17
N THR C 247 13.30 -7.94 48.10
CA THR C 247 12.43 -8.10 46.95
C THR C 247 11.08 -8.65 47.44
N PRO C 248 9.97 -8.00 47.05
CA PRO C 248 9.86 -6.79 46.23
C PRO C 248 10.40 -5.55 46.94
N VAL C 249 10.87 -4.58 46.14
CA VAL C 249 11.57 -3.41 46.66
C VAL C 249 10.73 -2.70 47.72
N ASN C 250 11.41 -2.14 48.72
CA ASN C 250 10.80 -1.30 49.75
C ASN C 250 9.93 -2.10 50.72
N GLY C 251 9.56 -3.33 50.37
CA GLY C 251 8.73 -4.14 51.22
C GLY C 251 9.52 -4.82 52.32
N PHE C 252 9.34 -4.37 53.56
CA PHE C 252 10.06 -4.91 54.72
C PHE C 252 9.05 -5.22 55.81
N PRO C 253 8.58 -6.46 55.88
CA PRO C 253 7.60 -6.82 56.92
C PRO C 253 8.22 -6.67 58.31
N PRO C 254 7.47 -6.13 59.28
CA PRO C 254 7.98 -6.06 60.64
C PRO C 254 8.24 -7.44 61.22
N PRO C 255 8.87 -7.51 62.40
CA PRO C 255 9.23 -8.84 62.95
C PRO C 255 8.05 -9.76 63.21
N PHE C 256 6.91 -9.23 63.67
CA PHE C 256 5.80 -10.10 64.03
C PHE C 256 5.32 -10.96 62.87
N ILE C 257 5.71 -10.64 61.64
CA ILE C 257 5.37 -11.46 60.49
C ILE C 257 6.35 -12.62 60.40
N LYS C 258 5.83 -13.80 60.06
CA LYS C 258 6.62 -15.02 60.02
C LYS C 258 6.38 -15.73 58.68
N GLY C 259 7.17 -16.76 58.43
CA GLY C 259 7.01 -17.58 57.24
C GLY C 259 8.05 -17.28 56.18
N ASN C 260 7.78 -17.81 54.98
CA ASN C 260 8.70 -17.66 53.87
C ASN C 260 8.73 -16.22 53.36
N GLN C 261 7.61 -15.50 53.45
CA GLN C 261 7.57 -14.10 53.03
C GLN C 261 8.19 -13.16 54.05
N SER C 262 8.64 -13.68 55.20
CA SER C 262 9.36 -12.88 56.17
C SER C 262 10.70 -12.44 55.60
N SER C 263 11.34 -11.50 56.29
CA SER C 263 12.65 -11.00 55.91
C SER C 263 13.79 -11.83 56.51
N GLN C 264 13.50 -13.06 56.95
CA GLN C 264 14.54 -13.91 57.52
C GLN C 264 15.61 -14.25 56.49
N TRP C 265 15.19 -14.54 55.26
CA TRP C 265 16.15 -14.88 54.22
C TRP C 265 17.21 -13.81 54.06
N LEU C 266 16.82 -12.54 54.26
CA LEU C 266 17.74 -11.44 54.05
C LEU C 266 18.64 -11.23 55.26
N TYR C 267 18.06 -11.18 56.46
CA TYR C 267 18.84 -10.87 57.65
C TYR C 267 19.87 -11.95 57.95
N GLU C 268 19.54 -13.22 57.69
CA GLU C 268 20.49 -14.29 57.98
C GLU C 268 21.71 -14.21 57.07
N ALA C 269 21.52 -13.91 55.79
CA ALA C 269 22.64 -13.79 54.87
C ALA C 269 23.60 -12.70 55.33
N MET C 270 23.07 -11.58 55.80
CA MET C 270 23.92 -10.47 56.26
C MET C 270 24.77 -10.89 57.45
N ALA C 271 24.17 -11.60 58.41
CA ALA C 271 24.93 -12.07 59.56
C ALA C 271 26.15 -12.86 59.12
N LYS C 272 25.96 -13.81 58.21
CA LYS C 272 27.10 -14.59 57.70
C LYS C 272 28.09 -13.70 56.97
N ALA C 273 27.58 -12.77 56.16
CA ALA C 273 28.45 -11.92 55.36
C ALA C 273 29.18 -10.88 56.20
N TRP C 274 28.65 -10.52 57.37
CA TRP C 274 29.19 -9.42 58.17
C TRP C 274 29.74 -9.89 59.51
N GLU C 275 29.79 -11.20 59.77
CA GLU C 275 30.34 -11.71 61.01
C GLU C 275 31.74 -11.17 61.31
N PRO C 276 32.67 -11.10 60.35
CA PRO C 276 34.03 -10.63 60.69
C PRO C 276 34.06 -9.24 61.28
N TRP C 277 33.06 -8.42 60.98
CA TRP C 277 33.07 -7.02 61.39
C TRP C 277 32.38 -6.79 62.73
N LEU C 278 31.39 -7.62 63.08
CA LEU C 278 30.52 -7.35 64.19
C LEU C 278 30.67 -8.39 65.30
N PRO C 279 30.36 -8.03 66.54
CA PRO C 279 30.37 -9.02 67.63
C PRO C 279 29.05 -9.78 67.72
N ALA C 280 28.95 -10.70 68.67
CA ALA C 280 27.79 -11.58 68.75
C ALA C 280 26.54 -10.83 69.19
N ASP C 281 26.64 -10.07 70.30
CA ASP C 281 25.45 -9.40 70.83
C ASP C 281 24.84 -8.45 69.82
N ALA C 282 25.64 -7.92 68.89
CA ALA C 282 25.11 -7.07 67.83
C ALA C 282 24.45 -7.89 66.74
N LEU C 283 25.05 -9.03 66.38
CA LEU C 283 24.42 -9.92 65.42
C LEU C 283 23.08 -10.43 65.93
N HIS C 284 22.95 -10.62 67.24
CA HIS C 284 21.70 -11.08 67.82
C HIS C 284 20.53 -10.21 67.35
N THR C 285 20.60 -8.91 67.61
CA THR C 285 19.51 -8.01 67.21
C THR C 285 19.43 -7.88 65.70
N LEU C 286 20.57 -7.90 65.01
CA LEU C 286 20.57 -7.77 63.56
C LEU C 286 19.70 -8.84 62.91
N ARG C 287 19.95 -10.11 63.24
CA ARG C 287 19.14 -11.19 62.69
C ARG C 287 17.66 -11.00 62.94
N ILE C 288 17.30 -10.21 63.94
CA ILE C 288 15.91 -10.04 64.34
C ILE C 288 15.28 -8.90 63.55
N GLY C 289 15.80 -7.69 63.71
CA GLY C 289 15.14 -6.51 63.17
C GLY C 289 15.95 -5.66 62.23
N GLY C 290 17.20 -6.04 61.95
CA GLY C 290 18.02 -5.26 61.06
C GLY C 290 18.59 -4.01 61.67
N PHE C 291 18.77 -3.99 62.99
CA PHE C 291 19.42 -2.89 63.69
C PHE C 291 20.27 -3.48 64.80
N TYR C 292 21.18 -2.67 65.33
CA TYR C 292 22.11 -3.15 66.35
C TYR C 292 22.92 -1.96 66.87
N ALA C 293 23.67 -2.22 67.93
CA ALA C 293 24.52 -1.21 68.54
C ALA C 293 25.74 -1.88 69.15
N LEU C 294 26.87 -1.18 69.12
CA LEU C 294 28.12 -1.72 69.65
C LEU C 294 29.09 -0.58 69.89
N THR C 295 30.19 -0.91 70.58
CA THR C 295 31.24 0.04 70.87
C THR C 295 32.33 -0.06 69.82
N PRO C 296 32.38 0.81 68.82
CA PRO C 296 33.45 0.70 67.83
C PRO C 296 34.79 1.14 68.39
N ARG C 297 34.77 2.14 69.28
CA ARG C 297 35.99 2.62 69.91
C ARG C 297 35.62 3.21 71.26
N PRO C 298 36.58 3.30 72.18
CA PRO C 298 36.24 3.74 73.53
C PRO C 298 35.58 5.11 73.55
N GLY C 299 34.53 5.23 74.36
CA GLY C 299 33.80 6.46 74.50
C GLY C 299 32.78 6.74 73.42
N LEU C 300 32.61 5.83 72.46
CA LEU C 300 31.69 6.02 71.36
C LEU C 300 30.80 4.78 71.20
N ARG C 301 29.56 5.03 70.82
CA ARG C 301 28.58 3.99 70.57
C ARG C 301 27.94 4.24 69.22
N LEU C 302 28.09 3.28 68.32
CA LEU C 302 27.53 3.40 66.97
C LEU C 302 26.22 2.65 66.90
N ILE C 303 25.27 3.21 66.16
CA ILE C 303 23.92 2.66 66.05
C ILE C 303 23.52 2.67 64.59
N SER C 304 23.16 1.50 64.07
CA SER C 304 22.70 1.34 62.69
C SER C 304 21.21 1.04 62.70
N LEU C 305 20.45 1.80 61.94
CA LEU C 305 19.00 1.73 61.93
C LEU C 305 18.47 1.20 60.60
N ASN C 306 17.36 0.47 60.68
CA ASN C 306 16.65 0.00 59.50
C ASN C 306 15.58 1.04 59.19
N MET C 307 15.90 1.95 58.27
CA MET C 307 15.00 3.06 57.95
C MET C 307 13.84 2.63 57.07
N ASN C 308 13.65 1.33 56.85
CA ASN C 308 12.50 0.85 56.11
C ASN C 308 11.27 0.67 56.99
N PHE C 309 11.43 0.78 58.30
CA PHE C 309 10.30 0.84 59.22
C PHE C 309 9.73 2.25 59.32
N CYS C 310 10.27 3.20 58.56
CA CYS C 310 9.74 4.55 58.46
C CYS C 310 9.39 4.91 57.02
N SER C 311 9.64 4.01 56.07
CA SER C 311 9.52 4.33 54.65
C SER C 311 8.06 4.39 54.22
N ARG C 312 7.71 5.44 53.49
CA ARG C 312 6.40 5.48 52.84
C ARG C 312 6.25 4.37 51.82
N GLU C 313 7.36 3.94 51.22
CA GLU C 313 7.33 2.93 50.16
C GLU C 313 7.06 1.54 50.71
N ASN C 314 7.35 1.30 51.98
CA ASN C 314 7.19 -0.02 52.58
C ASN C 314 5.70 -0.26 52.83
N PHE C 315 5.06 -0.99 51.92
CA PHE C 315 3.64 -1.27 52.03
C PHE C 315 3.30 -2.14 53.23
N TRP C 316 4.29 -2.82 53.82
CA TRP C 316 4.00 -3.66 54.97
C TRP C 316 3.56 -2.86 56.19
N LEU C 317 3.82 -1.55 56.20
CA LEU C 317 3.46 -0.72 57.35
C LEU C 317 1.97 -0.40 57.39
N LEU C 318 1.22 -0.73 56.34
CA LEU C 318 -0.23 -0.55 56.38
C LEU C 318 -0.84 -1.27 57.58
N ILE C 319 -0.28 -2.41 57.96
CA ILE C 319 -0.81 -3.23 59.05
C ILE C 319 -0.64 -2.48 60.36
N ASN C 320 0.61 -2.29 60.79
CA ASN C 320 0.93 -1.69 62.08
C ASN C 320 2.06 -0.69 61.86
N SER C 321 1.72 0.58 61.73
CA SER C 321 2.73 1.62 61.54
C SER C 321 3.32 2.11 62.86
N THR C 322 2.95 1.50 63.99
CA THR C 322 3.36 1.99 65.30
C THR C 322 4.71 1.39 65.67
N ASP C 323 5.76 2.23 65.65
CA ASP C 323 7.11 1.86 66.04
C ASP C 323 7.44 0.43 65.64
N PRO C 324 7.55 0.14 64.35
CA PRO C 324 7.80 -1.24 63.93
C PRO C 324 9.07 -1.79 64.56
N ALA C 325 9.00 -3.05 65.00
CA ALA C 325 10.10 -3.76 65.65
C ALA C 325 10.48 -3.16 66.99
N GLY C 326 9.70 -2.21 67.51
CA GLY C 326 10.12 -1.51 68.71
C GLY C 326 11.48 -0.87 68.58
N GLN C 327 11.83 -0.42 67.38
CA GLN C 327 13.18 0.09 67.13
C GLN C 327 13.44 1.36 67.93
N LEU C 328 12.47 2.28 67.95
CA LEU C 328 12.65 3.51 68.71
C LEU C 328 12.81 3.21 70.19
N GLN C 329 11.96 2.35 70.73
CA GLN C 329 12.09 1.99 72.14
C GLN C 329 13.46 1.38 72.41
N TRP C 330 13.89 0.45 71.56
CA TRP C 330 15.23 -0.10 71.68
C TRP C 330 16.29 0.99 71.53
N LEU C 331 16.02 1.98 70.68
CA LEU C 331 16.96 3.07 70.50
C LEU C 331 17.12 3.88 71.79
N VAL C 332 16.00 4.26 72.41
CA VAL C 332 16.06 5.07 73.61
C VAL C 332 16.85 4.36 74.70
N GLU C 333 16.65 3.04 74.83
CA GLU C 333 17.39 2.28 75.83
C GLU C 333 18.89 2.49 75.67
N GLU C 334 19.38 2.51 74.44
CA GLU C 334 20.81 2.69 74.20
C GLU C 334 21.23 4.12 74.47
N LEU C 335 20.46 5.10 73.98
CA LEU C 335 20.81 6.50 74.22
C LEU C 335 20.83 6.82 75.70
N GLN C 336 19.78 6.44 76.42
CA GLN C 336 19.77 6.67 77.86
C GLN C 336 20.92 5.94 78.53
N ALA C 337 21.16 4.69 78.16
CA ALA C 337 22.31 3.96 78.69
C ALA C 337 23.60 4.68 78.35
N ALA C 338 23.74 5.14 77.11
CA ALA C 338 24.92 5.90 76.73
C ALA C 338 25.01 7.20 77.52
N GLU C 339 23.87 7.85 77.75
CA GLU C 339 23.87 9.04 78.60
C GLU C 339 24.35 8.69 80.00
N ASN C 340 23.91 7.55 80.54
CA ASN C 340 24.37 7.11 81.84
C ASN C 340 25.88 6.84 81.80
N ARG C 341 26.32 6.02 80.85
CA ARG C 341 27.74 5.69 80.77
C ARG C 341 28.59 6.93 80.50
N GLY C 342 28.03 7.96 79.88
CA GLY C 342 28.79 9.11 79.47
C GLY C 342 29.39 9.00 78.08
N ASP C 343 28.96 8.04 77.28
CA ASP C 343 29.48 7.85 75.95
C ASP C 343 28.77 8.77 74.96
N LYS C 344 29.46 9.05 73.85
CA LYS C 344 28.87 9.71 72.71
C LYS C 344 28.30 8.67 71.75
N VAL C 345 27.52 9.14 70.79
CA VAL C 345 26.76 8.25 69.91
C VAL C 345 26.82 8.77 68.49
N HIS C 346 27.07 7.86 67.55
CA HIS C 346 26.79 8.07 66.15
C HIS C 346 25.61 7.20 65.75
N ILE C 347 24.85 7.68 64.78
CA ILE C 347 23.71 6.93 64.24
C ILE C 347 23.83 6.91 62.73
N ILE C 348 23.57 5.75 62.14
CA ILE C 348 23.63 5.59 60.70
C ILE C 348 22.34 4.94 60.21
N GLY C 349 21.96 5.28 59.00
CA GLY C 349 20.75 4.74 58.38
C GLY C 349 20.71 5.14 56.94
N HIS C 350 19.81 4.51 56.19
CA HIS C 350 19.76 4.75 54.76
C HIS C 350 18.87 5.93 54.42
N ILE C 351 17.59 5.85 54.77
CA ILE C 351 16.64 6.91 54.44
C ILE C 351 16.73 7.99 55.52
N PRO C 352 16.92 9.26 55.16
CA PRO C 352 17.03 10.31 56.18
C PRO C 352 15.68 10.59 56.83
N PRO C 353 15.68 11.16 58.04
CA PRO C 353 14.42 11.34 58.78
C PRO C 353 13.46 12.29 58.09
N GLY C 354 13.95 13.26 57.33
CA GLY C 354 13.07 14.17 56.61
C GLY C 354 12.19 13.48 55.60
N HIS C 355 12.51 12.24 55.23
CA HIS C 355 11.75 11.50 54.23
C HIS C 355 10.91 10.39 54.83
N CYS C 356 10.91 10.24 56.15
CA CYS C 356 10.17 9.19 56.81
C CYS C 356 8.68 9.52 56.86
N LEU C 357 7.91 8.61 57.46
CA LEU C 357 6.52 8.89 57.78
C LEU C 357 6.43 10.00 58.83
N LYS C 358 5.36 10.78 58.75
CA LYS C 358 5.20 11.94 59.61
C LYS C 358 5.43 11.59 61.07
N SER C 359 4.58 10.70 61.60
CA SER C 359 4.68 10.34 63.01
C SER C 359 6.08 9.81 63.35
N TRP C 360 6.56 8.85 62.58
CA TRP C 360 7.90 8.31 62.80
C TRP C 360 8.94 9.42 62.80
N SER C 361 8.85 10.36 61.85
CA SER C 361 9.82 11.43 61.77
C SER C 361 9.70 12.38 62.94
N TRP C 362 8.47 12.71 63.35
CA TRP C 362 8.28 13.59 64.50
C TRP C 362 8.79 12.94 65.77
N ASN C 363 8.48 11.67 65.99
CA ASN C 363 9.00 10.96 67.16
C ASN C 363 10.51 10.84 67.12
N TYR C 364 11.11 10.90 65.93
CA TYR C 364 12.56 10.85 65.82
C TYR C 364 13.18 12.22 66.10
N TYR C 365 12.54 13.28 65.61
CA TYR C 365 13.02 14.64 65.86
C TYR C 365 13.15 14.90 67.35
N LYS C 366 12.18 14.42 68.14
CA LYS C 366 12.15 14.73 69.57
C LYS C 366 13.22 13.97 70.34
N ILE C 367 13.64 12.81 69.84
CA ILE C 367 14.69 12.05 70.50
C ILE C 367 16.04 12.73 70.29
N ILE C 368 16.26 13.27 69.11
CA ILE C 368 17.47 14.08 68.88
C ILE C 368 17.51 15.23 69.88
N ALA C 369 16.41 15.96 69.98
CA ALA C 369 16.34 17.10 70.88
C ALA C 369 16.67 16.68 72.31
N ARG C 370 16.02 15.61 72.79
CA ARG C 370 16.25 15.15 74.16
C ARG C 370 17.72 14.81 74.38
N TYR C 371 18.31 14.05 73.47
CA TYR C 371 19.68 13.56 73.62
C TYR C 371 20.64 14.28 72.66
N GLU C 372 20.51 15.60 72.57
CA GLU C 372 21.44 16.38 71.75
C GLU C 372 22.86 16.26 72.28
N ASN C 373 23.02 16.16 73.60
CA ASN C 373 24.36 16.14 74.18
C ASN C 373 25.04 14.79 73.97
N THR C 374 24.27 13.68 74.00
CA THR C 374 24.87 12.37 73.78
C THR C 374 25.28 12.19 72.33
N LEU C 375 24.43 12.62 71.40
CA LEU C 375 24.71 12.45 69.99
C LEU C 375 25.91 13.26 69.56
N ALA C 376 26.81 12.63 68.80
CA ALA C 376 27.93 13.31 68.19
C ALA C 376 27.84 13.41 66.68
N GLY C 377 27.01 12.57 66.04
CA GLY C 377 26.92 12.59 64.59
C GLY C 377 25.74 11.77 64.10
N GLN C 378 25.34 12.06 62.87
CA GLN C 378 24.29 11.33 62.18
C GLN C 378 24.56 11.35 60.69
N PHE C 379 24.41 10.19 60.05
CA PHE C 379 24.86 10.01 58.69
C PHE C 379 23.84 9.17 57.93
N PHE C 380 23.52 9.59 56.70
CA PHE C 380 22.51 8.93 55.90
C PHE C 380 22.92 8.94 54.44
N GLY C 381 22.10 8.29 53.62
CA GLY C 381 22.29 8.25 52.18
C GLY C 381 20.97 8.24 51.45
N HIS C 382 20.79 7.28 50.55
CA HIS C 382 19.50 7.08 49.87
C HIS C 382 19.23 8.13 48.80
N THR C 383 19.65 9.37 49.03
CA THR C 383 19.34 10.47 48.12
C THR C 383 20.31 10.59 46.96
N HIS C 384 21.50 10.00 47.08
CA HIS C 384 22.52 10.01 46.04
C HIS C 384 23.20 11.37 45.89
N VAL C 385 22.71 12.39 46.56
CA VAL C 385 23.24 13.74 46.37
C VAL C 385 23.84 14.24 47.67
N ASP C 386 24.77 15.18 47.54
CA ASP C 386 25.45 15.76 48.69
C ASP C 386 24.50 16.70 49.42
N GLU C 387 24.20 16.39 50.67
CA GLU C 387 23.18 17.14 51.41
C GLU C 387 23.43 16.99 52.91
N PHE C 388 22.61 17.69 53.68
CA PHE C 388 22.56 17.53 55.12
C PHE C 388 21.22 18.08 55.61
N GLU C 389 20.91 17.73 56.86
CA GLU C 389 19.68 18.17 57.53
C GLU C 389 20.04 18.69 58.91
N ILE C 390 19.44 19.81 59.30
CA ILE C 390 19.72 20.45 60.58
C ILE C 390 18.53 20.25 61.52
N PHE C 391 18.82 19.91 62.76
CA PHE C 391 17.81 19.78 63.79
C PHE C 391 17.79 20.99 64.69
N TYR C 392 16.58 21.38 65.11
CA TYR C 392 16.35 22.53 65.95
C TYR C 392 15.65 22.10 67.23
N ASP C 393 15.70 22.97 68.24
CA ASP C 393 14.96 22.73 69.47
C ASP C 393 13.49 22.52 69.12
N GLU C 394 12.89 21.49 69.72
CA GLU C 394 11.55 21.08 69.32
C GLU C 394 10.51 22.14 69.67
N GLU C 395 10.61 22.72 70.87
CA GLU C 395 9.60 23.68 71.32
C GLU C 395 9.42 24.81 70.32
N THR C 396 10.53 25.45 69.93
CA THR C 396 10.48 26.64 69.10
C THR C 396 11.09 26.48 67.72
N LEU C 397 11.92 25.46 67.50
CA LEU C 397 12.57 25.27 66.20
C LEU C 397 13.43 26.49 65.86
N SER C 398 14.15 26.98 66.86
CA SER C 398 14.92 28.21 66.71
C SER C 398 16.42 27.99 66.92
N ARG C 399 16.80 27.20 67.91
CA ARG C 399 18.20 26.93 68.16
C ARG C 399 18.65 25.70 67.39
N PRO C 400 19.58 25.81 66.44
CA PRO C 400 20.13 24.61 65.82
C PRO C 400 20.98 23.83 66.81
N LEU C 401 20.67 22.55 66.96
CA LEU C 401 21.30 21.73 67.98
C LEU C 401 21.93 20.46 67.46
N ALA C 402 21.76 20.12 66.18
CA ALA C 402 22.32 18.91 65.61
C ALA C 402 22.22 18.99 64.09
N VAL C 403 22.97 18.11 63.42
CA VAL C 403 22.98 18.06 61.97
C VAL C 403 23.30 16.64 61.53
N ALA C 404 22.68 16.22 60.42
CA ALA C 404 22.92 14.92 59.81
C ALA C 404 23.53 15.12 58.43
N PHE C 405 24.42 14.19 58.06
CA PHE C 405 25.16 14.30 56.80
C PHE C 405 24.61 13.29 55.81
N LEU C 406 24.12 13.80 54.68
CA LEU C 406 23.54 12.98 53.62
C LEU C 406 24.56 12.85 52.50
N ALA C 407 25.49 11.92 52.69
CA ALA C 407 26.56 11.74 51.72
C ALA C 407 25.97 11.34 50.37
N PRO C 408 26.64 11.67 49.27
CA PRO C 408 26.14 11.27 47.96
C PRO C 408 26.54 9.85 47.61
N SER C 409 25.82 9.29 46.64
CA SER C 409 26.01 7.90 46.27
C SER C 409 27.31 7.72 45.49
N ALA C 410 27.68 6.45 45.31
CA ALA C 410 28.69 6.10 44.34
C ALA C 410 28.11 5.92 42.95
N THR C 411 26.82 5.59 42.84
CA THR C 411 26.21 5.39 41.54
C THR C 411 25.98 6.72 40.83
N THR C 412 25.95 6.65 39.49
CA THR C 412 25.59 7.78 38.65
C THR C 412 24.10 8.07 38.66
N PHE C 413 23.29 7.16 39.17
CA PHE C 413 21.84 7.32 39.25
C PHE C 413 21.48 8.60 40.01
N ILE C 414 21.13 9.71 39.32
CA ILE C 414 20.96 9.79 37.86
C ILE C 414 21.69 11.01 37.32
N ASN C 415 22.38 10.80 36.19
CA ASN C 415 23.09 11.88 35.50
C ASN C 415 24.16 12.50 36.40
N LEU C 416 24.70 11.71 37.32
CA LEU C 416 25.65 12.19 38.31
C LEU C 416 27.04 11.68 37.99
N ASN C 417 28.03 12.35 38.58
CA ASN C 417 29.34 11.75 38.69
C ASN C 417 29.35 10.79 39.88
N PRO C 418 30.07 9.67 39.79
CA PRO C 418 30.27 8.84 40.98
C PRO C 418 31.09 9.59 42.02
N GLY C 419 30.88 9.24 43.29
CA GLY C 419 31.62 9.91 44.34
C GLY C 419 31.36 9.25 45.69
N TYR C 420 32.24 9.56 46.63
CA TYR C 420 32.11 9.09 48.00
C TYR C 420 32.56 10.19 48.95
N ARG C 421 32.50 9.87 50.24
CA ARG C 421 32.69 10.84 51.30
C ARG C 421 33.62 10.28 52.37
N VAL C 422 34.43 11.16 52.96
CA VAL C 422 35.34 10.82 54.04
C VAL C 422 35.17 11.85 55.14
N TYR C 423 34.98 11.38 56.37
CA TYR C 423 34.73 12.25 57.51
C TYR C 423 35.95 12.26 58.42
N GLN C 424 36.44 13.45 58.72
CA GLN C 424 37.40 13.65 59.79
C GLN C 424 36.63 13.92 61.06
N ILE C 425 36.78 13.04 62.06
CA ILE C 425 36.04 13.16 63.31
C ILE C 425 37.03 13.30 64.45
N ASP C 426 36.52 13.77 65.58
CA ASP C 426 37.35 13.91 66.77
C ASP C 426 37.96 12.57 67.13
N GLY C 427 39.30 12.53 67.19
CA GLY C 427 40.04 11.29 67.30
C GLY C 427 39.69 10.42 68.48
N ASN C 428 40.41 9.32 68.64
CA ASN C 428 40.16 8.35 69.70
C ASN C 428 40.97 8.77 70.92
N TYR C 429 40.29 9.33 71.92
CA TYR C 429 40.94 9.71 73.17
C TYR C 429 39.88 10.10 74.19
N PRO C 430 40.10 9.87 75.48
CA PRO C 430 39.10 10.27 76.48
C PRO C 430 38.86 11.76 76.43
N GLY C 431 37.62 12.15 76.71
CA GLY C 431 37.22 13.53 76.54
C GLY C 431 36.98 13.95 75.11
N SER C 432 37.19 13.04 74.16
CA SER C 432 36.86 13.34 72.77
C SER C 432 35.35 13.52 72.62
N SER C 433 34.96 14.50 71.82
CA SER C 433 33.56 14.70 71.49
C SER C 433 33.08 13.72 70.44
N HIS C 434 34.01 13.09 69.71
CA HIS C 434 33.69 12.17 68.62
C HIS C 434 32.80 12.81 67.56
N VAL C 435 32.80 14.13 67.47
CA VAL C 435 31.95 14.83 66.51
C VAL C 435 32.73 15.05 65.23
N VAL C 436 31.99 15.32 64.15
CA VAL C 436 32.61 15.63 62.87
C VAL C 436 33.33 16.97 62.97
N LEU C 437 34.56 17.01 62.47
CA LEU C 437 35.34 18.23 62.41
C LEU C 437 35.48 18.76 60.99
N ASP C 438 35.40 17.88 60.00
CA ASP C 438 35.38 18.25 58.59
C ASP C 438 35.10 16.99 57.80
N HIS C 439 34.77 17.17 56.52
CA HIS C 439 34.57 16.02 55.66
C HIS C 439 34.94 16.39 54.23
N GLU C 440 35.29 15.36 53.46
CA GLU C 440 35.82 15.52 52.12
C GLU C 440 35.08 14.61 51.16
N THR C 441 34.89 15.08 49.94
CA THR C 441 34.16 14.33 48.92
C THR C 441 35.06 14.09 47.72
N TYR C 442 35.14 12.83 47.30
CA TYR C 442 35.91 12.42 46.14
C TYR C 442 34.97 11.88 45.08
N ILE C 443 35.29 12.14 43.80
CA ILE C 443 34.45 11.77 42.68
C ILE C 443 35.32 11.23 41.55
N LEU C 444 34.65 10.83 40.46
CA LEU C 444 35.31 10.34 39.26
C LEU C 444 34.70 11.04 38.07
N ASN C 445 35.51 11.78 37.32
CA ASN C 445 35.01 12.58 36.19
C ASN C 445 34.85 11.67 34.98
N LEU C 446 33.61 11.26 34.70
CA LEU C 446 33.36 10.39 33.55
C LEU C 446 33.66 11.11 32.24
N THR C 447 33.37 12.41 32.17
CA THR C 447 33.72 13.17 30.96
C THR C 447 35.16 12.89 30.55
N GLN C 448 36.06 12.79 31.51
CA GLN C 448 37.46 12.52 31.25
C GLN C 448 37.76 11.02 31.23
N ALA C 449 37.14 10.26 32.12
CA ALA C 449 37.44 8.82 32.22
C ALA C 449 37.01 8.09 30.96
N ASN C 450 35.74 8.20 30.59
CA ASN C 450 35.24 7.56 29.37
C ASN C 450 35.71 8.25 28.11
N ALA C 451 36.47 9.34 28.21
CA ALA C 451 37.00 10.00 27.04
C ALA C 451 37.98 9.09 26.30
N ALA C 452 38.22 9.41 25.03
CA ALA C 452 39.14 8.63 24.22
C ALA C 452 40.55 8.70 24.81
N GLY C 453 41.11 7.53 25.14
CA GLY C 453 42.39 7.49 25.80
C GLY C 453 42.35 7.90 27.25
N GLY C 454 41.16 7.95 27.85
CA GLY C 454 41.02 8.38 29.23
C GLY C 454 41.17 7.23 30.21
N THR C 455 41.66 7.57 31.40
CA THR C 455 41.88 6.61 32.47
C THR C 455 41.06 7.02 33.70
N PRO C 456 40.43 6.07 34.39
CA PRO C 456 39.69 6.43 35.61
C PRO C 456 40.62 7.00 36.67
N SER C 457 40.29 8.20 37.14
CA SER C 457 41.10 8.87 38.16
C SER C 457 40.16 9.51 39.17
N TRP C 458 40.20 9.02 40.41
CA TRP C 458 39.42 9.59 41.50
C TRP C 458 40.19 10.73 42.14
N LYS C 459 39.51 11.85 42.35
CA LYS C 459 40.10 13.03 42.96
C LYS C 459 39.13 13.60 43.99
N ARG C 460 39.68 14.33 44.95
CA ARG C 460 38.83 15.00 45.93
C ARG C 460 38.06 16.11 45.25
N LEU C 461 36.73 16.01 45.26
CA LEU C 461 35.91 17.06 44.67
C LEU C 461 36.10 18.37 45.41
N TYR C 462 36.22 18.30 46.73
CA TYR C 462 36.32 19.50 47.55
C TYR C 462 36.55 19.10 49.01
N ARG C 463 36.68 20.09 49.88
CA ARG C 463 36.65 19.89 51.31
C ARG C 463 35.61 20.84 51.91
N ALA C 464 34.93 20.37 52.95
CA ALA C 464 33.80 21.10 53.52
C ALA C 464 34.19 22.51 53.98
N ARG C 465 34.91 22.60 55.09
CA ARG C 465 35.22 23.90 55.67
C ARG C 465 36.03 24.76 54.72
N GLU C 466 36.77 24.14 53.79
CA GLU C 466 37.59 24.91 52.85
C GLU C 466 36.72 25.74 51.91
N THR C 467 35.84 25.08 51.15
CA THR C 467 35.08 25.77 50.12
C THR C 467 34.04 26.70 50.73
N TYR C 468 33.49 26.36 51.90
CA TYR C 468 32.49 27.19 52.54
C TYR C 468 33.06 28.12 53.60
N GLY C 469 34.36 28.02 53.89
CA GLY C 469 34.97 28.85 54.91
C GLY C 469 34.24 28.78 56.24
N LEU C 470 34.15 27.58 56.79
CA LEU C 470 33.44 27.40 58.04
C LEU C 470 34.40 27.32 59.21
N PRO C 471 34.05 27.87 60.37
CA PRO C 471 34.93 27.70 61.54
C PRO C 471 34.89 26.28 62.11
N ASP C 472 33.80 25.57 61.92
CA ASP C 472 33.67 24.20 62.42
C ASP C 472 32.51 23.53 61.68
N ALA C 473 32.32 22.25 61.97
CA ALA C 473 31.22 21.47 61.41
C ALA C 473 30.00 21.45 62.33
N MET C 474 29.87 22.43 63.22
CA MET C 474 28.81 22.48 64.20
C MET C 474 27.50 22.90 63.54
N PRO C 475 26.35 22.49 64.11
CA PRO C 475 25.07 22.84 63.48
C PRO C 475 24.87 24.33 63.26
N ALA C 476 25.33 25.17 64.20
CA ALA C 476 25.18 26.61 64.04
C ALA C 476 25.87 27.09 62.76
N SER C 477 27.05 26.57 62.48
CA SER C 477 27.74 26.91 61.24
C SER C 477 26.88 26.51 60.04
N TRP C 478 26.36 25.30 60.06
CA TRP C 478 25.48 24.86 58.97
C TRP C 478 24.19 25.67 58.94
N HIS C 479 23.64 25.96 60.12
CA HIS C 479 22.48 26.86 60.19
C HIS C 479 22.77 28.17 59.47
N ASN C 480 23.84 28.85 59.89
CA ASN C 480 24.21 30.11 59.25
C ASN C 480 24.48 29.91 57.77
N LEU C 481 25.12 28.80 57.40
CA LEU C 481 25.48 28.56 56.01
C LEU C 481 24.26 28.63 55.11
N VAL C 482 23.14 28.07 55.55
CA VAL C 482 21.93 28.07 54.72
C VAL C 482 21.47 29.51 54.48
N TYR C 483 21.17 30.22 55.56
CA TYR C 483 20.70 31.61 55.42
C TYR C 483 21.73 32.45 54.67
N ARG C 484 23.01 32.11 54.79
CA ARG C 484 24.01 32.73 53.93
C ARG C 484 23.72 32.44 52.46
N MET C 485 23.45 31.17 52.14
CA MET C 485 23.17 30.81 50.75
C MET C 485 21.82 31.35 50.30
N ARG C 486 20.84 31.43 51.21
CA ARG C 486 19.55 32.00 50.85
C ARG C 486 19.72 33.37 50.21
N ASP C 487 20.70 34.14 50.69
CA ASP C 487 20.91 35.50 50.22
C ASP C 487 21.89 35.56 49.05
N ASP C 488 22.96 34.78 49.11
CA ASP C 488 24.01 34.81 48.10
C ASP C 488 23.71 33.80 47.00
N GLU C 489 23.83 34.23 45.75
CA GLU C 489 23.64 33.33 44.61
C GLU C 489 24.94 32.58 44.28
N GLN C 490 26.07 33.30 44.25
CA GLN C 490 27.34 32.67 43.87
C GLN C 490 27.67 31.49 44.77
N LEU C 491 27.29 31.56 46.05
CA LEU C 491 27.61 30.47 46.98
C LEU C 491 26.75 29.25 46.69
N PHE C 492 25.46 29.45 46.43
CA PHE C 492 24.55 28.32 46.25
C PHE C 492 24.94 27.50 45.02
N GLN C 493 25.41 28.14 43.96
CA GLN C 493 25.84 27.39 42.78
C GLN C 493 27.03 26.50 43.09
N THR C 494 27.91 26.93 43.99
CA THR C 494 28.97 26.05 44.49
C THR C 494 28.36 24.84 45.18
N PHE C 495 27.49 25.08 46.16
CA PHE C 495 26.72 24.01 46.77
C PHE C 495 25.97 23.21 45.71
N TRP C 496 25.26 23.91 44.82
CA TRP C 496 24.56 23.27 43.72
C TRP C 496 25.50 22.40 42.90
N PHE C 497 26.73 22.87 42.71
CA PHE C 497 27.72 22.12 41.94
C PHE C 497 28.08 20.83 42.66
N LEU C 498 28.47 20.92 43.93
CA LEU C 498 28.84 19.73 44.70
C LEU C 498 27.62 18.87 45.00
N TYR C 499 26.45 19.49 45.12
CA TYR C 499 25.21 18.76 45.29
C TYR C 499 25.10 17.61 44.30
N HIS C 500 25.57 17.82 43.06
CA HIS C 500 25.51 16.83 42.01
C HIS C 500 26.87 16.17 41.77
N LYS C 501 27.77 16.24 42.74
CA LYS C 501 29.09 15.62 42.62
C LYS C 501 29.82 16.14 41.40
N GLY C 502 29.66 17.44 41.12
CA GLY C 502 30.36 18.10 40.04
C GLY C 502 29.73 17.98 38.68
N HIS C 503 28.54 17.38 38.57
CA HIS C 503 27.83 17.27 37.30
C HIS C 503 26.39 17.71 37.50
N PRO C 504 26.14 19.02 37.55
CA PRO C 504 24.78 19.51 37.70
C PRO C 504 24.04 19.44 36.38
N PRO C 505 22.71 19.52 36.41
CA PRO C 505 21.95 19.46 35.17
C PRO C 505 22.17 20.69 34.29
N SER C 506 21.58 20.69 33.10
CA SER C 506 21.73 21.83 32.19
C SER C 506 20.81 22.97 32.56
N GLU C 507 19.65 22.68 33.15
CA GLU C 507 18.68 23.72 33.45
C GLU C 507 19.12 24.47 34.72
N PRO C 508 18.95 25.79 34.76
CA PRO C 508 19.38 26.53 35.95
C PRO C 508 18.32 26.54 37.04
N CYS C 509 18.79 26.48 38.29
CA CYS C 509 17.90 26.46 39.45
C CYS C 509 17.35 27.86 39.67
N GLY C 510 16.11 28.08 39.24
CA GLY C 510 15.45 29.34 39.51
C GLY C 510 15.23 29.53 40.99
N THR C 511 14.90 30.77 41.35
CA THR C 511 14.61 31.09 42.75
C THR C 511 13.68 30.09 43.41
N PRO C 512 12.52 29.73 42.83
CA PRO C 512 11.68 28.73 43.49
C PRO C 512 12.42 27.43 43.75
N CYS C 513 13.22 26.97 42.78
CA CYS C 513 14.05 25.79 43.00
C CYS C 513 15.03 26.02 44.15
N ARG C 514 15.56 27.23 44.28
CA ARG C 514 16.49 27.53 45.37
C ARG C 514 15.84 27.25 46.72
N LEU C 515 14.75 27.97 47.03
CA LEU C 515 14.09 27.79 48.32
C LEU C 515 13.66 26.35 48.53
N ALA C 516 13.22 25.69 47.46
CA ALA C 516 12.88 24.27 47.56
C ALA C 516 14.07 23.46 48.03
N THR C 517 15.27 23.79 47.54
CA THR C 517 16.47 23.05 47.92
C THR C 517 16.84 23.33 49.37
N LEU C 518 16.91 24.61 49.74
CA LEU C 518 17.36 24.98 51.07
C LEU C 518 16.38 24.50 52.13
N CYS C 519 15.08 24.65 51.87
CA CYS C 519 14.07 24.20 52.83
C CYS C 519 14.35 22.78 53.29
N ALA C 520 14.86 21.94 52.39
CA ALA C 520 15.18 20.57 52.76
C ALA C 520 16.29 20.53 53.80
N GLN C 521 17.31 21.36 53.65
CA GLN C 521 18.40 21.36 54.60
C GLN C 521 17.91 21.67 56.01
N LEU C 522 16.86 22.48 56.12
CA LEU C 522 16.25 22.76 57.41
C LEU C 522 15.19 21.74 57.79
N SER C 523 14.67 21.00 56.82
CA SER C 523 13.53 20.11 57.04
C SER C 523 14.04 18.69 57.31
N ALA C 524 14.57 18.51 58.51
CA ALA C 524 14.88 17.19 59.04
C ALA C 524 13.66 16.47 59.56
N ARG C 525 12.47 17.03 59.36
CA ARG C 525 11.23 16.43 59.83
C ARG C 525 10.19 16.56 58.73
N ALA C 526 9.29 15.60 58.68
CA ALA C 526 8.32 15.51 57.60
C ALA C 526 7.11 16.39 57.90
N ASP C 527 6.60 17.04 56.85
CA ASP C 527 5.34 17.75 56.88
C ASP C 527 5.28 18.74 58.06
N SER C 528 6.21 19.69 58.03
CA SER C 528 6.34 20.68 59.10
C SER C 528 6.83 21.99 58.51
N PRO C 529 5.92 22.83 58.03
CA PRO C 529 6.34 24.08 57.35
C PRO C 529 7.08 25.06 58.24
N ALA C 530 6.99 24.93 59.57
CA ALA C 530 7.63 25.89 60.46
C ALA C 530 9.11 26.05 60.15
N LEU C 531 9.76 24.99 59.67
CA LEU C 531 11.20 25.04 59.47
C LEU C 531 11.57 25.95 58.30
N CYS C 532 10.68 26.08 57.32
CA CYS C 532 10.94 26.90 56.14
C CYS C 532 10.17 28.22 56.19
N ARG C 533 9.78 28.66 57.39
CA ARG C 533 9.10 29.94 57.54
C ARG C 533 10.05 31.11 57.29
N HIS C 534 11.30 30.98 57.75
CA HIS C 534 12.28 32.05 57.59
C HIS C 534 12.78 32.16 56.16
N LEU C 535 12.61 31.12 55.36
CA LEU C 535 13.09 31.15 53.99
C LEU C 535 12.19 31.96 53.08
N MET C 536 10.88 31.94 53.32
CA MET C 536 9.95 32.73 52.53
C MET C 536 9.00 33.45 53.48
N PRO C 537 8.80 34.77 53.31
CA PRO C 537 7.81 35.48 54.12
C PRO C 537 6.42 35.46 53.49
N ASN D 11 18.70 16.54 -52.35
CA ASN D 11 20.05 17.03 -52.62
C ASN D 11 20.85 15.96 -53.35
N LEU D 12 21.97 15.53 -52.77
CA LEU D 12 22.81 14.51 -53.39
C LEU D 12 22.26 13.11 -53.19
N THR D 13 21.52 12.88 -52.11
CA THR D 13 20.95 11.56 -51.84
C THR D 13 19.72 11.28 -52.68
N CYS D 14 19.02 12.33 -53.14
CA CYS D 14 17.80 12.14 -53.92
C CYS D 14 17.98 11.20 -55.11
N PRO D 15 18.98 11.39 -55.98
CA PRO D 15 19.17 10.41 -57.07
C PRO D 15 19.48 9.01 -56.58
N ALA D 16 20.36 8.88 -55.57
CA ALA D 16 20.73 7.56 -55.06
C ALA D 16 19.50 6.73 -54.72
N CYS D 17 18.48 7.37 -54.16
CA CYS D 17 17.23 6.67 -53.87
C CYS D 17 16.68 6.03 -55.14
N LYS D 18 16.55 6.83 -56.21
CA LYS D 18 15.93 6.35 -57.44
C LYS D 18 16.66 5.14 -58.01
N VAL D 19 17.96 5.01 -57.72
CA VAL D 19 18.76 3.93 -58.31
C VAL D 19 18.35 2.58 -57.74
N LEU D 20 18.50 2.44 -56.41
CA LEU D 20 18.30 1.13 -55.79
C LEU D 20 16.95 0.53 -56.16
N PHE D 21 15.86 1.28 -55.93
CA PHE D 21 14.53 0.75 -56.21
C PHE D 21 14.40 0.29 -57.65
N THR D 22 15.02 1.02 -58.59
CA THR D 22 14.96 0.62 -59.98
C THR D 22 15.57 -0.77 -60.16
N ALA D 23 16.68 -1.05 -59.48
CA ALA D 23 17.29 -2.37 -59.57
C ALA D 23 16.39 -3.43 -58.96
N LEU D 24 15.81 -3.14 -57.79
CA LEU D 24 14.93 -4.09 -57.13
C LEU D 24 13.78 -4.48 -58.05
N ASN D 25 13.09 -3.49 -58.62
CA ASN D 25 11.98 -3.78 -59.51
C ASN D 25 12.42 -4.64 -60.69
N HIS D 26 13.67 -4.46 -61.14
CA HIS D 26 14.22 -5.34 -62.16
C HIS D 26 14.68 -6.66 -61.57
N GLY D 27 15.16 -6.66 -60.33
CA GLY D 27 15.65 -7.88 -59.73
C GLY D 27 14.53 -8.88 -59.45
N LEU D 28 13.40 -8.39 -58.94
CA LEU D 28 12.27 -9.28 -58.65
C LEU D 28 11.70 -9.90 -59.92
N LYS D 29 12.01 -9.34 -61.08
CA LYS D 29 11.74 -10.05 -62.33
C LYS D 29 12.35 -11.45 -62.30
N LYS D 30 13.37 -11.66 -61.46
CA LYS D 30 13.91 -12.99 -61.22
C LYS D 30 12.95 -13.78 -60.36
N GLU D 31 12.50 -14.92 -60.86
CA GLU D 31 11.58 -15.76 -60.08
C GLU D 31 12.17 -16.22 -58.76
N PRO D 32 13.47 -16.50 -58.65
CA PRO D 32 14.01 -16.89 -57.33
C PRO D 32 13.74 -15.87 -56.24
N ASN D 33 13.89 -14.58 -56.55
CA ASN D 33 13.65 -13.54 -55.55
C ASN D 33 12.19 -13.53 -55.11
N VAL D 34 11.27 -13.68 -56.07
CA VAL D 34 9.85 -13.74 -55.72
C VAL D 34 9.61 -14.79 -54.65
N ALA D 35 10.27 -15.95 -54.78
CA ALA D 35 10.15 -16.99 -53.77
C ALA D 35 10.78 -16.58 -52.46
N ARG D 36 11.89 -15.85 -52.51
CA ARG D 36 12.58 -15.44 -51.29
C ARG D 36 11.66 -14.61 -50.40
N VAL D 37 10.84 -13.76 -51.02
CA VAL D 37 9.86 -13.00 -50.25
C VAL D 37 8.86 -13.93 -49.58
N GLY D 38 8.50 -15.01 -50.28
CA GLY D 38 7.60 -15.99 -49.67
C GLY D 38 8.18 -16.60 -48.42
N SER D 39 9.46 -17.00 -48.48
CA SER D 39 10.11 -17.58 -47.30
C SER D 39 9.93 -16.69 -46.08
N VAL D 40 10.11 -15.39 -46.26
CA VAL D 40 9.95 -14.45 -45.14
C VAL D 40 8.50 -14.43 -44.68
N ALA D 41 7.58 -14.14 -45.60
CA ALA D 41 6.16 -14.10 -45.25
C ALA D 41 5.73 -15.38 -44.55
N ILE D 42 6.25 -16.53 -45.00
CA ILE D 42 5.95 -17.78 -44.32
C ILE D 42 6.57 -17.78 -42.93
N LYS D 43 7.80 -17.29 -42.80
CA LYS D 43 8.39 -17.14 -41.49
C LYS D 43 7.50 -16.31 -40.58
N ILE D 44 6.78 -15.35 -41.16
CA ILE D 44 5.83 -14.54 -40.39
C ILE D 44 4.56 -15.33 -40.12
N CYS D 45 3.99 -15.94 -41.16
CA CYS D 45 2.73 -16.64 -41.03
C CYS D 45 2.75 -17.60 -39.84
N LYS D 46 3.88 -18.26 -39.60
CA LYS D 46 3.99 -19.15 -38.46
C LYS D 46 4.16 -18.40 -37.14
N MET D 47 4.55 -17.13 -37.20
CA MET D 47 4.74 -16.36 -35.97
C MET D 47 3.39 -15.98 -35.36
N LEU D 48 2.47 -15.50 -36.19
CA LEU D 48 1.17 -15.03 -35.73
C LEU D 48 0.11 -16.12 -35.77
N ASN D 49 0.50 -17.37 -36.09
CA ASN D 49 -0.46 -18.47 -36.20
C ASN D 49 -1.64 -18.08 -37.08
N ILE D 50 -1.35 -17.43 -38.21
CA ILE D 50 -2.38 -17.08 -39.18
C ILE D 50 -3.07 -18.35 -39.66
N ALA D 51 -2.32 -19.42 -39.84
CA ALA D 51 -2.82 -20.68 -40.35
C ALA D 51 -1.73 -21.73 -40.19
N PRO D 52 -2.08 -23.01 -40.18
CA PRO D 52 -1.03 -24.04 -40.20
C PRO D 52 -0.08 -23.79 -41.35
N LEU D 53 1.17 -24.21 -41.17
CA LEU D 53 2.22 -23.83 -42.11
C LEU D 53 1.85 -24.20 -43.54
N ASP D 54 1.36 -25.41 -43.76
CA ASP D 54 1.04 -25.82 -45.12
C ASP D 54 0.04 -24.85 -45.75
N VAL D 55 -0.92 -24.38 -44.96
CA VAL D 55 -1.86 -23.38 -45.46
C VAL D 55 -1.15 -22.06 -45.70
N CYS D 56 -0.11 -21.78 -44.92
CA CYS D 56 0.73 -20.63 -45.21
C CYS D 56 1.50 -20.83 -46.51
N GLN D 57 2.15 -21.99 -46.64
CA GLN D 57 2.92 -22.28 -47.85
C GLN D 57 2.04 -22.20 -49.09
N SER D 58 0.92 -22.92 -49.08
CA SER D 58 0.04 -22.94 -50.23
C SER D 58 -0.31 -21.52 -50.68
N ALA D 59 -0.80 -20.71 -49.74
CA ALA D 59 -1.25 -19.36 -50.08
C ALA D 59 -0.10 -18.53 -50.64
N VAL D 60 1.01 -18.44 -49.90
CA VAL D 60 2.13 -17.63 -50.32
C VAL D 60 2.53 -17.97 -51.76
N HIS D 61 2.70 -19.26 -52.04
CA HIS D 61 3.07 -19.67 -53.39
C HIS D 61 2.06 -19.16 -54.42
N LEU D 62 0.78 -19.13 -54.05
CA LEU D 62 -0.23 -18.66 -54.97
C LEU D 62 -0.24 -17.15 -55.08
N PHE D 63 0.18 -16.45 -54.03
CA PHE D 63 0.14 -14.99 -54.00
C PHE D 63 1.44 -14.35 -54.46
N GLU D 64 2.58 -14.90 -54.03
CA GLU D 64 3.87 -14.24 -54.15
C GLU D 64 4.06 -13.53 -55.48
N ASP D 65 3.65 -14.16 -56.58
CA ASP D 65 3.93 -13.59 -57.90
C ASP D 65 3.23 -12.25 -58.09
N ASP D 66 1.90 -12.23 -57.93
CA ASP D 66 1.14 -11.02 -58.23
C ASP D 66 1.28 -9.98 -57.11
N VAL D 67 1.31 -10.43 -55.85
CA VAL D 67 1.52 -9.50 -54.75
C VAL D 67 2.83 -8.74 -54.93
N VAL D 68 3.87 -9.45 -55.36
CA VAL D 68 5.16 -8.80 -55.60
C VAL D 68 5.05 -7.83 -56.78
N GLU D 69 4.18 -8.12 -57.74
CA GLU D 69 4.06 -7.27 -58.93
C GLU D 69 3.64 -5.86 -58.54
N VAL D 70 2.58 -5.73 -57.73
CA VAL D 70 2.03 -4.40 -57.43
C VAL D 70 3.05 -3.56 -56.68
N TRP D 71 3.74 -4.15 -55.70
CA TRP D 71 4.71 -3.39 -54.92
C TRP D 71 5.67 -2.64 -55.83
N THR D 72 6.22 -3.33 -56.82
CA THR D 72 7.11 -2.67 -57.78
C THR D 72 6.39 -1.54 -58.51
N ARG D 73 5.12 -1.76 -58.85
CA ARG D 73 4.31 -0.78 -59.57
C ARG D 73 3.78 0.32 -58.67
N SER D 74 3.98 0.21 -57.36
CA SER D 74 3.32 1.09 -56.40
C SER D 74 4.26 1.46 -55.25
N VAL D 75 4.21 0.68 -54.17
CA VAL D 75 4.97 1.00 -52.97
C VAL D 75 6.45 1.13 -53.30
N LEU D 76 6.98 0.23 -54.11
CA LEU D 76 8.40 0.21 -54.44
C LEU D 76 8.71 1.00 -55.71
N SER D 77 7.75 1.73 -56.25
CA SER D 77 8.04 2.59 -57.39
C SER D 77 9.01 3.70 -56.96
N PRO D 78 10.01 4.03 -57.79
CA PRO D 78 10.97 5.07 -57.35
C PRO D 78 10.32 6.40 -57.01
N SER D 79 9.51 6.95 -57.92
CA SER D 79 8.87 8.24 -57.64
C SER D 79 8.04 8.17 -56.37
N GLU D 80 7.33 7.06 -56.15
CA GLU D 80 6.48 6.94 -54.98
C GLU D 80 7.29 6.80 -53.71
N ALA D 81 8.33 5.95 -53.74
CA ALA D 81 9.07 5.63 -52.52
C ALA D 81 9.84 6.83 -52.00
N CYS D 82 10.62 7.48 -52.86
CA CYS D 82 11.48 8.56 -52.40
C CYS D 82 10.67 9.73 -51.86
N GLY D 83 9.45 9.93 -52.37
CA GLY D 83 8.62 11.01 -51.89
C GLY D 83 8.26 10.86 -50.42
N LEU D 84 8.16 9.62 -49.94
CA LEU D 84 7.84 9.40 -48.53
C LEU D 84 9.03 9.69 -47.63
N LEU D 85 10.20 9.17 -47.99
CA LEU D 85 11.37 9.26 -47.12
C LEU D 85 11.96 10.67 -47.11
N LEU D 86 12.00 11.33 -48.26
CA LEU D 86 12.71 12.59 -48.40
C LEU D 86 11.81 13.81 -48.53
N GLY D 87 10.55 13.63 -48.91
CA GLY D 87 9.59 14.72 -49.01
C GLY D 87 9.27 15.04 -50.46
N SER D 88 8.43 16.05 -50.62
CA SER D 88 7.97 16.46 -51.94
C SER D 88 9.11 16.86 -52.86
N SER D 89 10.27 17.23 -52.29
CA SER D 89 11.38 17.70 -53.09
C SER D 89 11.88 16.65 -54.07
N CYS D 90 11.80 15.37 -53.70
CA CYS D 90 12.36 14.27 -54.50
C CYS D 90 11.29 13.18 -54.65
N GLY D 91 10.25 13.48 -55.40
CA GLY D 91 9.22 12.50 -55.74
C GLY D 91 7.86 12.93 -55.24
N HIS D 92 6.93 11.97 -55.29
CA HIS D 92 5.54 12.21 -54.91
C HIS D 92 4.96 10.92 -54.35
N TRP D 93 4.20 11.05 -53.25
CA TRP D 93 3.60 9.91 -52.56
C TRP D 93 2.08 10.03 -52.62
N ASP D 94 1.44 9.11 -53.33
CA ASP D 94 -0.01 9.14 -53.53
C ASP D 94 -0.66 7.81 -53.16
N ILE D 95 0.00 6.99 -52.36
CA ILE D 95 -0.44 5.63 -52.11
C ILE D 95 -1.88 5.65 -51.61
N PHE D 96 -2.08 6.15 -50.39
CA PHE D 96 -3.42 6.29 -49.86
C PHE D 96 -3.75 7.77 -49.70
N SER D 97 -3.41 8.55 -50.72
CA SER D 97 -3.79 9.95 -50.74
C SER D 97 -5.29 10.08 -50.98
N THR D 98 -5.85 11.15 -50.45
CA THR D 98 -7.26 11.43 -50.62
C THR D 98 -7.52 12.02 -52.01
N TRP D 99 -8.75 11.86 -52.49
CA TRP D 99 -9.12 12.32 -53.82
C TRP D 99 -10.60 12.65 -53.84
N ASN D 100 -10.96 13.55 -54.77
CA ASN D 100 -12.32 14.07 -54.85
C ASN D 100 -12.88 13.85 -56.25
N ILE D 101 -14.20 13.82 -56.33
CA ILE D 101 -14.93 13.62 -57.58
C ILE D 101 -15.70 14.90 -57.89
N SER D 102 -15.71 15.28 -59.17
CA SER D 102 -16.40 16.46 -59.63
C SER D 102 -17.78 16.07 -60.16
N LEU D 103 -18.80 16.80 -59.73
CA LEU D 103 -20.17 16.57 -60.16
C LEU D 103 -20.53 17.50 -61.31
N PRO D 104 -21.60 17.20 -62.05
CA PRO D 104 -21.99 18.06 -63.17
C PRO D 104 -22.44 19.43 -62.69
N SER D 105 -22.66 20.32 -63.65
CA SER D 105 -23.10 21.68 -63.37
C SER D 105 -24.62 21.80 -63.29
N VAL D 106 -25.34 20.71 -63.52
CA VAL D 106 -26.81 20.77 -63.50
C VAL D 106 -27.28 21.07 -62.08
N PRO D 107 -28.16 22.04 -61.86
CA PRO D 107 -28.69 22.25 -60.50
C PRO D 107 -29.48 21.06 -60.02
N LYS D 108 -29.28 20.69 -58.77
CA LYS D 108 -30.04 19.60 -58.18
C LYS D 108 -31.51 20.00 -58.08
N PRO D 109 -32.44 19.20 -58.61
CA PRO D 109 -33.86 19.57 -58.53
C PRO D 109 -34.34 19.52 -57.09
N PRO D 110 -35.42 20.24 -56.77
CA PRO D 110 -35.96 20.18 -55.40
C PRO D 110 -36.21 18.75 -54.98
N PRO D 111 -36.03 18.44 -53.70
CA PRO D 111 -36.34 17.08 -53.23
C PRO D 111 -37.80 16.75 -53.48
N LYS D 112 -38.05 15.47 -53.81
CA LYS D 112 -39.41 15.04 -54.12
C LYS D 112 -39.58 13.59 -53.67
N PRO D 113 -40.60 13.29 -52.86
CA PRO D 113 -40.75 11.92 -52.37
C PRO D 113 -41.61 11.10 -53.30
N PRO D 114 -41.37 9.79 -53.39
CA PRO D 114 -42.23 8.95 -54.23
C PRO D 114 -43.66 8.94 -53.70
N SER D 115 -44.61 9.11 -54.60
CA SER D 115 -46.01 9.00 -54.21
C SER D 115 -46.33 7.53 -53.93
N PRO D 116 -47.04 7.23 -52.84
CA PRO D 116 -47.40 5.84 -52.57
C PRO D 116 -48.12 5.25 -53.76
N PRO D 117 -47.98 3.95 -54.00
CA PRO D 117 -48.70 3.33 -55.11
C PRO D 117 -50.21 3.41 -54.90
N ALA D 118 -50.92 3.67 -56.00
CA ALA D 118 -52.36 3.79 -55.95
C ALA D 118 -52.99 2.42 -55.73
N PRO D 119 -54.28 2.38 -55.41
CA PRO D 119 -54.96 1.08 -55.29
C PRO D 119 -54.94 0.32 -56.61
N GLY D 120 -54.78 -0.99 -56.51
CA GLY D 120 -54.73 -1.84 -57.69
C GLY D 120 -53.43 -1.79 -58.46
N ALA D 121 -52.48 -0.96 -58.04
CA ALA D 121 -51.21 -0.90 -58.75
C ALA D 121 -50.54 -2.27 -58.71
N PRO D 122 -49.92 -2.71 -59.80
CA PRO D 122 -49.24 -4.01 -59.79
C PRO D 122 -48.04 -3.99 -58.87
N VAL D 123 -47.66 -5.17 -58.43
CA VAL D 123 -46.44 -5.37 -57.66
C VAL D 123 -45.51 -6.26 -58.46
N SER D 124 -44.21 -6.02 -58.31
CA SER D 124 -43.18 -6.85 -58.92
C SER D 124 -42.37 -7.51 -57.82
N ARG D 125 -42.02 -8.77 -58.03
CA ARG D 125 -41.18 -9.53 -57.10
C ARG D 125 -39.83 -9.79 -57.76
N VAL D 126 -38.76 -9.49 -57.02
CA VAL D 126 -37.40 -9.67 -57.52
C VAL D 126 -36.65 -10.54 -56.53
N LEU D 127 -36.19 -11.70 -57.00
CA LEU D 127 -35.37 -12.55 -56.16
C LEU D 127 -33.99 -11.93 -55.98
N PHE D 128 -33.38 -12.21 -54.83
CA PHE D 128 -32.04 -11.72 -54.54
C PHE D 128 -31.17 -12.88 -54.09
N LEU D 129 -30.03 -13.04 -54.73
CA LEU D 129 -29.06 -14.07 -54.37
C LEU D 129 -27.71 -13.43 -54.08
N THR D 130 -27.00 -13.98 -53.10
CA THR D 130 -25.72 -13.42 -52.71
C THR D 130 -24.92 -14.46 -51.94
N ASP D 131 -23.61 -14.47 -52.18
CA ASP D 131 -22.67 -15.28 -51.41
C ASP D 131 -23.12 -16.73 -51.33
N LEU D 132 -23.29 -17.34 -52.50
CA LEU D 132 -23.68 -18.74 -52.56
C LEU D 132 -22.55 -19.65 -52.07
N HIS D 133 -21.32 -19.36 -52.47
CA HIS D 133 -20.15 -20.05 -51.95
C HIS D 133 -20.32 -21.57 -52.04
N TRP D 134 -20.04 -22.15 -53.22
CA TRP D 134 -20.10 -23.58 -53.43
C TRP D 134 -18.74 -24.22 -53.12
N ASP D 135 -18.75 -25.30 -52.35
CA ASP D 135 -17.54 -26.05 -52.00
C ASP D 135 -17.58 -27.39 -52.73
N HIS D 136 -16.82 -27.51 -53.82
CA HIS D 136 -16.76 -28.77 -54.55
C HIS D 136 -16.09 -29.86 -53.73
N GLU D 137 -15.31 -29.49 -52.71
CA GLU D 137 -14.67 -30.45 -51.82
C GLU D 137 -15.54 -30.82 -50.63
N TYR D 138 -16.72 -30.23 -50.52
CA TYR D 138 -17.57 -30.54 -49.38
C TYR D 138 -17.83 -32.04 -49.30
N LEU D 139 -17.67 -32.59 -48.11
CA LEU D 139 -17.84 -34.02 -47.90
C LEU D 139 -18.54 -34.26 -46.58
N GLU D 140 -19.65 -35.00 -46.63
CA GLU D 140 -20.40 -35.33 -45.43
C GLU D 140 -19.54 -36.17 -44.48
N GLY D 141 -19.78 -35.98 -43.19
CA GLY D 141 -19.11 -36.73 -42.15
C GLY D 141 -17.74 -36.23 -41.76
N THR D 142 -17.13 -35.36 -42.56
CA THR D 142 -15.80 -34.85 -42.24
C THR D 142 -15.86 -33.88 -41.07
N ASP D 143 -14.69 -33.54 -40.57
CA ASP D 143 -14.60 -32.69 -39.38
C ASP D 143 -14.99 -31.26 -39.70
N PRO D 144 -16.07 -30.71 -39.13
CA PRO D 144 -16.40 -29.31 -39.36
C PRO D 144 -15.51 -28.34 -38.60
N TYR D 145 -14.90 -28.78 -37.51
CA TYR D 145 -14.06 -27.93 -36.67
C TYR D 145 -12.58 -28.19 -36.91
N CYS D 146 -12.21 -28.29 -38.18
CA CYS D 146 -10.84 -28.65 -38.54
C CYS D 146 -9.90 -27.47 -38.32
N ALA D 147 -8.61 -27.72 -38.51
CA ALA D 147 -7.63 -26.65 -38.41
C ALA D 147 -7.59 -25.78 -39.65
N ASP D 148 -8.03 -26.30 -40.80
CA ASP D 148 -8.02 -25.52 -42.02
C ASP D 148 -9.01 -24.35 -41.92
N PRO D 149 -8.79 -23.29 -42.69
CA PRO D 149 -9.77 -22.18 -42.72
C PRO D 149 -11.14 -22.60 -43.24
N LEU D 150 -11.25 -23.74 -43.92
CA LEU D 150 -12.53 -24.25 -44.40
C LEU D 150 -12.60 -25.74 -44.07
N CYS D 151 -13.77 -26.17 -43.58
CA CYS D 151 -13.93 -27.55 -43.15
C CYS D 151 -15.11 -28.21 -43.86
N CYS D 152 -15.59 -29.34 -43.32
CA CYS D 152 -16.59 -30.16 -43.99
C CYS D 152 -16.15 -30.56 -45.39
N ARG D 153 -14.84 -30.76 -45.53
CA ARG D 153 -14.22 -31.13 -46.80
C ARG D 153 -13.04 -32.01 -46.45
N ARG D 154 -12.80 -33.04 -47.26
CA ARG D 154 -11.64 -33.86 -46.99
C ARG D 154 -10.39 -32.99 -46.99
N GLY D 155 -9.38 -33.43 -46.24
CA GLY D 155 -8.31 -32.57 -45.82
C GLY D 155 -8.59 -31.91 -44.50
N SER D 156 -9.88 -31.73 -44.18
CA SER D 156 -10.29 -31.30 -42.86
C SER D 156 -10.17 -32.42 -41.83
N GLY D 157 -10.04 -33.66 -42.28
CA GLY D 157 -10.04 -34.79 -41.37
C GLY D 157 -11.46 -35.23 -41.04
N TRP D 158 -11.57 -36.03 -39.98
CA TRP D 158 -12.85 -36.56 -39.55
C TRP D 158 -13.05 -36.35 -38.06
N PRO D 159 -14.30 -36.19 -37.62
CA PRO D 159 -14.55 -35.94 -36.21
C PRO D 159 -13.91 -37.01 -35.35
N PRO D 160 -13.09 -36.63 -34.37
CA PRO D 160 -12.38 -37.64 -33.59
C PRO D 160 -13.32 -38.44 -32.71
N ASN D 161 -13.13 -39.76 -32.72
CA ASN D 161 -13.77 -40.64 -31.75
C ASN D 161 -15.29 -40.52 -31.76
N SER D 162 -15.94 -41.12 -32.76
CA SER D 162 -17.38 -41.33 -32.76
C SER D 162 -18.14 -40.06 -32.40
N GLN D 163 -17.77 -38.97 -33.06
CA GLN D 163 -18.51 -37.72 -32.95
C GLN D 163 -19.29 -37.50 -34.23
N LYS D 164 -20.25 -36.57 -34.16
CA LYS D 164 -21.13 -36.31 -35.28
C LYS D 164 -20.38 -35.50 -36.34
N GLY D 165 -20.32 -36.04 -37.56
CA GLY D 165 -19.56 -35.41 -38.62
C GLY D 165 -20.37 -34.41 -39.40
N ALA D 166 -19.68 -33.75 -40.33
CA ALA D 166 -20.30 -32.77 -41.19
C ALA D 166 -21.61 -33.31 -41.74
N GLY D 167 -22.65 -32.48 -41.70
CA GLY D 167 -23.95 -32.86 -42.18
C GLY D 167 -23.98 -33.09 -43.67
N PHE D 168 -25.05 -33.75 -44.11
CA PHE D 168 -25.19 -34.11 -45.51
C PHE D 168 -25.47 -32.90 -46.38
N TRP D 169 -26.33 -31.99 -45.92
CA TRP D 169 -26.70 -30.81 -46.67
C TRP D 169 -25.86 -29.58 -46.31
N GLY D 170 -24.97 -29.68 -45.32
CA GLY D 170 -24.25 -28.53 -44.85
C GLY D 170 -24.06 -28.63 -43.35
N GLU D 171 -23.32 -27.70 -42.75
CA GLU D 171 -23.06 -27.79 -41.33
C GLU D 171 -22.89 -26.39 -40.75
N TYR D 172 -23.43 -26.21 -39.54
CA TYR D 172 -23.32 -24.94 -38.81
C TYR D 172 -21.87 -24.74 -38.39
N SER D 173 -21.05 -24.30 -39.33
CA SER D 173 -19.63 -24.08 -39.03
C SER D 173 -18.99 -23.39 -40.23
N LYS D 174 -17.68 -23.21 -40.17
CA LYS D 174 -16.91 -22.67 -41.29
C LYS D 174 -16.94 -23.64 -42.47
N CYS D 175 -18.11 -23.81 -43.07
CA CYS D 175 -18.31 -24.77 -44.15
C CYS D 175 -19.22 -24.14 -45.18
N ASP D 176 -18.79 -24.17 -46.43
CA ASP D 176 -19.63 -23.70 -47.54
C ASP D 176 -20.54 -24.84 -47.98
N LEU D 177 -21.23 -24.64 -49.10
CA LEU D 177 -22.36 -25.51 -49.41
C LEU D 177 -21.98 -26.58 -50.42
N PRO D 178 -22.56 -27.78 -50.29
CA PRO D 178 -22.49 -28.76 -51.38
C PRO D 178 -23.46 -28.39 -52.49
N LEU D 179 -23.15 -28.89 -53.69
CA LEU D 179 -23.97 -28.56 -54.85
C LEU D 179 -25.42 -29.01 -54.68
N ARG D 180 -25.65 -30.10 -53.95
CA ARG D 180 -27.02 -30.57 -53.75
C ARG D 180 -27.86 -29.53 -53.04
N THR D 181 -27.28 -28.85 -52.06
CA THR D 181 -28.02 -27.85 -51.31
C THR D 181 -28.33 -26.64 -52.18
N LEU D 182 -27.38 -26.22 -53.02
CA LEU D 182 -27.66 -25.14 -53.96
C LEU D 182 -28.71 -25.56 -54.96
N GLU D 183 -28.50 -26.71 -55.62
CA GLU D 183 -29.52 -27.26 -56.51
C GLU D 183 -30.85 -27.38 -55.79
N SER D 184 -30.83 -27.78 -54.52
CA SER D 184 -32.06 -27.89 -53.75
C SER D 184 -32.77 -26.53 -53.62
N LEU D 185 -31.99 -25.46 -53.43
CA LEU D 185 -32.60 -24.14 -53.25
C LEU D 185 -33.42 -23.74 -54.48
N LEU D 186 -32.85 -23.91 -55.67
CA LEU D 186 -33.52 -23.47 -56.88
C LEU D 186 -34.81 -24.24 -57.10
N LYS D 187 -34.85 -25.51 -56.70
CA LYS D 187 -36.04 -26.33 -56.94
C LYS D 187 -37.23 -25.85 -56.13
N GLY D 188 -37.00 -25.25 -54.97
CA GLY D 188 -38.07 -24.83 -54.09
C GLY D 188 -38.42 -23.36 -54.20
N LEU D 189 -38.33 -22.81 -55.41
CA LEU D 189 -38.60 -21.40 -55.63
C LEU D 189 -40.04 -21.13 -56.08
N GLY D 190 -40.89 -22.14 -56.12
CA GLY D 190 -42.24 -21.99 -56.60
C GLY D 190 -43.04 -20.94 -55.85
N PRO D 191 -43.25 -21.16 -54.55
CA PRO D 191 -44.09 -20.22 -53.79
C PRO D 191 -43.51 -18.82 -53.71
N ALA D 192 -42.18 -18.70 -53.61
CA ALA D 192 -41.56 -17.37 -53.50
C ALA D 192 -41.87 -16.52 -54.73
N GLY D 193 -42.01 -17.14 -55.89
CA GLY D 193 -42.27 -16.40 -57.12
C GLY D 193 -43.73 -16.09 -57.32
N PRO D 194 -44.12 -15.70 -58.55
CA PRO D 194 -43.23 -15.51 -59.70
C PRO D 194 -42.45 -14.21 -59.61
N PHE D 195 -41.29 -14.15 -60.28
CA PHE D 195 -40.45 -12.96 -60.27
C PHE D 195 -40.40 -12.33 -61.66
N GLU D 196 -40.17 -11.02 -61.68
CA GLU D 196 -39.89 -10.31 -62.93
C GLU D 196 -38.41 -10.33 -63.28
N MET D 197 -37.55 -10.73 -62.34
CA MET D 197 -36.11 -10.82 -62.58
C MET D 197 -35.41 -11.27 -61.30
N VAL D 198 -34.07 -11.27 -61.30
CA VAL D 198 -33.30 -11.73 -60.15
C VAL D 198 -32.03 -10.90 -60.03
N TYR D 199 -31.62 -10.69 -58.78
CA TYR D 199 -30.35 -10.04 -58.47
C TYR D 199 -29.42 -11.06 -57.81
N TRP D 200 -28.17 -11.10 -58.25
CA TRP D 200 -27.23 -12.12 -57.80
C TRP D 200 -25.86 -11.46 -57.60
N THR D 201 -25.49 -11.19 -56.35
CA THR D 201 -24.33 -10.37 -56.05
C THR D 201 -23.05 -11.17 -55.83
N GLY D 202 -22.85 -12.24 -56.61
CA GLY D 202 -21.54 -12.88 -56.70
C GLY D 202 -21.12 -13.69 -55.48
N ASP D 203 -19.80 -13.84 -55.34
CA ASP D 203 -19.16 -14.65 -54.30
C ASP D 203 -19.61 -16.11 -54.40
N ILE D 204 -19.21 -16.75 -55.50
CA ILE D 204 -19.59 -18.14 -55.76
C ILE D 204 -18.56 -19.10 -55.20
N PRO D 205 -17.25 -18.89 -55.42
CA PRO D 205 -16.26 -19.83 -54.89
C PRO D 205 -16.32 -19.91 -53.38
N ALA D 206 -15.74 -20.99 -52.85
CA ALA D 206 -15.67 -21.20 -51.42
C ALA D 206 -14.51 -20.39 -50.84
N HIS D 207 -14.19 -20.62 -49.58
CA HIS D 207 -13.11 -19.91 -48.88
C HIS D 207 -11.82 -20.72 -48.83
N ASP D 208 -11.61 -21.63 -49.79
CA ASP D 208 -10.35 -22.37 -49.89
C ASP D 208 -9.30 -21.56 -50.65
N VAL D 209 -9.15 -20.30 -50.24
CA VAL D 209 -8.36 -19.35 -51.03
C VAL D 209 -6.93 -19.80 -51.18
N TRP D 210 -6.40 -20.55 -50.21
CA TRP D 210 -5.02 -21.00 -50.29
C TRP D 210 -4.81 -22.06 -51.36
N GLN D 211 -5.86 -22.52 -52.03
CA GLN D 211 -5.76 -23.57 -53.03
C GLN D 211 -6.87 -23.37 -54.06
N GLN D 212 -6.79 -22.26 -54.80
CA GLN D 212 -7.77 -21.90 -55.81
C GLN D 212 -7.04 -21.54 -57.08
N SER D 213 -6.97 -22.47 -58.02
CA SER D 213 -6.47 -22.16 -59.34
C SER D 213 -7.55 -21.44 -60.14
N ARG D 214 -7.12 -20.77 -61.22
CA ARG D 214 -8.09 -20.10 -62.07
C ARG D 214 -9.11 -21.08 -62.63
N GLN D 215 -8.71 -22.33 -62.87
CA GLN D 215 -9.66 -23.33 -63.34
C GLN D 215 -10.63 -23.72 -62.24
N ASP D 216 -10.16 -23.77 -60.99
CA ASP D 216 -11.06 -23.98 -59.86
C ASP D 216 -12.14 -22.90 -59.83
N GLN D 217 -11.75 -21.64 -60.05
CA GLN D 217 -12.71 -20.55 -59.97
C GLN D 217 -13.69 -20.57 -61.14
N LEU D 218 -13.19 -20.84 -62.35
CA LEU D 218 -14.07 -20.83 -63.51
C LEU D 218 -15.03 -22.02 -63.52
N ARG D 219 -14.63 -23.14 -62.91
CA ARG D 219 -15.57 -24.25 -62.74
C ARG D 219 -16.76 -23.80 -61.92
N ALA D 220 -16.51 -23.17 -60.78
CA ALA D 220 -17.59 -22.65 -59.95
C ALA D 220 -18.45 -21.65 -60.71
N LEU D 221 -17.81 -20.75 -61.47
CA LEU D 221 -18.55 -19.79 -62.27
C LEU D 221 -19.50 -20.49 -63.24
N THR D 222 -18.95 -21.35 -64.10
CA THR D 222 -19.75 -22.00 -65.12
C THR D 222 -20.77 -22.96 -64.51
N THR D 223 -20.34 -23.78 -63.56
CA THR D 223 -21.24 -24.77 -62.96
C THR D 223 -22.47 -24.09 -62.37
N ILE D 224 -22.26 -23.11 -61.50
CA ILE D 224 -23.37 -22.48 -60.80
C ILE D 224 -24.21 -21.64 -61.76
N THR D 225 -23.58 -20.98 -62.73
CA THR D 225 -24.33 -20.14 -63.65
C THR D 225 -25.35 -20.95 -64.45
N ASP D 226 -24.90 -22.02 -65.11
CA ASP D 226 -25.80 -22.83 -65.91
C ASP D 226 -26.96 -23.36 -65.07
N LEU D 227 -26.68 -23.74 -63.82
CA LEU D 227 -27.71 -24.25 -62.93
C LEU D 227 -28.81 -23.21 -62.74
N VAL D 228 -28.45 -21.94 -62.61
CA VAL D 228 -29.44 -20.87 -62.48
C VAL D 228 -30.26 -20.77 -63.75
N ARG D 229 -29.58 -20.57 -64.89
CA ARG D 229 -30.27 -20.55 -66.17
C ARG D 229 -31.21 -21.74 -66.31
N LYS D 230 -30.75 -22.91 -65.86
CA LYS D 230 -31.53 -24.13 -66.00
C LYS D 230 -32.90 -23.99 -65.34
N PHE D 231 -32.93 -23.58 -64.07
CA PHE D 231 -34.19 -23.53 -63.34
C PHE D 231 -35.04 -22.33 -63.71
N LEU D 232 -34.43 -21.21 -64.10
CA LEU D 232 -35.16 -19.97 -64.29
C LEU D 232 -35.80 -19.87 -65.68
N GLY D 233 -35.08 -20.26 -66.72
CA GLY D 233 -35.61 -20.18 -68.07
C GLY D 233 -35.64 -18.75 -68.56
N PRO D 234 -36.82 -18.26 -68.97
CA PRO D 234 -36.88 -16.91 -69.57
C PRO D 234 -36.62 -15.76 -68.59
N VAL D 235 -36.62 -16.00 -67.29
CA VAL D 235 -36.51 -14.90 -66.32
C VAL D 235 -35.07 -14.40 -66.31
N PRO D 236 -34.84 -13.10 -66.48
CA PRO D 236 -33.46 -12.60 -66.53
C PRO D 236 -32.84 -12.48 -65.14
N VAL D 237 -31.58 -12.85 -65.06
CA VAL D 237 -30.79 -12.71 -63.84
C VAL D 237 -29.72 -11.65 -64.08
N TYR D 238 -29.61 -10.70 -63.16
CA TYR D 238 -28.67 -9.58 -63.28
C TYR D 238 -27.65 -9.66 -62.16
N PRO D 239 -26.47 -10.23 -62.40
CA PRO D 239 -25.52 -10.46 -61.30
C PRO D 239 -24.45 -9.39 -61.16
N ALA D 240 -23.75 -9.41 -60.01
CA ALA D 240 -22.69 -8.44 -59.72
C ALA D 240 -21.46 -9.19 -59.26
N VAL D 241 -20.32 -8.51 -59.28
CA VAL D 241 -19.04 -9.14 -59.03
C VAL D 241 -18.78 -9.20 -57.53
N GLY D 242 -18.39 -10.38 -57.05
CA GLY D 242 -17.92 -10.56 -55.70
C GLY D 242 -16.40 -10.61 -55.64
N ASN D 243 -15.89 -10.66 -54.42
CA ASN D 243 -14.46 -10.59 -54.20
C ASN D 243 -13.79 -11.97 -54.20
N HIS D 244 -14.54 -13.03 -53.95
CA HIS D 244 -13.97 -14.38 -53.95
C HIS D 244 -13.89 -14.98 -55.36
N GLU D 245 -14.23 -14.21 -56.38
CA GLU D 245 -14.36 -14.77 -57.72
C GLU D 245 -13.01 -14.91 -58.43
N SER D 246 -12.08 -14.01 -58.16
CA SER D 246 -10.75 -14.13 -58.75
C SER D 246 -9.83 -14.93 -57.85
N THR D 247 -8.64 -15.19 -58.34
CA THR D 247 -7.60 -15.81 -57.55
C THR D 247 -6.26 -15.16 -57.97
N PRO D 248 -5.46 -14.71 -57.00
CA PRO D 248 -5.71 -14.69 -55.55
C PRO D 248 -6.87 -13.79 -55.16
N VAL D 249 -7.56 -14.16 -54.08
CA VAL D 249 -8.78 -13.51 -53.63
C VAL D 249 -8.57 -12.02 -53.48
N ASN D 250 -9.61 -11.24 -53.76
CA ASN D 250 -9.61 -9.78 -53.55
C ASN D 250 -8.73 -9.05 -54.56
N GLY D 251 -7.87 -9.78 -55.27
CA GLY D 251 -7.00 -9.18 -56.25
C GLY D 251 -7.72 -8.92 -57.56
N PHE D 252 -8.03 -7.66 -57.83
CA PHE D 252 -8.72 -7.26 -59.06
C PHE D 252 -7.97 -6.07 -59.66
N PRO D 253 -6.99 -6.32 -60.52
CA PRO D 253 -6.22 -5.22 -61.11
C PRO D 253 -7.13 -4.26 -61.86
N PRO D 254 -6.91 -2.95 -61.74
CA PRO D 254 -7.67 -2.01 -62.56
C PRO D 254 -7.38 -2.21 -64.04
N PRO D 255 -8.21 -1.64 -64.91
CA PRO D 255 -8.03 -1.90 -66.36
C PRO D 255 -6.65 -1.54 -66.89
N PHE D 256 -6.05 -0.45 -66.40
CA PHE D 256 -4.79 0.00 -66.97
C PHE D 256 -3.70 -1.06 -66.86
N ILE D 257 -3.89 -2.08 -66.03
CA ILE D 257 -2.95 -3.19 -65.94
C ILE D 257 -3.29 -4.21 -67.00
N LYS D 258 -2.26 -4.73 -67.66
CA LYS D 258 -2.42 -5.60 -68.81
C LYS D 258 -1.57 -6.85 -68.63
N GLY D 259 -1.75 -7.79 -69.53
CA GLY D 259 -0.94 -9.00 -69.57
C GLY D 259 -1.65 -10.19 -68.95
N ASN D 260 -0.86 -11.23 -68.72
CA ASN D 260 -1.39 -12.45 -68.12
C ASN D 260 -1.85 -12.22 -66.70
N GLN D 261 -1.17 -11.34 -65.95
CA GLN D 261 -1.56 -11.03 -64.59
C GLN D 261 -2.84 -10.20 -64.51
N SER D 262 -3.28 -9.63 -65.63
CA SER D 262 -4.52 -8.88 -65.65
C SER D 262 -5.71 -9.79 -65.33
N SER D 263 -6.86 -9.17 -65.08
CA SER D 263 -8.09 -9.90 -64.80
C SER D 263 -8.88 -10.20 -66.06
N GLN D 264 -8.23 -10.15 -67.22
CA GLN D 264 -8.93 -10.44 -68.47
C GLN D 264 -9.47 -11.87 -68.49
N TRP D 265 -8.71 -12.81 -67.90
CA TRP D 265 -9.18 -14.19 -67.81
C TRP D 265 -10.55 -14.26 -67.14
N LEU D 266 -10.77 -13.42 -66.15
CA LEU D 266 -12.00 -13.51 -65.35
C LEU D 266 -13.15 -12.79 -66.04
N TYR D 267 -12.94 -11.56 -66.50
CA TYR D 267 -14.03 -10.75 -67.02
C TYR D 267 -14.55 -11.29 -68.34
N GLU D 268 -13.67 -11.84 -69.18
CA GLU D 268 -14.12 -12.36 -70.49
C GLU D 268 -15.00 -13.60 -70.32
N ALA D 269 -14.64 -14.49 -69.40
CA ALA D 269 -15.45 -15.68 -69.16
C ALA D 269 -16.87 -15.32 -68.74
N MET D 270 -17.00 -14.33 -67.84
CA MET D 270 -18.32 -13.89 -67.40
C MET D 270 -19.15 -13.38 -68.57
N ALA D 271 -18.50 -12.70 -69.52
CA ALA D 271 -19.22 -12.20 -70.68
C ALA D 271 -19.91 -13.33 -71.44
N LYS D 272 -19.15 -14.39 -71.75
CA LYS D 272 -19.73 -15.52 -72.46
C LYS D 272 -20.84 -16.18 -71.67
N ALA D 273 -20.65 -16.29 -70.35
CA ALA D 273 -21.62 -17.01 -69.52
C ALA D 273 -22.93 -16.25 -69.37
N TRP D 274 -22.92 -14.92 -69.51
CA TRP D 274 -24.09 -14.09 -69.20
C TRP D 274 -24.63 -13.36 -70.43
N GLU D 275 -24.26 -13.77 -71.63
CA GLU D 275 -24.80 -13.11 -72.83
C GLU D 275 -26.32 -13.22 -72.94
N PRO D 276 -26.95 -14.34 -72.57
CA PRO D 276 -28.42 -14.40 -72.68
C PRO D 276 -29.13 -13.34 -71.84
N TRP D 277 -28.51 -12.91 -70.74
CA TRP D 277 -29.16 -12.04 -69.79
C TRP D 277 -28.98 -10.56 -70.10
N LEU D 278 -27.87 -10.18 -70.73
CA LEU D 278 -27.50 -8.79 -70.85
C LEU D 278 -27.42 -8.37 -72.32
N PRO D 279 -27.70 -7.08 -72.62
CA PRO D 279 -27.58 -6.59 -74.00
C PRO D 279 -26.14 -6.27 -74.40
N ALA D 280 -25.95 -5.66 -75.56
CA ALA D 280 -24.61 -5.49 -76.13
C ALA D 280 -23.84 -4.37 -75.45
N ASP D 281 -24.40 -3.16 -75.41
CA ASP D 281 -23.67 -2.03 -74.84
C ASP D 281 -23.28 -2.28 -73.39
N ALA D 282 -23.98 -3.17 -72.69
CA ALA D 282 -23.61 -3.53 -71.33
C ALA D 282 -22.42 -4.47 -71.31
N LEU D 283 -22.47 -5.54 -72.12
CA LEU D 283 -21.33 -6.46 -72.22
C LEU D 283 -20.06 -5.71 -72.59
N HIS D 284 -20.17 -4.65 -73.38
CA HIS D 284 -19.01 -3.84 -73.73
C HIS D 284 -18.24 -3.43 -72.48
N THR D 285 -18.94 -2.82 -71.52
CA THR D 285 -18.29 -2.34 -70.30
C THR D 285 -17.90 -3.48 -69.38
N LEU D 286 -18.67 -4.56 -69.38
CA LEU D 286 -18.38 -5.69 -68.51
C LEU D 286 -17.01 -6.28 -68.81
N ARG D 287 -16.76 -6.62 -70.08
CA ARG D 287 -15.48 -7.21 -70.46
C ARG D 287 -14.30 -6.34 -70.07
N ILE D 288 -14.54 -5.06 -69.78
CA ILE D 288 -13.46 -4.12 -69.48
C ILE D 288 -13.26 -4.06 -67.96
N GLY D 289 -14.29 -3.61 -67.24
CA GLY D 289 -14.15 -3.29 -65.83
C GLY D 289 -15.05 -4.06 -64.90
N GLY D 290 -15.93 -4.89 -65.45
CA GLY D 290 -16.81 -5.68 -64.60
C GLY D 290 -18.03 -4.96 -64.09
N PHE D 291 -18.48 -3.92 -64.77
CA PHE D 291 -19.70 -3.22 -64.43
C PHE D 291 -20.43 -2.87 -65.70
N TYR D 292 -21.72 -2.53 -65.56
CA TYR D 292 -22.58 -2.32 -66.73
C TYR D 292 -23.85 -1.64 -66.29
N ALA D 293 -24.69 -1.30 -67.28
CA ALA D 293 -25.98 -0.67 -67.03
C ALA D 293 -26.89 -0.95 -68.22
N LEU D 294 -28.19 -1.03 -67.95
CA LEU D 294 -29.16 -1.31 -69.00
C LEU D 294 -30.56 -0.97 -68.50
N THR D 295 -31.50 -0.91 -69.44
CA THR D 295 -32.90 -0.60 -69.16
C THR D 295 -33.69 -1.89 -68.96
N PRO D 296 -34.05 -2.26 -67.72
CA PRO D 296 -34.81 -3.50 -67.53
C PRO D 296 -36.27 -3.35 -67.87
N ARG D 297 -36.84 -2.16 -67.65
CA ARG D 297 -38.21 -1.89 -68.03
C ARG D 297 -38.38 -0.38 -68.19
N PRO D 298 -39.33 0.08 -69.01
CA PRO D 298 -39.43 1.50 -69.28
C PRO D 298 -39.53 2.33 -68.00
N GLY D 299 -38.65 3.32 -67.90
CA GLY D 299 -38.62 4.17 -66.72
C GLY D 299 -37.67 3.72 -65.63
N LEU D 300 -36.93 2.64 -65.84
CA LEU D 300 -35.96 2.16 -64.85
C LEU D 300 -34.63 1.89 -65.54
N ARG D 301 -33.56 2.03 -64.77
CA ARG D 301 -32.20 1.80 -65.24
C ARG D 301 -31.42 1.09 -64.16
N LEU D 302 -30.99 -0.14 -64.43
CA LEU D 302 -30.25 -0.93 -63.47
C LEU D 302 -28.75 -0.71 -63.65
N ILE D 303 -28.02 -0.76 -62.52
CA ILE D 303 -26.58 -0.53 -62.52
C ILE D 303 -25.91 -1.55 -61.60
N SER D 304 -24.92 -2.26 -62.14
CA SER D 304 -24.15 -3.24 -61.39
C SER D 304 -22.72 -2.74 -61.21
N LEU D 305 -22.21 -2.87 -59.98
CA LEU D 305 -20.91 -2.33 -59.60
C LEU D 305 -19.96 -3.44 -59.19
N ASN D 306 -18.67 -3.23 -59.45
CA ASN D 306 -17.59 -4.09 -58.96
C ASN D 306 -17.00 -3.44 -57.73
N MET D 307 -17.46 -3.85 -56.55
CA MET D 307 -17.05 -3.24 -55.31
C MET D 307 -15.63 -3.63 -54.88
N ASN D 308 -14.87 -4.31 -55.75
CA ASN D 308 -13.47 -4.57 -55.47
C ASN D 308 -12.57 -3.38 -55.75
N PHE D 309 -13.09 -2.39 -56.47
CA PHE D 309 -12.38 -1.13 -56.64
C PHE D 309 -12.63 -0.18 -55.48
N CYS D 310 -13.37 -0.62 -54.47
CA CYS D 310 -13.47 0.06 -53.20
C CYS D 310 -12.94 -0.79 -52.07
N SER D 311 -12.48 -2.00 -52.35
CA SER D 311 -12.16 -2.97 -51.31
C SER D 311 -10.85 -2.63 -50.64
N ARG D 312 -10.86 -2.60 -49.30
CA ARG D 312 -9.61 -2.52 -48.55
C ARG D 312 -8.73 -3.71 -48.85
N GLU D 313 -9.30 -4.81 -49.34
CA GLU D 313 -8.56 -6.04 -49.55
C GLU D 313 -7.88 -6.11 -50.91
N ASN D 314 -8.33 -5.34 -51.89
CA ASN D 314 -7.74 -5.39 -53.22
C ASN D 314 -6.40 -4.68 -53.20
N PHE D 315 -5.33 -5.46 -53.02
CA PHE D 315 -3.99 -4.88 -52.97
C PHE D 315 -3.56 -4.25 -54.29
N TRP D 316 -4.25 -4.55 -55.38
CA TRP D 316 -3.97 -3.87 -56.63
C TRP D 316 -4.24 -2.38 -56.55
N LEU D 317 -4.94 -1.92 -55.53
CA LEU D 317 -5.21 -0.50 -55.35
C LEU D 317 -4.06 0.25 -54.73
N LEU D 318 -3.00 -0.45 -54.32
CA LEU D 318 -1.78 0.24 -53.89
C LEU D 318 -1.20 1.08 -55.03
N ILE D 319 -1.26 0.56 -56.26
CA ILE D 319 -0.71 1.29 -57.41
C ILE D 319 -1.42 2.62 -57.57
N ASN D 320 -2.73 2.60 -57.66
CA ASN D 320 -3.51 3.81 -57.86
C ASN D 320 -4.86 3.60 -57.18
N SER D 321 -4.98 4.08 -55.94
CA SER D 321 -6.24 4.01 -55.20
C SER D 321 -7.24 5.07 -55.62
N THR D 322 -6.93 5.86 -56.64
CA THR D 322 -7.77 6.98 -57.05
C THR D 322 -8.78 6.49 -58.09
N ASP D 323 -10.05 6.43 -57.70
CA ASP D 323 -11.17 6.05 -58.55
C ASP D 323 -10.76 4.96 -59.52
N PRO D 324 -10.45 3.76 -59.03
CA PRO D 324 -9.99 2.69 -59.93
C PRO D 324 -11.01 2.42 -61.01
N ALA D 325 -10.54 2.30 -62.25
CA ALA D 325 -11.34 2.03 -63.43
C ALA D 325 -12.25 3.19 -63.82
N GLY D 326 -12.10 4.35 -63.19
CA GLY D 326 -12.99 5.47 -63.44
C GLY D 326 -14.44 5.08 -63.25
N GLN D 327 -14.68 4.20 -62.28
CA GLN D 327 -16.03 3.69 -62.06
C GLN D 327 -16.98 4.79 -61.61
N LEU D 328 -16.56 5.59 -60.62
CA LEU D 328 -17.41 6.68 -60.13
C LEU D 328 -17.76 7.64 -61.25
N GLN D 329 -16.76 8.06 -62.03
CA GLN D 329 -17.02 9.01 -63.11
C GLN D 329 -18.07 8.45 -64.07
N TRP D 330 -17.89 7.19 -64.48
CA TRP D 330 -18.86 6.55 -65.35
C TRP D 330 -20.23 6.45 -64.68
N LEU D 331 -20.26 6.26 -63.36
CA LEU D 331 -21.52 6.13 -62.65
C LEU D 331 -22.36 7.40 -62.78
N VAL D 332 -21.74 8.56 -62.58
CA VAL D 332 -22.47 9.82 -62.63
C VAL D 332 -23.08 10.03 -64.01
N GLU D 333 -22.32 9.73 -65.06
CA GLU D 333 -22.82 9.91 -66.43
C GLU D 333 -24.17 9.24 -66.61
N GLU D 334 -24.34 8.04 -66.05
CA GLU D 334 -25.61 7.34 -66.19
C GLU D 334 -26.69 7.99 -65.34
N LEU D 335 -26.37 8.34 -64.09
CA LEU D 335 -27.36 8.92 -63.19
C LEU D 335 -27.93 10.20 -63.77
N GLN D 336 -27.07 11.07 -64.29
CA GLN D 336 -27.56 12.33 -64.84
C GLN D 336 -28.44 12.08 -66.06
N ALA D 337 -28.04 11.13 -66.91
CA ALA D 337 -28.87 10.79 -68.06
C ALA D 337 -30.26 10.35 -67.61
N ALA D 338 -30.32 9.53 -66.56
CA ALA D 338 -31.63 9.11 -66.04
C ALA D 338 -32.42 10.30 -65.54
N GLU D 339 -31.77 11.21 -64.82
CA GLU D 339 -32.46 12.40 -64.32
C GLU D 339 -33.03 13.22 -65.48
N ASN D 340 -32.28 13.36 -66.57
CA ASN D 340 -32.78 14.08 -67.73
C ASN D 340 -34.03 13.40 -68.29
N ARG D 341 -33.94 12.09 -68.53
CA ARG D 341 -35.12 11.36 -68.99
C ARG D 341 -36.21 11.30 -67.92
N GLY D 342 -35.82 11.34 -66.65
CA GLY D 342 -36.77 11.15 -65.57
C GLY D 342 -36.89 9.72 -65.08
N ASP D 343 -35.95 8.85 -65.46
CA ASP D 343 -36.03 7.44 -65.11
C ASP D 343 -35.50 7.20 -63.70
N LYS D 344 -35.94 6.10 -63.11
CA LYS D 344 -35.46 5.66 -61.81
C LYS D 344 -34.31 4.67 -61.98
N VAL D 345 -33.62 4.40 -60.88
CA VAL D 345 -32.40 3.60 -60.93
C VAL D 345 -32.36 2.64 -59.75
N HIS D 346 -31.90 1.42 -60.02
CA HIS D 346 -31.51 0.48 -58.99
C HIS D 346 -30.01 0.23 -59.11
N ILE D 347 -29.35 0.09 -57.95
CA ILE D 347 -27.93 -0.21 -57.89
C ILE D 347 -27.76 -1.53 -57.16
N ILE D 348 -26.82 -2.33 -57.63
CA ILE D 348 -26.48 -3.60 -57.00
C ILE D 348 -24.97 -3.71 -56.91
N GLY D 349 -24.50 -4.45 -55.92
CA GLY D 349 -23.08 -4.70 -55.75
C GLY D 349 -22.91 -5.80 -54.73
N HIS D 350 -21.65 -6.16 -54.50
CA HIS D 350 -21.33 -7.20 -53.52
C HIS D 350 -20.96 -6.61 -52.17
N ILE D 351 -19.87 -5.87 -52.11
CA ILE D 351 -19.42 -5.27 -50.86
C ILE D 351 -20.20 -3.97 -50.64
N PRO D 352 -20.72 -3.73 -49.45
CA PRO D 352 -21.48 -2.50 -49.21
C PRO D 352 -20.56 -1.29 -49.08
N PRO D 353 -21.06 -0.08 -49.35
CA PRO D 353 -20.19 1.11 -49.28
C PRO D 353 -19.64 1.37 -47.88
N GLY D 354 -20.41 1.09 -46.83
CA GLY D 354 -19.91 1.29 -45.48
C GLY D 354 -18.64 0.53 -45.17
N HIS D 355 -18.33 -0.50 -45.94
CA HIS D 355 -17.12 -1.30 -45.75
C HIS D 355 -16.04 -0.98 -46.76
N CYS D 356 -16.25 0.00 -47.63
CA CYS D 356 -15.30 0.32 -48.67
C CYS D 356 -14.11 1.08 -48.10
N LEU D 357 -13.17 1.43 -48.98
CA LEU D 357 -12.09 2.31 -48.58
C LEU D 357 -12.65 3.68 -48.22
N LYS D 358 -12.00 4.34 -47.25
CA LYS D 358 -12.51 5.60 -46.74
C LYS D 358 -12.82 6.58 -47.87
N SER D 359 -11.80 6.96 -48.63
CA SER D 359 -11.99 7.93 -49.70
C SER D 359 -13.07 7.46 -50.68
N TRP D 360 -13.00 6.21 -51.10
CA TRP D 360 -13.99 5.68 -52.03
C TRP D 360 -15.40 5.74 -51.43
N SER D 361 -15.54 5.31 -50.18
CA SER D 361 -16.84 5.34 -49.52
C SER D 361 -17.34 6.78 -49.37
N TRP D 362 -16.45 7.68 -48.96
CA TRP D 362 -16.88 9.06 -48.73
C TRP D 362 -17.34 9.72 -50.02
N ASN D 363 -16.63 9.47 -51.13
CA ASN D 363 -17.09 10.00 -52.40
C ASN D 363 -18.40 9.37 -52.85
N TYR D 364 -18.71 8.17 -52.38
CA TYR D 364 -19.98 7.53 -52.73
C TYR D 364 -21.12 8.15 -51.94
N TYR D 365 -20.94 8.27 -50.62
CA TYR D 365 -21.95 8.89 -49.77
C TYR D 365 -22.50 10.16 -50.40
N LYS D 366 -21.62 11.00 -50.94
CA LYS D 366 -22.04 12.30 -51.45
C LYS D 366 -22.85 12.16 -52.73
N ILE D 367 -22.65 11.09 -53.48
CA ILE D 367 -23.35 10.92 -54.74
C ILE D 367 -24.80 10.49 -54.49
N ILE D 368 -25.02 9.64 -53.49
CA ILE D 368 -26.39 9.25 -53.13
C ILE D 368 -27.24 10.49 -52.87
N ALA D 369 -26.74 11.38 -52.01
CA ALA D 369 -27.49 12.58 -51.68
C ALA D 369 -27.89 13.34 -52.93
N ARG D 370 -26.98 13.47 -53.88
CA ARG D 370 -27.23 14.27 -55.06
C ARG D 370 -28.45 13.75 -55.83
N TYR D 371 -28.53 12.44 -56.04
CA TYR D 371 -29.56 11.85 -56.87
C TYR D 371 -30.59 11.07 -56.05
N GLU D 372 -30.97 11.60 -54.89
CA GLU D 372 -31.91 10.92 -54.03
C GLU D 372 -33.22 10.64 -54.76
N ASN D 373 -33.66 11.57 -55.61
CA ASN D 373 -34.94 11.40 -56.29
C ASN D 373 -34.86 10.35 -57.38
N THR D 374 -33.70 10.22 -58.02
CA THR D 374 -33.54 9.22 -59.08
C THR D 374 -33.40 7.82 -58.51
N LEU D 375 -32.70 7.68 -57.39
CA LEU D 375 -32.46 6.37 -56.81
C LEU D 375 -33.74 5.81 -56.20
N ALA D 376 -34.02 4.54 -56.51
CA ALA D 376 -35.19 3.85 -55.99
C ALA D 376 -34.84 2.65 -55.13
N GLY D 377 -33.60 2.16 -55.17
CA GLY D 377 -33.24 1.01 -54.38
C GLY D 377 -31.75 0.76 -54.39
N GLN D 378 -31.28 0.06 -53.37
CA GLN D 378 -29.90 -0.36 -53.27
C GLN D 378 -29.85 -1.70 -52.57
N PHE D 379 -29.06 -2.63 -53.13
CA PHE D 379 -28.99 -3.99 -52.63
C PHE D 379 -27.56 -4.48 -52.73
N PHE D 380 -27.06 -5.07 -51.63
CA PHE D 380 -25.68 -5.51 -51.54
C PHE D 380 -25.63 -6.83 -50.80
N GLY D 381 -24.44 -7.40 -50.71
CA GLY D 381 -24.22 -8.61 -49.95
C GLY D 381 -22.91 -8.58 -49.19
N HIS D 382 -22.13 -9.65 -49.32
CA HIS D 382 -20.79 -9.74 -48.73
C HIS D 382 -20.83 -9.95 -47.22
N THR D 383 -21.72 -9.27 -46.51
CA THR D 383 -21.78 -9.40 -45.06
C THR D 383 -22.39 -10.71 -44.62
N HIS D 384 -23.17 -11.36 -45.47
CA HIS D 384 -23.77 -12.66 -45.20
C HIS D 384 -24.85 -12.62 -44.13
N VAL D 385 -25.21 -11.43 -43.62
CA VAL D 385 -26.22 -11.31 -42.57
C VAL D 385 -27.27 -10.29 -42.97
N ASP D 386 -28.44 -10.41 -42.35
CA ASP D 386 -29.57 -9.55 -42.65
C ASP D 386 -29.33 -8.19 -42.02
N GLU D 387 -29.22 -7.16 -42.86
CA GLU D 387 -28.83 -5.83 -42.39
C GLU D 387 -29.34 -4.79 -43.36
N PHE D 388 -29.11 -3.52 -43.02
CA PHE D 388 -29.36 -2.41 -43.91
C PHE D 388 -28.41 -1.28 -43.54
N GLU D 389 -28.38 -0.26 -44.39
CA GLU D 389 -27.53 0.91 -44.20
C GLU D 389 -28.33 2.15 -44.57
N ILE D 390 -28.32 3.16 -43.70
CA ILE D 390 -29.12 4.35 -43.90
C ILE D 390 -28.23 5.47 -44.40
N PHE D 391 -28.68 6.17 -45.44
CA PHE D 391 -27.99 7.32 -46.00
C PHE D 391 -28.74 8.60 -45.63
N TYR D 392 -27.99 9.61 -45.23
CA TYR D 392 -28.53 10.91 -44.88
C TYR D 392 -28.01 11.96 -45.84
N ASP D 393 -28.51 13.18 -45.69
CA ASP D 393 -27.90 14.31 -46.37
C ASP D 393 -26.48 14.51 -45.83
N GLU D 394 -25.56 14.85 -46.72
CA GLU D 394 -24.14 14.82 -46.38
C GLU D 394 -23.81 15.75 -45.22
N GLU D 395 -24.19 17.02 -45.34
CA GLU D 395 -23.64 18.03 -44.45
C GLU D 395 -24.04 17.79 -42.99
N THR D 396 -25.28 17.38 -42.74
CA THR D 396 -25.79 17.29 -41.38
C THR D 396 -26.06 15.88 -40.90
N LEU D 397 -26.23 14.92 -41.81
CA LEU D 397 -26.44 13.53 -41.41
C LEU D 397 -27.65 13.40 -40.48
N SER D 398 -28.67 14.19 -40.76
CA SER D 398 -29.85 14.27 -39.92
C SER D 398 -31.11 13.77 -40.61
N ARG D 399 -31.25 14.01 -41.90
CA ARG D 399 -32.41 13.58 -42.65
C ARG D 399 -32.10 12.27 -43.36
N PRO D 400 -32.76 11.16 -43.02
CA PRO D 400 -32.60 9.94 -43.83
C PRO D 400 -33.29 10.12 -45.17
N LEU D 401 -32.56 9.84 -46.25
CA LEU D 401 -33.05 10.04 -47.61
C LEU D 401 -32.95 8.82 -48.49
N ALA D 402 -32.29 7.75 -48.04
CA ALA D 402 -32.13 6.54 -48.83
C ALA D 402 -31.66 5.44 -47.89
N VAL D 403 -31.75 4.20 -48.39
CA VAL D 403 -31.38 3.03 -47.60
C VAL D 403 -30.82 1.99 -48.54
N ALA D 404 -29.83 1.24 -48.05
CA ALA D 404 -29.27 0.09 -48.76
C ALA D 404 -29.57 -1.17 -47.95
N PHE D 405 -30.04 -2.20 -48.63
CA PHE D 405 -30.44 -3.45 -48.00
C PHE D 405 -29.32 -4.47 -48.16
N LEU D 406 -28.87 -5.01 -47.03
CA LEU D 406 -27.80 -6.01 -47.02
C LEU D 406 -28.44 -7.37 -46.81
N ALA D 407 -28.90 -7.96 -47.90
CA ALA D 407 -29.58 -9.24 -47.83
C ALA D 407 -28.61 -10.30 -47.31
N PRO D 408 -29.12 -11.35 -46.68
CA PRO D 408 -28.24 -12.39 -46.16
C PRO D 408 -27.84 -13.39 -47.25
N SER D 409 -26.79 -14.15 -46.93
CA SER D 409 -26.21 -15.08 -47.89
C SER D 409 -27.03 -16.37 -47.97
N ALA D 410 -26.74 -17.14 -49.01
CA ALA D 410 -27.24 -18.51 -49.10
C ALA D 410 -26.32 -19.49 -48.40
N THR D 411 -25.02 -19.22 -48.36
CA THR D 411 -24.09 -20.12 -47.70
C THR D 411 -24.32 -20.12 -46.19
N THR D 412 -23.92 -21.24 -45.57
CA THR D 412 -23.93 -21.35 -44.11
C THR D 412 -22.78 -20.56 -43.48
N PHE D 413 -21.75 -20.27 -44.25
CA PHE D 413 -20.59 -19.52 -43.79
C PHE D 413 -21.05 -18.19 -43.14
N ILE D 414 -21.05 -18.06 -41.81
CA ILE D 414 -20.59 -19.06 -40.83
C ILE D 414 -21.62 -19.27 -39.74
N ASN D 415 -21.96 -20.54 -39.48
CA ASN D 415 -22.89 -20.89 -38.40
C ASN D 415 -24.28 -20.32 -38.66
N LEU D 416 -24.62 -20.13 -39.93
CA LEU D 416 -25.87 -19.53 -40.33
C LEU D 416 -26.79 -20.58 -40.94
N ASN D 417 -28.06 -20.25 -40.97
CA ASN D 417 -28.98 -21.00 -41.82
C ASN D 417 -28.91 -20.45 -43.25
N PRO D 418 -28.90 -21.31 -44.26
CA PRO D 418 -28.97 -20.82 -45.63
C PRO D 418 -30.25 -20.02 -45.83
N GLY D 419 -30.21 -19.10 -46.77
CA GLY D 419 -31.39 -18.30 -47.05
C GLY D 419 -31.23 -17.44 -48.29
N TYR D 420 -32.37 -16.97 -48.79
CA TYR D 420 -32.41 -16.01 -49.88
C TYR D 420 -33.44 -14.94 -49.54
N ARG D 421 -33.53 -13.94 -50.41
CA ARG D 421 -34.32 -12.74 -50.16
C ARG D 421 -35.24 -12.46 -51.34
N VAL D 422 -36.42 -11.91 -51.04
CA VAL D 422 -37.39 -11.52 -52.05
C VAL D 422 -37.90 -10.12 -51.71
N TYR D 423 -37.90 -9.24 -52.70
CA TYR D 423 -38.33 -7.86 -52.55
C TYR D 423 -39.62 -7.63 -53.32
N GLN D 424 -40.63 -7.07 -52.65
CA GLN D 424 -41.81 -6.55 -53.32
C GLN D 424 -41.56 -5.08 -53.65
N ILE D 425 -41.74 -4.73 -54.91
CA ILE D 425 -41.47 -3.38 -55.38
C ILE D 425 -42.66 -2.87 -56.18
N ASP D 426 -42.66 -1.57 -56.44
CA ASP D 426 -43.72 -0.95 -57.22
C ASP D 426 -43.72 -1.52 -58.63
N GLY D 427 -44.87 -2.06 -59.04
CA GLY D 427 -44.97 -2.85 -60.26
C GLY D 427 -44.48 -2.21 -61.53
N ASN D 428 -44.62 -2.93 -62.64
CA ASN D 428 -44.16 -2.47 -63.95
C ASN D 428 -45.29 -1.65 -64.59
N TYR D 429 -45.15 -0.33 -64.54
CA TYR D 429 -46.11 0.55 -65.19
C TYR D 429 -45.54 1.96 -65.24
N PRO D 430 -45.88 2.76 -66.24
CA PRO D 430 -45.37 4.13 -66.29
C PRO D 430 -45.87 4.95 -65.12
N GLY D 431 -45.06 5.92 -64.72
CA GLY D 431 -45.31 6.64 -63.49
C GLY D 431 -45.05 5.85 -62.23
N SER D 432 -44.63 4.59 -62.36
CA SER D 432 -44.32 3.78 -61.20
C SER D 432 -43.10 4.34 -60.49
N SER D 433 -43.12 4.27 -59.16
CA SER D 433 -41.96 4.69 -58.37
C SER D 433 -40.85 3.66 -58.40
N HIS D 434 -41.17 2.41 -58.74
CA HIS D 434 -40.20 1.32 -58.78
C HIS D 434 -39.50 1.11 -57.44
N VAL D 435 -40.07 1.61 -56.35
CA VAL D 435 -39.40 1.60 -55.05
C VAL D 435 -39.76 0.33 -54.29
N VAL D 436 -38.96 0.03 -53.27
CA VAL D 436 -39.21 -1.14 -52.43
C VAL D 436 -40.43 -0.86 -51.56
N LEU D 437 -41.31 -1.86 -51.47
CA LEU D 437 -42.50 -1.79 -50.63
C LEU D 437 -42.44 -2.71 -49.44
N ASP D 438 -41.74 -3.84 -49.56
CA ASP D 438 -41.60 -4.81 -48.49
C ASP D 438 -40.63 -5.88 -48.99
N HIS D 439 -40.19 -6.75 -48.08
CA HIS D 439 -39.33 -7.85 -48.48
C HIS D 439 -39.55 -9.04 -47.54
N GLU D 440 -39.16 -10.21 -48.03
CA GLU D 440 -39.32 -11.47 -47.30
C GLU D 440 -38.02 -12.23 -47.32
N THR D 441 -37.77 -12.99 -46.25
CA THR D 441 -36.57 -13.79 -46.11
C THR D 441 -36.96 -15.24 -45.89
N TYR D 442 -36.35 -16.13 -46.67
CA TYR D 442 -36.59 -17.57 -46.59
C TYR D 442 -35.29 -18.27 -46.26
N ILE D 443 -35.37 -19.33 -45.45
CA ILE D 443 -34.19 -20.03 -44.97
C ILE D 443 -34.43 -21.54 -45.04
N LEU D 444 -33.41 -22.30 -44.66
CA LEU D 444 -33.49 -23.74 -44.55
C LEU D 444 -33.02 -24.13 -43.15
N ASN D 445 -33.89 -24.80 -42.40
CA ASN D 445 -33.58 -25.21 -41.03
C ASN D 445 -32.77 -26.50 -41.07
N LEU D 446 -31.45 -26.37 -41.04
CA LEU D 446 -30.59 -27.55 -41.15
C LEU D 446 -30.83 -28.54 -40.01
N THR D 447 -31.16 -28.05 -38.82
CA THR D 447 -31.46 -28.96 -37.72
C THR D 447 -32.44 -30.03 -38.16
N GLN D 448 -33.42 -29.65 -38.98
CA GLN D 448 -34.43 -30.59 -39.45
C GLN D 448 -33.92 -31.37 -40.66
N ALA D 449 -33.15 -30.73 -41.54
CA ALA D 449 -32.73 -31.37 -42.78
C ALA D 449 -31.75 -32.51 -42.51
N ASN D 450 -30.66 -32.22 -41.81
CA ASN D 450 -29.65 -33.25 -41.51
C ASN D 450 -30.12 -34.26 -40.48
N ALA D 451 -31.25 -34.02 -39.81
CA ALA D 451 -31.77 -34.96 -38.85
C ALA D 451 -32.05 -36.31 -39.53
N ALA D 452 -32.18 -37.35 -38.70
CA ALA D 452 -32.45 -38.68 -39.20
C ALA D 452 -33.83 -38.72 -39.86
N GLY D 453 -33.87 -39.07 -41.14
CA GLY D 453 -35.11 -39.07 -41.88
C GLY D 453 -35.60 -37.70 -42.27
N GLY D 454 -34.74 -36.69 -42.22
CA GLY D 454 -35.13 -35.34 -42.56
C GLY D 454 -35.02 -35.06 -44.05
N THR D 455 -35.92 -34.20 -44.53
CA THR D 455 -35.96 -33.79 -45.93
C THR D 455 -35.75 -32.28 -46.01
N PRO D 456 -34.97 -31.80 -46.98
CA PRO D 456 -34.79 -30.35 -47.09
C PRO D 456 -36.12 -29.65 -47.39
N SER D 457 -36.43 -28.65 -46.57
CA SER D 457 -37.68 -27.89 -46.72
C SER D 457 -37.39 -26.43 -46.41
N TRP D 458 -37.52 -25.59 -47.43
CA TRP D 458 -37.35 -24.16 -47.26
C TRP D 458 -38.64 -23.52 -46.76
N LYS D 459 -38.51 -22.55 -45.87
CA LYS D 459 -39.66 -21.88 -45.28
C LYS D 459 -39.39 -20.39 -45.18
N ARG D 460 -40.46 -19.61 -45.22
CA ARG D 460 -40.33 -18.16 -45.06
C ARG D 460 -40.03 -17.85 -43.60
N LEU D 461 -38.88 -17.20 -43.37
CA LEU D 461 -38.49 -16.87 -42.01
C LEU D 461 -39.36 -15.77 -41.44
N TYR D 462 -39.62 -14.72 -42.23
CA TYR D 462 -40.38 -13.58 -41.76
C TYR D 462 -40.68 -12.66 -42.94
N ARG D 463 -41.46 -11.62 -42.67
CA ARG D 463 -41.65 -10.52 -43.60
C ARG D 463 -41.35 -9.21 -42.88
N ALA D 464 -40.79 -8.26 -43.64
CA ALA D 464 -40.26 -7.04 -43.06
C ALA D 464 -41.32 -6.22 -42.32
N ARG D 465 -42.17 -5.50 -43.07
CA ARG D 465 -43.13 -4.61 -42.43
C ARG D 465 -43.99 -5.33 -41.41
N GLU D 466 -44.16 -6.65 -41.58
CA GLU D 466 -45.00 -7.41 -40.66
C GLU D 466 -44.40 -7.44 -39.27
N THR D 467 -43.17 -7.96 -39.14
CA THR D 467 -42.58 -8.19 -37.82
C THR D 467 -42.19 -6.89 -37.13
N TYR D 468 -41.77 -5.88 -37.89
CA TYR D 468 -41.39 -4.60 -37.33
C TYR D 468 -42.53 -3.58 -37.37
N GLY D 469 -43.67 -3.94 -37.96
CA GLY D 469 -44.82 -3.06 -38.00
C GLY D 469 -44.52 -1.72 -38.63
N LEU D 470 -44.01 -1.73 -39.87
CA LEU D 470 -43.64 -0.49 -40.53
C LEU D 470 -44.72 -0.06 -41.52
N PRO D 471 -44.93 1.25 -41.68
CA PRO D 471 -45.92 1.70 -42.67
C PRO D 471 -45.44 1.55 -44.10
N ASP D 472 -44.13 1.63 -44.33
CA ASP D 472 -43.58 1.52 -45.68
C ASP D 472 -42.10 1.20 -45.55
N ALA D 473 -41.45 1.03 -46.70
CA ALA D 473 -40.01 0.77 -46.76
C ALA D 473 -39.23 2.03 -47.06
N MET D 474 -39.74 3.18 -46.65
CA MET D 474 -39.04 4.43 -46.84
C MET D 474 -37.95 4.59 -45.80
N PRO D 475 -36.90 5.38 -46.10
CA PRO D 475 -35.77 5.47 -45.16
C PRO D 475 -36.17 5.91 -43.75
N ALA D 476 -37.13 6.83 -43.64
CA ALA D 476 -37.53 7.30 -42.31
C ALA D 476 -38.01 6.15 -41.44
N SER D 477 -38.78 5.22 -42.01
CA SER D 477 -39.27 4.09 -41.24
C SER D 477 -38.13 3.30 -40.64
N TRP D 478 -37.11 3.01 -41.45
CA TRP D 478 -35.94 2.30 -40.94
C TRP D 478 -35.20 3.14 -39.91
N HIS D 479 -35.06 4.44 -40.16
CA HIS D 479 -34.48 5.33 -39.17
C HIS D 479 -35.19 5.16 -37.83
N ASN D 480 -36.51 5.32 -37.83
CA ASN D 480 -37.27 5.11 -36.60
C ASN D 480 -36.99 3.73 -36.02
N LEU D 481 -36.92 2.71 -36.88
CA LEU D 481 -36.72 1.35 -36.40
C LEU D 481 -35.45 1.22 -35.58
N VAL D 482 -34.36 1.86 -36.01
CA VAL D 482 -33.10 1.74 -35.29
C VAL D 482 -33.27 2.27 -33.87
N TYR D 483 -33.60 3.56 -33.75
CA TYR D 483 -33.76 4.15 -32.43
C TYR D 483 -34.87 3.46 -31.64
N ARG D 484 -35.88 2.93 -32.34
CA ARG D 484 -36.85 2.08 -31.68
C ARG D 484 -36.16 0.92 -30.99
N MET D 485 -35.34 0.17 -31.74
CA MET D 485 -34.64 -0.98 -31.17
C MET D 485 -33.63 -0.55 -30.11
N ARG D 486 -33.07 0.65 -30.23
CA ARG D 486 -32.23 1.16 -29.15
C ARG D 486 -33.01 1.23 -27.85
N ASP D 487 -34.31 1.48 -27.92
CA ASP D 487 -35.15 1.57 -26.74
C ASP D 487 -35.74 0.22 -26.34
N ASP D 488 -36.23 -0.55 -27.33
CA ASP D 488 -36.89 -1.81 -27.05
C ASP D 488 -35.90 -2.96 -27.14
N GLU D 489 -35.82 -3.76 -26.08
CA GLU D 489 -34.93 -4.92 -26.06
C GLU D 489 -35.50 -6.06 -26.89
N GLN D 490 -36.74 -6.45 -26.61
CA GLN D 490 -37.34 -7.58 -27.31
C GLN D 490 -37.25 -7.41 -28.82
N LEU D 491 -37.53 -6.20 -29.31
CA LEU D 491 -37.51 -5.96 -30.74
C LEU D 491 -36.12 -6.18 -31.31
N PHE D 492 -35.10 -5.67 -30.64
CA PHE D 492 -33.74 -5.91 -31.09
C PHE D 492 -33.39 -7.39 -31.05
N GLN D 493 -33.84 -8.08 -30.01
CA GLN D 493 -33.61 -9.52 -29.94
C GLN D 493 -34.28 -10.23 -31.10
N THR D 494 -35.44 -9.74 -31.52
CA THR D 494 -36.03 -10.22 -32.76
C THR D 494 -35.13 -9.90 -33.94
N PHE D 495 -34.74 -8.64 -34.07
CA PHE D 495 -33.78 -8.25 -35.10
C PHE D 495 -32.53 -9.12 -35.03
N TRP D 496 -31.99 -9.27 -33.83
CA TRP D 496 -30.82 -10.13 -33.63
C TRP D 496 -31.10 -11.54 -34.14
N PHE D 497 -32.32 -12.04 -33.91
CA PHE D 497 -32.68 -13.37 -34.38
C PHE D 497 -32.64 -13.44 -35.91
N LEU D 498 -33.32 -12.51 -36.58
CA LEU D 498 -33.35 -12.52 -38.04
C LEU D 498 -32.00 -12.14 -38.63
N TYR D 499 -31.23 -11.31 -37.91
CA TYR D 499 -29.89 -10.97 -38.32
C TYR D 499 -29.11 -12.22 -38.75
N HIS D 500 -29.31 -13.32 -38.03
CA HIS D 500 -28.58 -14.56 -38.28
C HIS D 500 -29.42 -15.61 -39.01
N LYS D 501 -30.44 -15.18 -39.74
CA LYS D 501 -31.32 -16.10 -40.47
C LYS D 501 -31.85 -17.18 -39.54
N GLY D 502 -32.40 -16.75 -38.41
CA GLY D 502 -33.06 -17.65 -37.49
C GLY D 502 -32.14 -18.50 -36.65
N HIS D 503 -30.83 -18.36 -36.79
CA HIS D 503 -29.85 -19.14 -36.03
C HIS D 503 -28.89 -18.16 -35.38
N PRO D 504 -29.30 -17.52 -34.28
CA PRO D 504 -28.43 -16.54 -33.64
C PRO D 504 -27.38 -17.22 -32.79
N PRO D 505 -26.33 -16.50 -32.40
CA PRO D 505 -25.29 -17.10 -31.56
C PRO D 505 -25.79 -17.39 -30.15
N SER D 506 -24.94 -18.03 -29.34
CA SER D 506 -25.33 -18.35 -27.97
C SER D 506 -25.23 -17.12 -27.06
N GLU D 507 -24.17 -16.34 -27.23
CA GLU D 507 -23.99 -15.14 -26.42
C GLU D 507 -25.14 -14.17 -26.64
N PRO D 508 -25.89 -13.78 -25.61
CA PRO D 508 -26.90 -12.73 -25.79
C PRO D 508 -26.23 -11.41 -26.16
N CYS D 509 -26.85 -10.67 -27.05
CA CYS D 509 -26.28 -9.41 -27.52
C CYS D 509 -26.52 -8.37 -26.44
N GLY D 510 -25.51 -8.15 -25.60
CA GLY D 510 -25.57 -7.10 -24.62
C GLY D 510 -25.71 -5.73 -25.26
N THR D 511 -25.92 -4.73 -24.41
CA THR D 511 -25.99 -3.34 -24.88
C THR D 511 -24.80 -2.96 -25.74
N PRO D 512 -23.54 -3.22 -25.35
CA PRO D 512 -22.43 -2.85 -26.26
C PRO D 512 -22.56 -3.52 -27.62
N CYS D 513 -22.74 -4.85 -27.63
CA CYS D 513 -23.06 -5.53 -28.87
C CYS D 513 -24.22 -4.86 -29.57
N ARG D 514 -25.29 -4.57 -28.84
CA ARG D 514 -26.45 -3.92 -29.42
C ARG D 514 -26.06 -2.63 -30.12
N LEU D 515 -25.45 -1.71 -29.37
CA LEU D 515 -25.11 -0.41 -29.95
C LEU D 515 -24.10 -0.57 -31.08
N ALA D 516 -23.17 -1.52 -30.93
CA ALA D 516 -22.28 -1.84 -32.04
C ALA D 516 -23.08 -2.18 -33.28
N THR D 517 -24.06 -3.09 -33.14
CA THR D 517 -24.89 -3.48 -34.28
C THR D 517 -25.70 -2.30 -34.79
N LEU D 518 -26.42 -1.63 -33.90
CA LEU D 518 -27.28 -0.53 -34.33
C LEU D 518 -26.47 0.57 -35.00
N CYS D 519 -25.28 0.84 -34.49
CA CYS D 519 -24.40 1.80 -35.14
C CYS D 519 -24.19 1.45 -36.61
N ALA D 520 -24.02 0.15 -36.90
CA ALA D 520 -23.76 -0.26 -38.27
C ALA D 520 -24.91 0.10 -39.20
N GLN D 521 -26.16 -0.06 -38.73
CA GLN D 521 -27.30 0.20 -39.59
C GLN D 521 -27.32 1.64 -40.10
N LEU D 522 -26.79 2.57 -39.31
CA LEU D 522 -26.69 3.96 -39.73
C LEU D 522 -25.42 4.27 -40.49
N SER D 523 -24.38 3.44 -40.33
CA SER D 523 -23.06 3.74 -40.86
C SER D 523 -22.96 3.21 -42.29
N ALA D 524 -23.55 3.97 -43.20
CA ALA D 524 -23.38 3.72 -44.63
C ALA D 524 -22.10 4.33 -45.18
N ARG D 525 -21.23 4.86 -44.33
CA ARG D 525 -19.97 5.46 -44.75
C ARG D 525 -18.88 4.99 -43.81
N ALA D 526 -17.66 4.91 -44.36
CA ALA D 526 -16.54 4.34 -43.63
C ALA D 526 -15.84 5.41 -42.81
N ASP D 527 -15.49 5.04 -41.57
CA ASP D 527 -14.68 5.89 -40.69
C ASP D 527 -15.33 7.26 -40.49
N SER D 528 -16.55 7.23 -39.94
CA SER D 528 -17.32 8.44 -39.68
C SER D 528 -18.11 8.23 -38.40
N PRO D 529 -17.57 8.65 -37.26
CA PRO D 529 -18.31 8.46 -35.99
C PRO D 529 -19.57 9.28 -35.89
N ALA D 530 -19.71 10.35 -36.68
CA ALA D 530 -20.87 11.24 -36.54
C ALA D 530 -22.18 10.52 -36.71
N LEU D 531 -22.21 9.42 -37.47
CA LEU D 531 -23.47 8.75 -37.73
C LEU D 531 -24.01 8.05 -36.50
N CYS D 532 -23.13 7.61 -35.60
CA CYS D 532 -23.54 6.90 -34.39
C CYS D 532 -23.47 7.79 -33.15
N ARG D 533 -23.57 9.11 -33.35
CA ARG D 533 -23.51 10.06 -32.24
C ARG D 533 -24.75 9.96 -31.35
N HIS D 534 -25.92 9.75 -31.95
CA HIS D 534 -27.16 9.68 -31.18
C HIS D 534 -27.28 8.39 -30.38
N LEU D 535 -26.57 7.34 -30.80
CA LEU D 535 -26.79 6.02 -30.20
C LEU D 535 -26.14 5.90 -28.83
N MET D 536 -25.04 6.60 -28.57
CA MET D 536 -24.35 6.52 -27.29
C MET D 536 -24.10 7.94 -26.80
N PRO D 537 -24.53 8.31 -25.58
CA PRO D 537 -24.17 9.59 -24.99
C PRO D 537 -22.93 9.50 -24.11
C1 NAG E . 12.99 32.96 10.12
C2 NAG E . 13.54 31.86 9.25
C3 NAG E . 14.82 31.29 9.86
C4 NAG E . 15.79 32.41 10.20
C5 NAG E . 15.11 33.56 10.94
C6 NAG E . 15.99 34.77 11.09
C7 NAG E . 11.92 30.59 7.89
C8 NAG E . 10.93 29.46 7.89
N2 NAG E . 12.55 30.80 9.06
O3 NAG E . 15.43 30.40 8.94
O4 NAG E . 16.80 31.89 11.05
O5 NAG E . 13.93 33.99 10.23
O6 NAG E . 16.92 34.61 12.16
O7 NAG E . 12.15 31.26 6.90
H1 NAG E . 12.80 32.59 11.01
H2 NAG E . 13.76 32.23 8.37
H3 NAG E . 14.58 30.80 10.67
H4 NAG E . 16.20 32.75 9.39
H5 NAG E . 14.84 33.25 11.84
H61 NAG E . 15.43 35.56 11.28
H62 NAG E . 16.48 34.92 10.26
H81 NAG E . 10.23 29.65 8.55
H82 NAG E . 11.38 28.63 8.12
H83 NAG E . 10.53 29.39 7.01
HN2 NAG E . 12.34 30.27 9.77
HO3 NAG E . 16.30 30.55 8.90
HO6 NAG E . 17.33 35.38 12.31
C1 NAG E . 18.09 32.25 10.53
C2 NAG E . 19.13 31.84 11.56
C3 NAG E . 20.14 30.85 10.97
C4 NAG E . 20.69 31.34 9.64
C5 NAG E . 19.60 31.94 8.76
C6 NAG E . 19.61 31.44 7.34
C7 NAG E . 19.75 33.35 13.39
C8 NAG E . 20.51 34.58 13.78
N2 NAG E . 19.82 33.00 12.10
O3 NAG E . 19.52 29.58 10.79
O4 NAG E . 21.70 32.32 9.87
O5 NAG E . 18.32 31.59 9.32
O6 NAG E . 18.45 30.68 7.05
O7 NAG E . 19.11 32.71 14.22
H1 NAG E . 18.12 33.22 10.39
H2 NAG E . 18.67 31.39 12.30
H3 NAG E . 20.88 30.75 11.60
H4 NAG E . 21.09 30.59 9.16
H5 NAG E . 19.68 32.91 8.77
H61 NAG E . 20.40 30.88 7.21
H62 NAG E . 19.66 32.20 6.73
H81 NAG E . 21.45 34.46 13.58
H82 NAG E . 20.40 34.75 14.74
H83 NAG E . 20.17 35.34 13.27
HN2 NAG E . 20.30 33.53 11.54
HO3 NAG E . 18.93 29.63 10.12
HO6 NAG E . 18.33 30.07 7.67
C1 BMA E . 22.98 31.92 9.33
C2 BMA E . 23.09 32.53 7.92
C3 BMA E . 24.48 32.26 7.35
C4 BMA E . 25.58 32.61 8.37
C5 BMA E . 25.28 31.92 9.72
C6 BMA E . 26.28 32.25 10.80
O2 BMA E . 22.93 33.95 7.97
O3 BMA E . 24.70 32.98 6.14
O4 BMA E . 26.84 32.18 7.88
O5 BMA E . 24.01 32.36 10.16
O6 BMA E . 25.60 32.20 12.05
H1 BMA E . 23.01 30.82 9.25
H2 BMA E . 22.32 32.09 7.26
H3 BMA E . 24.58 31.20 7.10
H4 BMA E . 25.57 33.69 8.54
H5 BMA E . 25.27 30.82 9.57
H61 BMA E . 26.71 33.24 10.59
H62 BMA E . 27.10 31.51 10.74
HO2 BMA E . 23.49 34.31 7.27
HO3 BMA E . 25.66 33.16 6.11
HO6 BMA E . 24.72 32.56 11.91
C1 NAG F . -26.54 3.83 24.60
C2 NAG F . -27.80 3.04 24.80
C3 NAG F . -28.07 2.21 23.57
C4 NAG F . -28.17 3.11 22.35
C5 NAG F . -26.98 4.07 22.25
C6 NAG F . -27.22 5.22 21.29
C7 NAG F . -28.46 2.46 27.10
C8 NAG F . -28.27 1.50 28.25
N2 NAG F . -27.73 2.21 26.00
O3 NAG F . -29.29 1.48 23.74
O4 NAG F . -28.22 2.32 21.16
O5 NAG F . -26.70 4.71 23.52
O6 NAG F . -26.87 6.46 21.89
O7 NAG F . -29.23 3.41 27.17
H1 NAG F . -25.80 3.21 24.42
H2 NAG F . -28.54 3.68 24.91
H3 NAG F . -27.34 1.58 23.44
H4 NAG F . -28.99 3.64 22.40
H5 NAG F . -26.19 3.58 21.96
H61 NAG F . -28.16 5.23 21.04
H62 NAG F . -26.67 5.08 20.49
H81 NAG F . -27.34 1.51 28.52
H82 NAG F . -28.51 0.60 27.95
H83 NAG F . -28.84 1.77 28.99
HN2 NAG F . -27.17 1.49 25.99
HO3 NAG F . -29.21 0.67 23.38
C1 NAG F . -29.25 2.82 20.27
C2 NAG F . -29.29 2.02 18.96
C3 NAG F . -30.42 2.54 18.07
C4 NAG F . -31.74 2.56 18.82
C5 NAG F . -31.58 3.33 20.14
C6 NAG F . -32.83 3.30 21.00
C7 NAG F . -26.89 1.55 18.72
C8 NAG F . -25.67 1.73 17.86
N2 NAG F . -28.01 2.10 18.25
O3 NAG F . -30.53 1.70 16.91
O4 NAG F . -32.74 3.19 18.03
O5 NAG F . -30.54 2.74 20.91
O6 NAG F . -32.91 4.44 21.83
O7 NAG F . -26.84 0.93 19.78
H1 NAG F . -29.06 3.75 20.05
H2 NAG F . -29.47 1.09 19.17
H3 NAG F . -30.20 3.44 17.78
H4 NAG F . -32.01 1.64 19.02
H5 NAG F . -31.35 4.25 19.93
H61 NAG F . -32.81 2.50 21.55
H62 NAG F . -33.61 3.27 20.42
H81 NAG F . -25.49 2.68 17.75
H82 NAG F . -25.83 1.33 16.98
H83 NAG F . -24.90 1.29 18.27
HN2 NAG F . -27.99 2.54 17.46
HO3 NAG F . -31.25 1.96 16.44
HO4 NAG F . -33.01 2.62 17.40
HO6 NAG F . -33.17 5.14 21.35
C1 FUC F . -28.00 7.07 22.59
C2 FUC F . -28.82 7.89 21.51
C3 FUC F . -30.34 7.73 21.58
C4 FUC F . -30.81 7.44 22.98
C5 FUC F . -30.19 6.13 23.47
C6 FUC F . -30.52 5.87 24.93
O2 FUC F . -28.36 7.64 20.18
O3 FUC F . -30.98 8.93 21.18
O4 FUC F . -30.46 8.49 23.87
O5 FUC F . -28.74 6.06 23.32
H1 FUC F . -27.61 7.74 23.36
H2 FUC F . -28.60 8.96 21.70
H3 FUC F . -30.64 6.90 20.92
H4 FUC F . -31.90 7.30 22.97
H5 FUC F . -30.64 5.33 22.84
H61 FUC F . -30.06 4.93 25.26
H62 FUC F . -31.60 5.82 25.08
H63 FUC F . -30.12 6.68 25.56
HO2 FUC F . -28.76 8.32 19.63
HO3 FUC F . -31.13 9.43 21.99
HO4 FUC F . -31.27 8.68 24.37
C1 NAG G . -12.64 -24.68 -6.59
C2 NAG G . -12.40 -26.12 -6.98
C3 NAG G . -13.45 -26.56 -7.97
C4 NAG G . -14.87 -26.31 -7.44
C5 NAG G . -15.02 -24.92 -6.82
C6 NAG G . -16.23 -24.80 -5.92
C7 NAG G . -10.02 -26.72 -6.84
C8 NAG G . -8.72 -26.83 -7.60
N2 NAG G . -11.07 -26.29 -7.55
O3 NAG G . -13.28 -27.95 -8.26
O4 NAG G . -15.71 -26.54 -8.57
O5 NAG G . -13.91 -24.57 -5.99
O6 NAG G . -16.50 -23.45 -5.58
O7 NAG G . -10.10 -27.00 -5.65
H1 NAG G . -12.62 -24.12 -7.39
H2 NAG G . -12.47 -26.67 -6.19
H3 NAG G . -13.34 -26.06 -8.80
H4 NAG G . -15.06 -26.98 -6.76
H5 NAG G . -15.10 -24.26 -7.54
H61 NAG G . -16.07 -25.31 -5.10
H62 NAG G . -17.01 -25.18 -6.38
H81 NAG G . -8.47 -25.96 -7.95
H82 NAG G . -8.83 -27.47 -8.34
H83 NAG G . -8.02 -27.15 -7.00
HN2 NAG G . -10.95 -26.09 -8.44
HO3 NAG G . -13.59 -28.13 -9.07
HO6 NAG G . -17.20 -23.41 -5.05
C1 NAG G . -17.05 -26.03 -8.85
C2 NAG G . -18.06 -26.96 -8.16
C3 NAG G . -19.48 -26.54 -8.52
C4 NAG G . -19.69 -25.06 -8.19
C5 NAG G . -18.59 -24.18 -8.81
C6 NAG G . -18.68 -22.73 -8.36
C7 NAG G . -18.19 -29.38 -7.76
C8 NAG G . -17.87 -30.74 -8.30
N2 NAG G . -17.84 -28.34 -8.54
O3 NAG G . -20.41 -27.33 -7.81
O4 NAG G . -20.95 -24.65 -8.69
O5 NAG G . -17.30 -24.65 -8.43
O6 NAG G . -19.60 -22.57 -7.29
O7 NAG G . -18.74 -29.22 -6.68
H1 NAG G . -17.20 -26.08 -9.81
H2 NAG G . -17.95 -26.87 -7.19
H3 NAG G . -19.61 -26.66 -9.48
H4 NAG G . -19.68 -24.95 -7.22
H5 NAG G . -18.68 -24.21 -9.79
H61 NAG G . -18.96 -22.19 -9.12
H62 NAG G . -17.80 -22.45 -8.07
H81 NAG G . -16.91 -30.82 -8.44
H82 NAG G . -18.32 -30.86 -9.16
H83 NAG G . -18.17 -31.42 -7.67
HN2 NAG G . -17.42 -28.52 -9.33
HO3 NAG G . -21.24 -27.13 -8.08
HO4 NAG G . -21.07 -23.78 -8.52
HO6 NAG G . -19.74 -21.70 -7.15
C1 NAG H . 35.47 16.89 33.87
C2 NAG H . 35.52 18.31 34.46
C3 NAG H . 35.06 19.34 33.42
C4 NAG H . 35.84 19.16 32.13
C5 NAG H . 35.74 17.73 31.64
C6 NAG H . 36.56 17.45 30.41
C7 NAG H . 35.19 18.10 36.87
C8 NAG H . 34.21 18.25 38.00
N2 NAG H . 34.72 18.39 35.66
O3 NAG H . 35.26 20.64 33.93
O4 NAG H . 35.33 20.04 31.13
O5 NAG H . 36.22 16.84 32.66
O6 NAG H . 37.94 17.72 30.63
O7 NAG H . 36.34 17.74 37.06
H1 NAG H . 34.53 16.66 33.68
H2 NAG H . 36.46 18.51 34.69
H3 NAG H . 34.11 19.19 33.24
H4 NAG H . 36.78 19.38 32.28
H5 NAG H . 34.80 17.51 31.45
H61 NAG H . 36.24 18.01 29.67
H62 NAG H . 36.47 16.51 30.16
H81 NAG H . 33.45 17.65 37.85
H82 NAG H . 33.90 19.17 38.05
H83 NAG H . 34.65 18.00 38.84
HN2 NAG H . 33.85 18.66 35.58
HO3 NAG H . 34.98 21.24 33.34
HO6 NAG H . 38.41 17.52 29.91
C1 NAG H . 36.44 20.69 30.47
C2 NAG H . 35.92 21.47 29.26
C3 NAG H . 37.06 22.21 28.59
C4 NAG H . 37.83 23.07 29.60
C5 NAG H . 38.23 22.22 30.80
C6 NAG H . 38.86 23.03 31.92
C7 NAG H . 34.09 19.99 28.57
C8 NAG H . 33.56 19.10 27.49
N2 NAG H . 35.26 20.59 28.31
O3 NAG H . 36.56 23.05 27.56
O4 NAG H . 38.99 23.62 29.00
O5 NAG H . 37.08 21.58 31.37
O6 NAG H . 38.43 22.56 33.19
O7 NAG H . 33.49 20.16 29.62
H1 NAG H . 37.08 20.02 30.16
H2 NAG H . 35.27 22.13 29.57
H3 NAG H . 37.68 21.57 28.20
H4 NAG H . 37.25 23.79 29.91
H5 NAG H . 38.87 21.54 30.51
H61 NAG H . 38.60 23.96 31.82
H62 NAG H . 39.83 22.96 31.86
H81 NAG H . 34.19 18.38 27.32
H82 NAG H . 33.43 19.62 26.67
H83 NAG H . 32.71 18.72 27.77
HN2 NAG H . 35.67 20.43 27.52
HO3 NAG H . 37.23 23.39 27.08
HO4 NAG H . 38.76 24.05 28.26
HO6 NAG H . 37.55 22.44 33.18
C1 NAG I . -35.41 -25.63 -36.50
C2 NAG I . -36.11 -24.55 -35.69
C3 NAG I . -35.76 -24.67 -34.22
C4 NAG I . -36.00 -26.09 -33.73
C5 NAG I . -35.38 -27.13 -34.67
C6 NAG I . -35.77 -28.55 -34.32
C7 NAG I . -36.53 -22.15 -36.05
C8 NAG I . -36.01 -20.88 -36.65
N2 NAG I . -35.76 -23.23 -36.20
O3 NAG I . -36.55 -23.76 -33.47
O4 NAG I . -35.40 -26.27 -32.45
O5 NAG I . -35.81 -26.90 -36.02
O6 NAG I . -37.12 -28.62 -33.86
O7 NAG I . -37.60 -22.20 -35.46
H1 NAG I . -34.45 -25.54 -36.40
H2 NAG I . -37.08 -24.67 -35.79
H3 NAG I . -34.81 -24.45 -34.10
H4 NAG I . -36.97 -26.26 -33.66
H5 NAG I . -34.41 -27.05 -34.63
H61 NAG I . -35.18 -28.88 -33.62
H62 NAG I . -35.67 -29.11 -35.12
H81 NAG I . -35.15 -20.66 -36.24
H82 NAG I . -36.64 -20.16 -36.49
H83 NAG I . -35.90 -21.00 -37.61
HN2 NAG I . -34.97 -23.14 -36.66
HO3 NAG I . -37.40 -23.87 -33.68
HO6 NAG I . -37.32 -29.47 -33.66
C1 NAG I . -36.34 -26.75 -31.48
C2 NAG I . -35.52 -27.22 -30.25
C3 NAG I . -36.40 -27.42 -28.99
C4 NAG I . -37.65 -26.55 -28.92
C5 NAG I . -38.23 -26.23 -30.29
C6 NAG I . -39.29 -25.17 -30.25
C7 NAG I . -33.54 -28.57 -30.83
C8 NAG I . -33.04 -29.96 -31.13
N2 NAG I . -34.85 -28.48 -30.56
O3 NAG I . -35.58 -27.15 -27.85
O4 NAG I . -38.64 -27.28 -28.21
O5 NAG I . -37.18 -25.74 -31.11
O6 NAG I . -39.56 -24.66 -31.56
O7 NAG I . -32.80 -27.61 -30.84
H1 NAG I . -36.85 -27.50 -31.84
H2 NAG I . -34.85 -26.55 -30.05
H3 NAG I . -36.68 -28.36 -28.95
H4 NAG I . -37.45 -25.71 -28.45
H5 NAG I . -38.58 -27.05 -30.68
H61 NAG I . -39.01 -24.43 -29.68
H62 NAG I . -40.12 -25.55 -29.89
H81 NAG I . -33.52 -30.32 -31.91
H82 NAG I . -33.21 -30.53 -30.36
H83 NAG I . -32.09 -29.94 -31.32
HN2 NAG I . -35.35 -29.23 -30.58
HO3 NAG I . -35.92 -26.47 -27.39
HO6 NAG I . -39.31 -25.27 -32.16
C1 BMA I . -39.29 -26.50 -27.20
C2 BMA I . -40.34 -27.46 -26.59
C3 BMA I . -40.95 -26.88 -25.30
C4 BMA I . -39.88 -26.19 -24.39
C5 BMA I . -39.01 -25.24 -25.21
C6 BMA I . -37.95 -24.55 -24.39
O2 BMA I . -39.73 -28.70 -26.26
O3 BMA I . -41.62 -27.89 -24.57
O4 BMA I . -40.54 -25.46 -23.37
O5 BMA I . -38.39 -26.01 -26.23
O6 BMA I . -36.92 -24.09 -25.27
H1 BMA I . -39.81 -25.64 -27.67
H2 BMA I . -41.14 -27.61 -27.33
H3 BMA I . -41.70 -26.13 -25.56
H4 BMA I . -39.23 -26.97 -23.97
H5 BMA I . -39.65 -24.46 -25.67
H61 BMA I . -37.55 -25.27 -23.65
H62 BMA I . -38.42 -23.73 -23.84
HO2 BMA I . -40.22 -29.05 -25.50
HO3 BMA I . -42.53 -27.91 -24.92
HO4 BMA I . -39.90 -25.43 -22.63
HO6 BMA I . -36.84 -24.74 -25.98
C1 NAG J . -4.87 7.20 -61.16
C2 NAG J . -3.99 8.04 -62.07
C3 NAG J . -4.69 9.34 -62.49
C4 NAG J . -6.19 9.19 -62.74
C5 NAG J . -6.85 8.17 -61.82
C6 NAG J . -8.24 7.75 -62.27
C7 NAG J . -1.56 7.78 -61.66
C8 NAG J . -0.40 8.28 -60.86
N2 NAG J . -2.73 8.37 -61.40
O3 NAG J . -4.08 9.82 -63.69
O4 NAG J . -6.75 10.45 -62.37
O5 NAG J . -6.07 6.96 -61.77
O6 NAG J . -8.45 7.91 -63.67
O7 NAG J . -1.45 6.90 -62.51
H1 NAG J . -5.02 7.68 -60.32
H2 NAG J . -3.78 7.52 -62.88
H3 NAG J . -4.55 10.00 -61.79
H4 NAG J . -6.37 8.99 -63.67
H5 NAG J . -6.91 8.53 -60.92
H61 NAG J . -8.90 8.30 -61.79
H62 NAG J . -8.38 6.81 -62.03
H81 NAG J . -0.56 8.13 -59.91
H82 NAG J . -0.27 9.23 -61.03
H83 NAG J . 0.41 7.79 -61.14
HN2 NAG J . -2.76 9.02 -60.76
HO3 NAG J . -3.23 9.56 -63.70
C1 NAG J . -7.63 11.25 -63.23
C2 NAG J . -7.66 10.88 -64.71
C3 NAG J . -8.69 11.75 -65.44
C4 NAG J . -10.04 11.70 -64.75
C5 NAG J . -9.92 11.97 -63.25
C6 NAG J . -11.21 11.76 -62.50
C7 NAG J . -5.77 10.08 -66.08
C8 NAG J . -4.41 10.42 -66.62
N2 NAG J . -6.34 11.03 -65.32
O3 NAG J . -8.80 11.31 -66.79
O4 NAG J . -10.90 12.68 -65.32
O5 NAG J . -8.96 11.09 -62.66
O6 NAG J . -10.98 11.73 -61.09
O7 NAG J . -6.30 9.01 -66.30
H1 NAG J . -7.37 12.18 -63.14
H2 NAG J . -7.94 9.95 -64.80
H3 NAG J . -8.36 12.67 -65.44
H4 NAG J . -10.43 10.81 -64.88
H5 NAG J . -9.63 12.89 -63.12
H61 NAG J . -11.61 10.91 -62.77
H62 NAG J . -11.83 12.48 -62.71
H81 NAG J . -3.79 10.60 -65.90
H82 NAG J . -4.49 11.21 -67.20
H83 NAG J . -4.08 9.67 -67.16
HN2 NAG J . -5.90 11.81 -65.19
HO3 NAG J . -9.25 11.93 -67.26
HO4 NAG J . -11.59 12.82 -64.79
HO6 NAG J . -11.16 10.91 -60.79
C1 FUC J . -9.03 6.70 -64.22
C2 FUC J . -9.72 7.03 -65.58
C3 FUC J . -8.74 7.19 -66.77
C4 FUC J . -7.61 6.13 -66.75
C5 FUC J . -7.02 5.94 -65.35
C6 FUC J . -6.07 4.77 -65.26
O2 FUC J . -10.54 8.21 -65.49
O3 FUC J . -9.44 7.01 -68.00
O4 FUC J . -8.13 4.89 -67.21
O5 FUC J . -8.03 5.71 -64.37
H1 FUC J . -9.75 6.30 -63.51
H2 FUC J . -10.40 6.21 -65.82
H3 FUC J . -8.29 8.18 -66.72
H4 FUC J . -6.80 6.47 -67.41
H5 FUC J . -6.50 6.88 -65.10
H61 FUC J . -5.22 4.90 -65.94
H62 FUC J . -6.59 3.84 -65.51
H63 FUC J . -5.67 4.67 -64.24
HO2 FUC J . -11.27 7.96 -64.89
HO3 FUC J . -9.31 6.08 -68.25
ZN ZN K . -5.66 23.20 19.53
ZN ZN L . -8.05 20.64 20.04
P PO4 M . -5.15 20.64 22.14
O1 PO4 M . -6.20 20.15 23.09
O2 PO4 M . -5.78 21.56 21.12
O3 PO4 M . -4.51 19.46 21.43
O4 PO4 M . -4.09 21.41 22.89
P PO4 N . -6.07 28.13 -7.26
O1 PO4 N . -6.88 27.56 -6.13
O2 PO4 N . -5.13 29.18 -6.72
O3 PO4 N . -6.99 28.76 -8.28
O4 PO4 N . -5.25 27.04 -7.89
P PO4 O . -4.97 -4.33 13.78
O1 PO4 O . -5.78 -4.13 15.04
O2 PO4 O . -5.61 -3.60 12.62
O3 PO4 O . -4.92 -5.81 13.48
O4 PO4 O . -3.58 -3.83 14.00
CL CL P . -8.92 -3.12 -4.86
CL CL Q . 1.20 42.24 25.79
C15 6E0 R . -20.07 9.16 50.34
C16 6E0 R . -20.58 8.51 51.63
C17 6E0 R . -22.10 8.50 51.70
C18 6E0 R . -22.65 8.01 53.04
C01 6E0 R . -16.44 -1.54 48.79
C02 6E0 R . -16.13 -1.39 47.30
C03 6E0 R . -14.66 -1.04 47.05
C04 6E0 R . -14.46 0.03 45.97
C05 6E0 R . -15.23 1.32 46.28
C06 6E0 R . -14.58 2.59 45.72
C07 6E0 R . -15.52 3.78 45.80
C08 6E0 R . -14.88 5.00 46.46
C09 6E0 R . -15.69 6.28 46.24
C10 6E0 R . -16.02 6.99 47.56
C11 6E0 R . -16.29 8.47 47.40
C12 6E0 R . -16.54 9.15 48.74
C13 6E0 R . -18.00 9.58 48.93
C14 6E0 R . -18.55 9.08 50.27
P19 6E0 R . -24.41 8.57 53.27
O20 6E0 R . -24.43 9.98 53.68
O21 6E0 R . -25.13 7.63 54.41
O22 6E0 R . -25.21 8.43 51.83
H152 6E0 R . -20.45 8.70 49.58
H151 6E0 R . -20.35 10.09 50.33
H161 6E0 R . -20.25 7.59 51.67
H162 6E0 R . -20.24 9.00 52.39
H172 6E0 R . -22.44 7.92 51.00
H171 6E0 R . -22.43 9.40 51.54
H182 6E0 R . -22.61 7.05 53.07
H181 6E0 R . -22.10 8.37 53.75
H012 6E0 R . -17.40 -1.60 48.92
H011 6E0 R . -16.02 -2.35 49.13
H013 6E0 R . -16.09 -0.77 49.27
H021 6E0 R . -16.34 -2.22 46.86
H022 6E0 R . -16.69 -0.68 46.94
H032 6E0 R . -14.27 -0.72 47.88
H031 6E0 R . -14.19 -1.85 46.78
H041 6E0 R . -14.76 -0.32 45.12
H042 6E0 R . -13.51 0.23 45.91
H051 6E0 R . -16.12 1.24 45.91
H052 6E0 R . -15.30 1.41 47.24
H061 6E0 R . -13.77 2.78 46.24
H062 6E0 R . -14.33 2.43 44.79
H071 6E0 R . -16.32 3.52 46.31
H072 6E0 R . -15.80 4.02 44.90
H081 6E0 R . -14.81 4.83 47.41
H082 6E0 R . -13.99 5.12 46.10
H091 6E0 R . -16.51 6.07 45.79
H092 6E0 R . -15.17 6.88 45.68
H101 6E0 R . -16.80 6.57 47.95
H102 6E0 R . -15.27 6.87 48.17
H112 6E0 R . -17.06 8.60 46.83
H111 6E0 R . -15.52 8.90 46.97
H121 6E0 R . -16.31 8.53 49.45
H122 6E0 R . -15.98 9.94 48.81
H131 6E0 R . -18.53 9.21 48.21
H132 6E0 R . -18.05 10.55 48.90
H142 6E0 R . -18.28 8.16 50.39
H141 6E0 R . -18.18 9.62 50.98
H211 6E0 R . -25.47 8.12 55.00
H221 6E0 R . -25.81 9.04 51.78
ZN ZN S . 5.14 -13.50 -16.64
ZN ZN T . 7.73 -13.54 -18.43
C1 NAG U . 29.56 -9.63 -29.85
C2 NAG U . 30.80 -9.21 -30.64
C3 NAG U . 31.93 -10.22 -30.43
C4 NAG U . 32.16 -10.46 -28.94
C5 NAG U . 30.85 -10.83 -28.26
C6 NAG U . 30.99 -11.00 -26.76
C7 NAG U . 30.72 -7.98 -32.78
C8 NAG U . 30.31 -8.04 -34.22
N2 NAG U . 30.48 -9.09 -32.06
O3 NAG U . 33.11 -9.72 -31.03
O4 NAG U . 33.10 -11.51 -28.76
O5 NAG U . 29.90 -9.78 -28.47
O6 NAG U . 31.14 -9.75 -26.09
O7 NAG U . 31.22 -6.98 -32.28
H1 NAG U . 29.22 -10.47 -30.19
H2 NAG U . 31.10 -8.34 -30.32
H3 NAG U . 31.69 -11.05 -30.86
H4 NAG U . 32.52 -9.64 -28.54
H5 NAG U . 30.51 -11.66 -28.65
H61 NAG U . 31.77 -11.56 -26.57
H62 NAG U . 30.20 -11.45 -26.42
H81 NAG U . 30.81 -8.76 -34.66
H82 NAG U . 30.52 -7.19 -34.64
H83 NAG U . 29.35 -8.21 -34.29
HN2 NAG U . 30.10 -9.80 -32.47
HO3 NAG U . 33.82 -10.03 -30.60
HO4 NAG U . 33.93 -11.20 -28.85
HO6 NAG U . 30.71 -9.79 -25.31
P PO4 V . 4.91 -13.33 -20.20
O1 PO4 V . 4.18 -13.53 -18.90
O2 PO4 V . 4.13 -12.34 -21.06
O3 PO4 V . 5.06 -14.65 -20.92
O4 PO4 V . 6.29 -12.78 -19.90
P PO4 W . 10.86 13.41 -43.52
O1 PO4 W . 9.93 12.36 -44.08
O2 PO4 W . 10.12 14.71 -43.37
O3 PO4 W . 11.37 12.97 -42.17
O4 PO4 W . 12.03 13.60 -44.46
CL CL X . 4.58 -0.57 -9.79
ZN ZN Y . 19.98 4.60 46.01
ZN ZN Z . 17.81 3.96 48.70
C1 NAG AA . -0.67 -2.12 66.27
C2 NAG AA . 0.01 -1.81 67.62
C3 NAG AA . -1.03 -1.77 68.75
C4 NAG AA . -2.24 -0.93 68.39
C5 NAG AA . -2.79 -1.40 67.05
C6 NAG AA . -4.00 -0.62 66.59
C7 NAG AA . 1.64 -2.93 69.09
C8 NAG AA . 2.66 -4.02 69.19
N2 NAG AA . 1.04 -2.80 67.90
O3 NAG AA . -0.42 -1.25 69.93
O4 NAG AA . -3.23 -1.05 69.39
O5 NAG AA . -1.76 -1.24 66.06
O6 NAG AA . -4.97 -1.49 66.00
O7 NAG AA . 1.38 -2.19 70.03
H1 NAG AA . -0.99 -3.04 66.27
H2 NAG AA . 0.42 -0.94 67.56
H3 NAG AA . -1.32 -2.70 68.94
H4 NAG AA . -1.97 0.00 68.32
H5 NAG AA . -3.02 -2.34 67.12
H61 NAG AA . -3.72 0.04 65.92
H62 NAG AA . -4.40 -0.17 67.35
H81 NAG AA . 2.23 -4.88 69.01
H82 NAG AA . 3.05 -4.03 70.09
H83 NAG AA . 3.37 -3.87 68.53
HN2 NAG AA . 1.25 -3.38 67.24
HO3 NAG AA . -0.13 -0.43 69.77
HO4 NAG AA . -2.85 -1.04 70.19
HO6 NAG AA . -5.54 -1.75 66.62
P PO4 BA . 16.85 4.82 45.79
O1 PO4 BA . 16.74 3.92 46.99
O2 PO4 BA . 16.61 6.24 46.23
O3 PO4 BA . 15.80 4.42 44.77
O4 PO4 BA . 18.23 4.71 45.21
CL CL CA . 29.83 -4.10 30.60
ZN ZN DA . -19.01 -14.13 -49.24
ZN ZN EA . -17.61 -11.03 -50.27
P PO4 FA . -16.98 -12.70 -48.02
O1 PO4 FA . -16.93 -14.21 -48.06
O2 PO4 FA . -18.32 -12.25 -48.53
O3 PO4 FA . -16.78 -12.22 -46.61
O4 PO4 FA . -15.89 -12.13 -48.91
CL CL GA . -21.04 -35.69 -49.31
C15 6E0 HA . 16.96 -7.90 -54.80
C16 6E0 HA . 17.29 -7.31 -56.18
C17 6E0 HA . 18.79 -7.05 -56.32
C18 6E0 HA . 19.13 -6.08 -57.45
C01 6E0 HA . 15.90 1.35 -47.37
C02 6E0 HA . 14.54 0.89 -46.84
C03 6E0 HA . 13.68 0.29 -47.96
C04 6E0 HA . 13.14 -1.11 -47.63
C05 6E0 HA . 13.11 -1.99 -48.87
C06 6E0 HA . 12.47 -3.36 -48.63
C07 6E0 HA . 13.05 -4.40 -49.59
C08 6E0 HA . 12.32 -5.75 -49.55
C09 6E0 HA . 12.44 -6.50 -50.87
C10 6E0 HA . 13.90 -6.84 -51.21
C11 6E0 HA . 14.15 -8.32 -51.42
C12 6E0 HA . 14.09 -8.74 -52.89
C13 6E0 HA . 15.40 -9.31 -53.43
C14 6E0 HA . 15.73 -8.80 -54.83
P19 6E0 HA . 20.63 -6.64 -58.43
O20 6E0 HA . 21.58 -5.53 -58.52
O21 6E0 HA . 20.12 -7.09 -59.94
O22 6E0 HA . 21.35 -7.91 -57.68
H152 6E0 HA . 17.72 -8.41 -54.49
H151 6E0 HA . 16.80 -7.17 -54.19
H161 6E0 HA . 17.02 -7.94 -56.87
H162 6E0 HA . 16.82 -6.48 -56.30
H172 6E0 HA . 19.25 -7.89 -56.49
H171 6E0 HA . 19.12 -6.68 -55.49
H182 6E0 HA . 18.37 -6.01 -58.05
H181 6E0 HA . 19.32 -5.20 -57.07
H012 6E0 HA . 15.79 1.90 -48.16
H011 6E0 HA . 16.36 1.87 -46.68
H013 6E0 HA . 16.45 0.57 -47.59
H021 6E0 HA . 14.68 0.23 -46.16
H022 6E0 HA . 14.08 1.66 -46.47
H032 6E0 HA . 12.93 0.88 -48.12
H031 6E0 HA . 14.22 0.23 -48.76
H041 6E0 HA . 12.25 -1.03 -47.28
H042 6E0 HA . 13.71 -1.52 -46.96
H051 6E0 HA . 12.61 -1.54 -49.56
H052 6E0 HA . 14.02 -2.13 -49.18
H061 6E0 HA . 12.65 -3.64 -47.73
H062 6E0 HA . 11.51 -3.30 -48.78
H071 6E0 HA . 13.98 -4.55 -49.37
H072 6E0 HA . 13.00 -4.06 -50.50
H081 6E0 HA . 12.70 -6.29 -48.84
H082 6E0 HA . 11.38 -5.59 -49.36
H091 6E0 HA . 12.07 -5.94 -51.59
H092 6E0 HA . 11.93 -7.32 -50.82
H101 6E0 HA . 14.15 -6.36 -52.02
H102 6E0 HA . 14.46 -6.52 -50.49
H112 6E0 HA . 13.49 -8.83 -50.92
H111 6E0 HA . 15.03 -8.54 -51.07
H121 6E0 HA . 13.39 -9.41 -52.99
H122 6E0 HA . 13.85 -7.96 -53.42
H131 6E0 HA . 15.33 -10.28 -53.45
H132 6E0 HA . 16.12 -9.06 -52.82
H142 6E0 HA . 15.91 -9.56 -55.40
H141 6E0 HA . 14.97 -8.31 -55.18
H211 6E0 HA . 19.30 -6.90 -60.04
H221 6E0 HA . 22.11 -7.68 -57.40
#